data_2KHE
#
_entry.id   2KHE
#
_entity_poly.entity_id   1
_entity_poly.type   'polypeptide(L)'
_entity_poly.pdbx_seq_one_letter_code
;MGYRIEFDPRAEKELEKLDREVARRILRFLRERVATLEDPRSLGEPLRGPELGRFWKYRVGDYRLICHIQDREATVLVLR
VGHARDVYR
;
_entity_poly.pdbx_strand_id   A
#
# COMPACT_ATOMS: atom_id res chain seq x y z
N MET A 1 14.67 1.06 -12.67
CA MET A 1 14.23 0.01 -11.77
C MET A 1 12.92 0.40 -11.08
N GLY A 2 12.03 -0.57 -10.93
CA GLY A 2 10.75 -0.31 -10.29
C GLY A 2 10.04 -1.57 -9.86
N TYR A 3 9.67 -1.64 -8.59
CA TYR A 3 8.97 -2.81 -8.05
C TYR A 3 7.63 -3.01 -8.74
N ARG A 4 7.07 -4.21 -8.59
CA ARG A 4 5.78 -4.53 -9.20
C ARG A 4 4.63 -4.04 -8.32
N ILE A 5 3.51 -3.72 -8.95
CA ILE A 5 2.34 -3.24 -8.23
C ILE A 5 1.18 -4.22 -8.34
N GLU A 6 0.94 -4.98 -7.28
CA GLU A 6 -0.14 -5.96 -7.26
C GLU A 6 -1.18 -5.60 -6.20
N PHE A 7 -2.39 -6.13 -6.37
CA PHE A 7 -3.47 -5.87 -5.43
C PHE A 7 -4.25 -7.15 -5.13
N ASP A 8 -4.35 -7.48 -3.85
CA ASP A 8 -5.07 -8.68 -3.42
C ASP A 8 -6.52 -8.63 -3.85
N PRO A 9 -7.18 -9.80 -3.87
CA PRO A 9 -8.59 -9.90 -4.26
C PRO A 9 -9.53 -9.27 -3.25
N ARG A 10 -8.99 -8.92 -2.08
CA ARG A 10 -9.79 -8.31 -1.03
C ARG A 10 -9.65 -6.79 -1.07
N ALA A 11 -8.42 -6.31 -1.21
CA ALA A 11 -8.16 -4.87 -1.25
C ALA A 11 -8.80 -4.24 -2.49
N GLU A 12 -8.61 -4.89 -3.64
CA GLU A 12 -9.18 -4.39 -4.89
C GLU A 12 -10.58 -3.83 -4.68
N LYS A 13 -11.39 -4.56 -3.92
CA LYS A 13 -12.76 -4.14 -3.62
C LYS A 13 -12.78 -3.05 -2.55
N GLU A 14 -12.01 -3.26 -1.49
CA GLU A 14 -11.93 -2.31 -0.39
C GLU A 14 -11.49 -0.93 -0.90
N LEU A 15 -10.77 -0.92 -2.00
CA LEU A 15 -10.29 0.32 -2.60
C LEU A 15 -11.30 0.89 -3.58
N GLU A 16 -11.75 0.04 -4.51
CA GLU A 16 -12.72 0.46 -5.51
C GLU A 16 -13.95 1.08 -4.86
N LYS A 17 -14.28 0.59 -3.66
CA LYS A 17 -15.44 1.09 -2.92
C LYS A 17 -15.25 2.56 -2.55
N LEU A 18 -13.99 2.97 -2.42
CA LEU A 18 -13.68 4.35 -2.07
C LEU A 18 -14.03 5.30 -3.20
N ASP A 19 -13.96 6.60 -2.92
CA ASP A 19 -14.27 7.61 -3.92
C ASP A 19 -13.47 7.39 -5.20
N ARG A 20 -13.88 8.02 -6.28
CA ARG A 20 -13.21 7.90 -7.56
C ARG A 20 -11.85 8.60 -7.54
N GLU A 21 -11.85 9.87 -7.14
CA GLU A 21 -10.63 10.66 -7.07
C GLU A 21 -9.66 10.05 -6.07
N VAL A 22 -10.19 9.56 -4.95
CA VAL A 22 -9.37 8.96 -3.91
C VAL A 22 -8.68 7.70 -4.41
N ALA A 23 -9.44 6.87 -5.14
CA ALA A 23 -8.91 5.63 -5.68
C ALA A 23 -7.77 5.90 -6.67
N ARG A 24 -8.03 6.80 -7.61
CA ARG A 24 -7.03 7.14 -8.63
C ARG A 24 -5.77 7.72 -7.97
N ARG A 25 -5.98 8.47 -6.89
CA ARG A 25 -4.86 9.09 -6.18
C ARG A 25 -3.95 8.02 -5.58
N ILE A 26 -4.55 6.99 -4.99
CA ILE A 26 -3.78 5.91 -4.38
C ILE A 26 -3.01 5.11 -5.43
N LEU A 27 -3.74 4.56 -6.39
CA LEU A 27 -3.13 3.77 -7.46
C LEU A 27 -1.97 4.53 -8.09
N ARG A 28 -2.21 5.81 -8.41
CA ARG A 28 -1.18 6.64 -9.02
C ARG A 28 -0.02 6.87 -8.05
N PHE A 29 -0.34 7.23 -6.82
CA PHE A 29 0.67 7.47 -5.80
C PHE A 29 1.66 6.32 -5.72
N LEU A 30 1.16 5.11 -5.99
CA LEU A 30 2.01 3.91 -5.95
C LEU A 30 2.69 3.69 -7.30
N ARG A 31 2.00 4.05 -8.38
CA ARG A 31 2.55 3.88 -9.72
C ARG A 31 3.39 5.09 -10.12
N GLU A 32 3.35 6.13 -9.29
CA GLU A 32 4.11 7.34 -9.56
C GLU A 32 5.26 7.51 -8.56
N ARG A 33 4.91 7.65 -7.28
CA ARG A 33 5.91 7.82 -6.23
C ARG A 33 6.70 6.53 -6.02
N VAL A 34 6.05 5.54 -5.43
CA VAL A 34 6.69 4.25 -5.17
C VAL A 34 7.33 3.69 -6.44
N ALA A 35 6.60 3.77 -7.56
CA ALA A 35 7.10 3.29 -8.83
C ALA A 35 8.50 3.81 -9.10
N THR A 36 8.69 5.12 -8.92
CA THR A 36 9.98 5.75 -9.16
C THR A 36 10.93 5.53 -7.98
N LEU A 37 10.37 5.44 -6.78
CA LEU A 37 11.16 5.23 -5.58
C LEU A 37 12.05 3.99 -5.74
N GLU A 38 13.36 4.22 -5.80
CA GLU A 38 14.31 3.13 -5.96
C GLU A 38 13.95 1.95 -5.05
N ASP A 39 13.27 2.26 -3.94
CA ASP A 39 12.86 1.24 -2.99
C ASP A 39 11.45 1.52 -2.46
N PRO A 40 10.68 0.44 -2.26
CA PRO A 40 9.29 0.55 -1.76
C PRO A 40 9.24 0.99 -0.30
N ARG A 41 10.33 0.72 0.43
CA ARG A 41 10.40 1.09 1.83
C ARG A 41 10.93 2.51 2.00
N SER A 42 10.29 3.46 1.31
CA SER A 42 10.68 4.86 1.38
C SER A 42 9.55 5.73 1.89
N LEU A 43 8.36 5.55 1.30
CA LEU A 43 7.19 6.32 1.71
C LEU A 43 6.24 5.47 2.54
N GLY A 44 6.79 4.48 3.22
CA GLY A 44 5.97 3.60 4.04
C GLY A 44 6.65 3.21 5.34
N GLU A 45 5.89 2.62 6.26
CA GLU A 45 6.43 2.20 7.54
C GLU A 45 5.96 0.80 7.90
N PRO A 46 6.84 0.03 8.57
CA PRO A 46 6.54 -1.34 8.98
C PRO A 46 5.51 -1.40 10.10
N LEU A 47 4.53 -2.29 9.95
CA LEU A 47 3.48 -2.45 10.95
C LEU A 47 4.07 -2.77 12.32
N ARG A 48 3.22 -2.75 13.34
CA ARG A 48 3.66 -3.05 14.71
C ARG A 48 2.71 -4.03 15.38
N GLY A 49 3.26 -5.14 15.87
CA GLY A 49 2.44 -6.13 16.53
C GLY A 49 3.14 -7.48 16.65
N PRO A 50 2.86 -8.20 17.75
CA PRO A 50 3.46 -9.51 18.00
C PRO A 50 2.96 -10.58 17.03
N GLU A 51 1.76 -10.37 16.49
CA GLU A 51 1.16 -11.31 15.57
C GLU A 51 1.62 -11.02 14.13
N LEU A 52 1.56 -9.75 13.74
CA LEU A 52 1.97 -9.35 12.40
C LEU A 52 3.22 -8.48 12.45
N GLY A 53 4.11 -8.66 11.47
CA GLY A 53 5.33 -7.90 11.42
C GLY A 53 5.77 -7.59 10.00
N ARG A 54 6.09 -8.64 9.25
CA ARG A 54 6.54 -8.48 7.86
C ARG A 54 5.45 -7.83 7.01
N PHE A 55 5.29 -6.52 7.16
CA PHE A 55 4.28 -5.79 6.40
C PHE A 55 4.64 -4.31 6.30
N TRP A 56 4.45 -3.74 5.12
CA TRP A 56 4.75 -2.34 4.88
C TRP A 56 3.48 -1.53 4.62
N LYS A 57 3.34 -0.40 5.30
CA LYS A 57 2.18 0.46 5.15
C LYS A 57 2.57 1.79 4.52
N TYR A 58 1.72 2.30 3.65
CA TYR A 58 1.97 3.57 2.97
C TYR A 58 1.02 4.65 3.47
N ARG A 59 1.47 5.90 3.42
CA ARG A 59 0.65 7.03 3.87
C ARG A 59 0.14 7.83 2.69
N VAL A 60 -1.17 7.99 2.60
CA VAL A 60 -1.79 8.74 1.51
C VAL A 60 -2.76 9.79 2.05
N GLY A 61 -2.21 10.95 2.42
CA GLY A 61 -3.05 12.02 2.95
C GLY A 61 -3.83 11.60 4.18
N ASP A 62 -5.03 11.07 3.96
CA ASP A 62 -5.88 10.63 5.05
C ASP A 62 -6.34 9.18 4.84
N TYR A 63 -5.50 8.41 4.17
CA TYR A 63 -5.81 7.01 3.89
C TYR A 63 -4.61 6.11 4.15
N ARG A 64 -4.83 5.02 4.88
CA ARG A 64 -3.76 4.08 5.20
C ARG A 64 -3.83 2.85 4.30
N LEU A 65 -2.71 2.57 3.62
CA LEU A 65 -2.63 1.43 2.72
C LEU A 65 -1.67 0.38 3.25
N ILE A 66 -2.19 -0.80 3.56
CA ILE A 66 -1.37 -1.89 4.07
C ILE A 66 -0.95 -2.84 2.96
N CYS A 67 0.30 -2.71 2.52
CA CYS A 67 0.83 -3.56 1.46
C CYS A 67 1.94 -4.46 1.98
N HIS A 68 2.33 -5.44 1.17
CA HIS A 68 3.40 -6.37 1.55
C HIS A 68 4.54 -6.33 0.54
N ILE A 69 5.74 -6.02 1.03
CA ILE A 69 6.91 -5.96 0.16
C ILE A 69 7.60 -7.31 0.06
N GLN A 70 7.87 -7.75 -1.17
CA GLN A 70 8.51 -9.03 -1.41
C GLN A 70 9.88 -8.83 -2.08
N ASP A 71 10.93 -8.80 -1.28
CA ASP A 71 12.28 -8.62 -1.80
C ASP A 71 12.62 -9.70 -2.82
N ARG A 72 12.16 -10.92 -2.55
CA ARG A 72 12.42 -12.04 -3.44
C ARG A 72 12.22 -11.64 -4.91
N GLU A 73 11.07 -11.04 -5.19
CA GLU A 73 10.76 -10.60 -6.54
C GLU A 73 10.38 -9.13 -6.56
N ALA A 74 10.91 -8.37 -5.61
CA ALA A 74 10.64 -6.95 -5.52
C ALA A 74 9.21 -6.63 -5.98
N THR A 75 8.24 -7.31 -5.37
CA THR A 75 6.84 -7.10 -5.72
C THR A 75 6.06 -6.56 -4.53
N VAL A 76 5.26 -5.52 -4.78
CA VAL A 76 4.45 -4.91 -3.74
C VAL A 76 2.98 -5.23 -3.92
N LEU A 77 2.47 -6.15 -3.10
CA LEU A 77 1.06 -6.54 -3.18
C LEU A 77 0.26 -5.94 -2.03
N VAL A 78 -0.77 -5.18 -2.37
CA VAL A 78 -1.62 -4.55 -1.36
C VAL A 78 -2.50 -5.57 -0.66
N LEU A 79 -2.51 -5.52 0.67
CA LEU A 79 -3.31 -6.45 1.47
C LEU A 79 -4.66 -5.81 1.84
N ARG A 80 -4.60 -4.65 2.48
CA ARG A 80 -5.80 -3.95 2.90
C ARG A 80 -5.69 -2.46 2.62
N VAL A 81 -6.82 -1.83 2.33
CA VAL A 81 -6.85 -0.39 2.06
C VAL A 81 -8.05 0.28 2.71
N GLY A 82 -7.79 1.17 3.66
CA GLY A 82 -8.87 1.87 4.34
C GLY A 82 -8.41 3.15 4.99
N HIS A 83 -9.33 4.07 5.20
CA HIS A 83 -9.01 5.35 5.82
C HIS A 83 -8.36 5.15 7.19
N ALA A 84 -7.57 6.13 7.62
CA ALA A 84 -6.90 6.06 8.90
C ALA A 84 -7.81 5.49 9.98
N ARG A 85 -9.06 5.94 9.98
CA ARG A 85 -10.05 5.48 10.96
C ARG A 85 -10.30 3.98 10.81
N ASP A 86 -10.48 3.54 9.57
CA ASP A 86 -10.73 2.13 9.29
C ASP A 86 -9.61 1.26 9.85
N VAL A 87 -8.37 1.56 9.47
CA VAL A 87 -7.21 0.80 9.93
C VAL A 87 -7.04 0.95 11.44
N TYR A 88 -6.35 -0.02 12.03
CA TYR A 88 -6.12 0.01 13.47
C TYR A 88 -4.91 0.88 13.82
N ARG A 89 -4.41 1.61 12.82
CA ARG A 89 -3.26 2.49 13.01
C ARG A 89 -3.49 3.83 12.33
N MET A 1 16.25 -1.85 -7.54
CA MET A 1 15.55 -2.20 -8.76
C MET A 1 14.06 -1.88 -8.65
N GLY A 2 13.38 -1.83 -9.80
CA GLY A 2 11.97 -1.53 -9.80
C GLY A 2 11.15 -2.54 -9.03
N TYR A 3 9.86 -2.26 -8.85
CA TYR A 3 8.98 -3.15 -8.12
C TYR A 3 7.61 -3.26 -8.81
N ARG A 4 6.98 -4.42 -8.67
CA ARG A 4 5.68 -4.65 -9.27
C ARG A 4 4.56 -4.18 -8.35
N ILE A 5 3.49 -3.65 -8.94
CA ILE A 5 2.35 -3.16 -8.18
C ILE A 5 1.17 -4.13 -8.26
N GLU A 6 0.97 -4.90 -7.20
CA GLU A 6 -0.13 -5.87 -7.15
C GLU A 6 -1.11 -5.52 -6.05
N PHE A 7 -2.34 -6.01 -6.18
CA PHE A 7 -3.39 -5.76 -5.19
C PHE A 7 -4.17 -7.03 -4.89
N ASP A 8 -4.24 -7.37 -3.61
CA ASP A 8 -4.97 -8.57 -3.17
C ASP A 8 -6.40 -8.55 -3.68
N PRO A 9 -7.04 -9.72 -3.67
CA PRO A 9 -8.43 -9.87 -4.13
C PRO A 9 -9.42 -9.20 -3.19
N ARG A 10 -8.94 -8.80 -2.01
CA ARG A 10 -9.79 -8.15 -1.02
C ARG A 10 -9.67 -6.63 -1.12
N ALA A 11 -8.44 -6.13 -1.15
CA ALA A 11 -8.19 -4.70 -1.25
C ALA A 11 -8.77 -4.13 -2.53
N GLU A 12 -8.66 -4.88 -3.62
CA GLU A 12 -9.18 -4.45 -4.91
C GLU A 12 -10.64 -4.00 -4.79
N LYS A 13 -11.44 -4.79 -4.08
CA LYS A 13 -12.84 -4.47 -3.89
C LYS A 13 -13.01 -3.26 -2.98
N GLU A 14 -12.29 -3.26 -1.86
CA GLU A 14 -12.36 -2.16 -0.90
C GLU A 14 -11.85 -0.86 -1.54
N LEU A 15 -10.98 -0.99 -2.53
CA LEU A 15 -10.41 0.17 -3.21
C LEU A 15 -11.45 0.81 -4.13
N GLU A 16 -12.09 -0.02 -4.95
CA GLU A 16 -13.10 0.47 -5.88
C GLU A 16 -14.28 1.09 -5.13
N LYS A 17 -14.55 0.57 -3.94
CA LYS A 17 -15.66 1.06 -3.12
C LYS A 17 -15.42 2.52 -2.71
N LEU A 18 -14.16 2.84 -2.42
CA LEU A 18 -13.80 4.20 -2.02
C LEU A 18 -14.17 5.20 -3.11
N ASP A 19 -14.07 6.49 -2.78
CA ASP A 19 -14.38 7.55 -3.73
C ASP A 19 -13.55 7.41 -5.00
N ARG A 20 -14.20 7.63 -6.14
CA ARG A 20 -13.52 7.52 -7.44
C ARG A 20 -12.27 8.38 -7.46
N GLU A 21 -12.40 9.64 -7.04
CA GLU A 21 -11.28 10.57 -7.03
C GLU A 21 -10.12 10.00 -6.19
N VAL A 22 -10.44 9.56 -4.98
CA VAL A 22 -9.44 8.99 -4.09
C VAL A 22 -8.75 7.78 -4.71
N ALA A 23 -9.57 6.82 -5.15
CA ALA A 23 -9.04 5.61 -5.77
C ALA A 23 -7.90 5.93 -6.72
N ARG A 24 -8.17 6.82 -7.68
CA ARG A 24 -7.16 7.22 -8.65
C ARG A 24 -5.95 7.85 -7.96
N ARG A 25 -6.22 8.65 -6.94
CA ARG A 25 -5.15 9.33 -6.20
C ARG A 25 -4.19 8.30 -5.59
N ILE A 26 -4.76 7.21 -5.08
CA ILE A 26 -3.95 6.16 -4.46
C ILE A 26 -3.10 5.43 -5.50
N LEU A 27 -3.77 4.83 -6.48
CA LEU A 27 -3.07 4.11 -7.53
C LEU A 27 -1.90 4.92 -8.09
N ARG A 28 -2.21 6.11 -8.58
CA ARG A 28 -1.19 6.99 -9.14
C ARG A 28 -0.05 7.21 -8.14
N PHE A 29 -0.42 7.47 -6.89
CA PHE A 29 0.57 7.70 -5.85
C PHE A 29 1.56 6.54 -5.77
N LEU A 30 1.06 5.33 -6.06
CA LEU A 30 1.91 4.15 -6.02
C LEU A 30 2.59 3.91 -7.36
N ARG A 31 1.91 4.28 -8.44
CA ARG A 31 2.45 4.12 -9.78
C ARG A 31 3.36 5.29 -10.15
N GLU A 32 3.38 6.31 -9.28
CA GLU A 32 4.20 7.49 -9.52
C GLU A 32 5.30 7.61 -8.47
N ARG A 33 4.90 7.87 -7.23
CA ARG A 33 5.85 8.00 -6.13
C ARG A 33 6.59 6.68 -5.88
N VAL A 34 5.86 5.71 -5.34
CA VAL A 34 6.44 4.40 -5.05
C VAL A 34 7.11 3.81 -6.28
N ALA A 35 6.45 3.95 -7.43
CA ALA A 35 6.99 3.44 -8.68
C ALA A 35 8.40 3.96 -8.94
N THR A 36 8.57 5.27 -8.85
CA THR A 36 9.86 5.89 -9.08
C THR A 36 10.82 5.60 -7.93
N LEU A 37 10.29 5.60 -6.71
CA LEU A 37 11.09 5.33 -5.53
C LEU A 37 11.97 4.09 -5.73
N GLU A 38 13.28 4.29 -5.69
CA GLU A 38 14.22 3.20 -5.87
C GLU A 38 13.89 2.04 -4.94
N ASP A 39 13.31 2.36 -3.79
CA ASP A 39 12.95 1.35 -2.81
C ASP A 39 11.52 1.57 -2.30
N PRO A 40 10.75 0.48 -2.22
CA PRO A 40 9.35 0.53 -1.75
C PRO A 40 9.26 0.83 -0.26
N ARG A 41 10.40 0.85 0.41
CA ARG A 41 10.44 1.12 1.84
C ARG A 41 10.85 2.57 2.11
N SER A 42 10.27 3.49 1.35
CA SER A 42 10.57 4.91 1.50
C SER A 42 9.35 5.68 1.99
N LEU A 43 8.21 5.43 1.36
CA LEU A 43 6.97 6.10 1.73
C LEU A 43 6.10 5.20 2.61
N GLY A 44 6.76 4.37 3.42
CA GLY A 44 6.03 3.47 4.31
C GLY A 44 6.90 2.94 5.42
N GLU A 45 6.26 2.38 6.45
CA GLU A 45 6.98 1.83 7.59
C GLU A 45 6.55 0.39 7.86
N PRO A 46 7.50 -0.41 8.39
CA PRO A 46 7.25 -1.82 8.70
C PRO A 46 6.30 -1.99 9.88
N LEU A 47 5.57 -3.11 9.91
CA LEU A 47 4.63 -3.39 10.98
C LEU A 47 5.36 -3.86 12.24
N ARG A 48 4.81 -3.53 13.41
CA ARG A 48 5.42 -3.92 14.67
C ARG A 48 4.40 -4.64 15.55
N GLY A 49 4.35 -5.96 15.42
CA GLY A 49 3.42 -6.75 16.21
C GLY A 49 3.96 -8.14 16.51
N PRO A 50 3.43 -8.76 17.57
CA PRO A 50 3.84 -10.11 17.99
C PRO A 50 3.38 -11.19 17.02
N GLU A 51 2.15 -11.03 16.51
CA GLU A 51 1.60 -12.00 15.56
C GLU A 51 2.21 -11.81 14.18
N LEU A 52 1.83 -10.72 13.52
CA LEU A 52 2.34 -10.42 12.19
C LEU A 52 3.85 -10.63 12.11
N GLY A 53 4.35 -10.88 10.91
CA GLY A 53 5.76 -11.10 10.72
C GLY A 53 6.45 -9.94 10.03
N ARG A 54 6.07 -9.69 8.78
CA ARG A 54 6.65 -8.60 8.00
C ARG A 54 5.62 -8.00 7.06
N PHE A 55 5.38 -6.70 7.19
CA PHE A 55 4.41 -6.00 6.35
C PHE A 55 4.72 -4.50 6.30
N TRP A 56 4.58 -3.92 5.12
CA TRP A 56 4.85 -2.50 4.93
C TRP A 56 3.54 -1.72 4.82
N LYS A 57 3.53 -0.49 5.30
CA LYS A 57 2.36 0.37 5.24
C LYS A 57 2.70 1.75 4.70
N TYR A 58 1.92 2.23 3.75
CA TYR A 58 2.14 3.53 3.15
C TYR A 58 1.11 4.54 3.63
N ARG A 59 1.44 5.82 3.55
CA ARG A 59 0.53 6.89 3.97
C ARG A 59 0.20 7.81 2.80
N VAL A 60 -1.09 7.96 2.52
CA VAL A 60 -1.54 8.82 1.43
C VAL A 60 -2.47 9.91 1.95
N GLY A 61 -1.90 11.07 2.27
CA GLY A 61 -2.70 12.17 2.77
C GLY A 61 -3.51 11.80 4.00
N ASP A 62 -4.66 11.18 3.79
CA ASP A 62 -5.52 10.76 4.89
C ASP A 62 -6.00 9.33 4.69
N TYR A 63 -5.17 8.52 4.05
CA TYR A 63 -5.51 7.12 3.80
C TYR A 63 -4.33 6.21 4.16
N ARG A 64 -4.65 5.01 4.61
CA ARG A 64 -3.62 4.03 4.99
C ARG A 64 -3.67 2.81 4.06
N LEU A 65 -2.51 2.46 3.52
CA LEU A 65 -2.41 1.32 2.61
C LEU A 65 -1.42 0.29 3.16
N ILE A 66 -1.94 -0.87 3.54
CA ILE A 66 -1.11 -1.94 4.07
C ILE A 66 -0.71 -2.93 2.97
N CYS A 67 0.53 -2.83 2.51
CA CYS A 67 1.03 -3.72 1.46
C CYS A 67 2.19 -4.56 1.98
N HIS A 68 2.47 -5.66 1.28
CA HIS A 68 3.55 -6.55 1.67
C HIS A 68 4.64 -6.56 0.61
N ILE A 69 5.83 -6.08 0.99
CA ILE A 69 6.96 -6.03 0.07
C ILE A 69 7.66 -7.39 -0.03
N GLN A 70 7.65 -7.96 -1.23
CA GLN A 70 8.28 -9.26 -1.45
C GLN A 70 9.67 -9.09 -2.06
N ASP A 71 10.67 -8.96 -1.20
CA ASP A 71 12.04 -8.80 -1.65
C ASP A 71 12.41 -9.86 -2.68
N ARG A 72 11.92 -11.09 -2.46
CA ARG A 72 12.20 -12.19 -3.36
C ARG A 72 12.22 -11.71 -4.82
N GLU A 73 11.11 -11.12 -5.26
CA GLU A 73 10.98 -10.63 -6.62
C GLU A 73 10.69 -9.14 -6.63
N ALA A 74 10.95 -8.48 -5.50
CA ALA A 74 10.71 -7.04 -5.38
C ALA A 74 9.31 -6.68 -5.86
N THR A 75 8.32 -7.45 -5.41
CA THR A 75 6.93 -7.21 -5.78
C THR A 75 6.10 -6.80 -4.58
N VAL A 76 5.35 -5.72 -4.72
CA VAL A 76 4.50 -5.22 -3.65
C VAL A 76 3.05 -5.66 -3.85
N LEU A 77 2.43 -6.18 -2.79
CA LEU A 77 1.05 -6.63 -2.86
C LEU A 77 0.21 -5.95 -1.76
N VAL A 78 -0.76 -5.15 -2.18
CA VAL A 78 -1.63 -4.45 -1.25
C VAL A 78 -2.51 -5.43 -0.48
N LEU A 79 -2.27 -5.53 0.83
CA LEU A 79 -3.05 -6.43 1.67
C LEU A 79 -4.40 -5.82 2.03
N ARG A 80 -4.37 -4.65 2.65
CA ARG A 80 -5.58 -3.95 3.05
C ARG A 80 -5.56 -2.51 2.59
N VAL A 81 -6.74 -1.88 2.54
CA VAL A 81 -6.85 -0.49 2.12
C VAL A 81 -8.00 0.21 2.84
N GLY A 82 -7.67 1.20 3.66
CA GLY A 82 -8.68 1.93 4.40
C GLY A 82 -8.19 3.28 4.87
N HIS A 83 -9.12 4.22 5.05
CA HIS A 83 -8.77 5.56 5.51
C HIS A 83 -8.02 5.51 6.84
N ALA A 84 -7.21 6.53 7.09
CA ALA A 84 -6.44 6.60 8.33
C ALA A 84 -7.31 6.31 9.54
N ARG A 85 -8.33 7.14 9.74
CA ARG A 85 -9.25 6.97 10.86
C ARG A 85 -9.64 5.50 11.04
N ASP A 86 -9.86 4.82 9.92
CA ASP A 86 -10.23 3.41 9.95
C ASP A 86 -9.05 2.54 10.37
N VAL A 87 -8.09 2.36 9.46
CA VAL A 87 -6.92 1.55 9.74
C VAL A 87 -6.22 2.01 11.01
N TYR A 88 -5.98 1.07 11.91
CA TYR A 88 -5.32 1.38 13.18
C TYR A 88 -3.80 1.40 13.02
N ARG A 89 -3.35 1.30 11.77
CA ARG A 89 -1.92 1.31 11.47
C ARG A 89 -1.60 2.30 10.37
N MET A 1 13.85 -0.07 -14.52
CA MET A 1 13.46 -1.21 -13.70
C MET A 1 12.88 -0.74 -12.37
N GLY A 2 12.17 -1.63 -11.68
CA GLY A 2 11.58 -1.29 -10.41
C GLY A 2 10.65 -2.38 -9.89
N TYR A 3 10.01 -2.11 -8.75
CA TYR A 3 9.10 -3.08 -8.15
C TYR A 3 7.75 -3.06 -8.86
N ARG A 4 7.07 -4.20 -8.84
CA ARG A 4 5.77 -4.34 -9.48
C ARG A 4 4.64 -3.94 -8.52
N ILE A 5 3.58 -3.37 -9.06
CA ILE A 5 2.44 -2.95 -8.26
C ILE A 5 1.29 -3.95 -8.35
N GLU A 6 1.16 -4.78 -7.32
CA GLU A 6 0.10 -5.79 -7.29
C GLU A 6 -0.91 -5.48 -6.19
N PHE A 7 -2.10 -6.05 -6.31
CA PHE A 7 -3.15 -5.84 -5.32
C PHE A 7 -3.87 -7.15 -5.00
N ASP A 8 -4.28 -7.29 -3.74
CA ASP A 8 -4.98 -8.50 -3.30
C ASP A 8 -6.42 -8.51 -3.79
N PRO A 9 -7.05 -9.68 -3.78
CA PRO A 9 -8.44 -9.86 -4.22
C PRO A 9 -9.43 -9.21 -3.26
N ARG A 10 -8.94 -8.85 -2.07
CA ARG A 10 -9.79 -8.22 -1.06
C ARG A 10 -9.67 -6.70 -1.11
N ALA A 11 -8.44 -6.21 -1.11
CA ALA A 11 -8.19 -4.77 -1.17
C ALA A 11 -8.77 -4.16 -2.44
N GLU A 12 -8.56 -4.84 -3.56
CA GLU A 12 -9.07 -4.36 -4.85
C GLU A 12 -10.50 -3.83 -4.71
N LYS A 13 -11.36 -4.63 -4.08
CA LYS A 13 -12.75 -4.26 -3.87
C LYS A 13 -12.87 -3.12 -2.88
N GLU A 14 -12.21 -3.26 -1.74
CA GLU A 14 -12.25 -2.23 -0.70
C GLU A 14 -11.95 -0.86 -1.29
N LEU A 15 -10.86 -0.77 -2.06
CA LEU A 15 -10.46 0.48 -2.68
C LEU A 15 -11.40 0.85 -3.83
N GLU A 16 -11.73 -0.15 -4.64
CA GLU A 16 -12.62 0.06 -5.78
C GLU A 16 -13.95 0.65 -5.33
N LYS A 17 -14.25 0.52 -4.04
CA LYS A 17 -15.48 1.05 -3.48
C LYS A 17 -15.28 2.46 -2.95
N LEU A 18 -14.04 2.78 -2.56
CA LEU A 18 -13.71 4.09 -2.02
C LEU A 18 -14.05 5.18 -3.04
N ASP A 19 -13.93 6.43 -2.60
CA ASP A 19 -14.21 7.57 -3.47
C ASP A 19 -13.43 7.47 -4.78
N ARG A 20 -14.16 7.38 -5.89
CA ARG A 20 -13.54 7.27 -7.20
C ARG A 20 -12.27 8.11 -7.27
N GLU A 21 -12.40 9.40 -6.95
CA GLU A 21 -11.26 10.31 -6.99
C GLU A 21 -10.11 9.78 -6.14
N VAL A 22 -10.42 9.40 -4.91
CA VAL A 22 -9.41 8.86 -3.99
C VAL A 22 -8.74 7.63 -4.59
N ALA A 23 -9.55 6.67 -5.01
CA ALA A 23 -9.03 5.44 -5.60
C ALA A 23 -7.90 5.73 -6.58
N ARG A 24 -8.16 6.63 -7.53
CA ARG A 24 -7.17 6.99 -8.53
C ARG A 24 -5.93 7.59 -7.87
N ARG A 25 -6.16 8.46 -6.88
CA ARG A 25 -5.06 9.11 -6.17
C ARG A 25 -4.12 8.08 -5.56
N ILE A 26 -4.70 7.02 -4.99
CA ILE A 26 -3.90 5.96 -4.38
C ILE A 26 -3.05 5.23 -5.42
N LEU A 27 -3.73 4.59 -6.37
CA LEU A 27 -3.04 3.85 -7.42
C LEU A 27 -1.91 4.68 -8.02
N ARG A 28 -2.18 5.96 -8.23
CA ARG A 28 -1.18 6.86 -8.80
C ARG A 28 0.02 7.00 -7.87
N PHE A 29 -0.24 7.19 -6.58
CA PHE A 29 0.82 7.34 -5.59
C PHE A 29 1.74 6.12 -5.60
N LEU A 30 1.16 4.95 -5.88
CA LEU A 30 1.92 3.71 -5.92
C LEU A 30 2.50 3.47 -7.31
N ARG A 31 1.84 4.01 -8.33
CA ARG A 31 2.29 3.86 -9.70
C ARG A 31 3.25 4.97 -10.08
N GLU A 32 3.40 5.96 -9.21
CA GLU A 32 4.29 7.09 -9.46
C GLU A 32 5.43 7.12 -8.44
N ARG A 33 5.11 7.49 -7.21
CA ARG A 33 6.10 7.56 -6.15
C ARG A 33 6.80 6.23 -5.98
N VAL A 34 6.08 5.26 -5.41
CA VAL A 34 6.63 3.93 -5.19
C VAL A 34 7.24 3.35 -6.47
N ALA A 35 6.68 3.76 -7.61
CA ALA A 35 7.16 3.29 -8.90
C ALA A 35 8.57 3.81 -9.18
N THR A 36 8.76 5.11 -9.02
CA THR A 36 10.05 5.73 -9.26
C THR A 36 10.97 5.59 -8.05
N LEU A 37 10.38 5.25 -6.90
CA LEU A 37 11.14 5.07 -5.68
C LEU A 37 12.01 3.82 -5.75
N GLU A 38 13.33 4.03 -5.76
CA GLU A 38 14.28 2.92 -5.82
C GLU A 38 13.88 1.81 -4.86
N ASP A 39 13.35 2.21 -3.69
CA ASP A 39 12.93 1.24 -2.68
C ASP A 39 11.54 1.57 -2.17
N PRO A 40 10.74 0.52 -1.89
CA PRO A 40 9.38 0.68 -1.38
C PRO A 40 9.34 1.21 0.05
N ARG A 41 10.45 1.02 0.78
CA ARG A 41 10.53 1.47 2.16
C ARG A 41 10.57 3.00 2.22
N SER A 42 11.13 3.62 1.18
CA SER A 42 11.23 5.07 1.12
C SER A 42 10.00 5.73 1.72
N LEU A 43 8.83 5.31 1.26
CA LEU A 43 7.57 5.86 1.75
C LEU A 43 6.79 4.81 2.55
N GLY A 44 6.42 5.15 3.78
CA GLY A 44 5.67 4.23 4.61
C GLY A 44 6.32 4.02 5.97
N GLU A 45 5.73 3.14 6.77
CA GLU A 45 6.25 2.84 8.10
C GLU A 45 6.16 1.36 8.41
N PRO A 46 7.18 0.83 9.11
CA PRO A 46 7.23 -0.59 9.50
C PRO A 46 6.19 -0.95 10.54
N LEU A 47 5.47 -2.04 10.31
CA LEU A 47 4.43 -2.49 11.22
C LEU A 47 5.05 -3.31 12.37
N ARG A 48 6.16 -2.81 12.91
CA ARG A 48 6.84 -3.49 14.01
C ARG A 48 5.87 -3.78 15.15
N GLY A 49 5.48 -5.05 15.28
CA GLY A 49 4.57 -5.45 16.33
C GLY A 49 4.66 -6.92 16.65
N PRO A 50 4.34 -7.27 17.90
CA PRO A 50 4.39 -8.67 18.37
C PRO A 50 3.28 -9.52 17.74
N GLU A 51 2.45 -8.89 16.93
CA GLU A 51 1.35 -9.59 16.28
C GLU A 51 1.57 -9.67 14.77
N LEU A 52 2.18 -8.63 14.21
CA LEU A 52 2.46 -8.58 12.78
C LEU A 52 3.96 -8.77 12.51
N GLY A 53 4.28 -9.54 11.48
CA GLY A 53 5.67 -9.78 11.13
C GLY A 53 6.31 -8.58 10.47
N ARG A 54 6.54 -8.68 9.16
CA ARG A 54 7.17 -7.61 8.41
C ARG A 54 6.22 -7.08 7.33
N PHE A 55 5.63 -5.91 7.58
CA PHE A 55 4.71 -5.31 6.63
C PHE A 55 4.86 -3.80 6.61
N TRP A 56 4.95 -3.22 5.42
CA TRP A 56 5.10 -1.78 5.26
C TRP A 56 3.74 -1.09 5.19
N LYS A 57 3.65 0.09 5.77
CA LYS A 57 2.40 0.85 5.78
C LYS A 57 2.59 2.20 5.10
N TYR A 58 1.88 2.41 3.99
CA TYR A 58 1.98 3.66 3.25
C TYR A 58 0.92 4.66 3.73
N ARG A 59 1.20 5.94 3.54
CA ARG A 59 0.27 7.00 3.95
C ARG A 59 -0.07 7.90 2.77
N VAL A 60 -1.36 8.17 2.58
CA VAL A 60 -1.82 9.03 1.50
C VAL A 60 -2.76 10.11 2.01
N GLY A 61 -2.19 11.18 2.52
CA GLY A 61 -2.99 12.28 3.05
C GLY A 61 -3.79 11.88 4.26
N ASP A 62 -4.95 11.27 4.03
CA ASP A 62 -5.83 10.83 5.12
C ASP A 62 -6.29 9.39 4.91
N TYR A 63 -5.43 8.59 4.28
CA TYR A 63 -5.75 7.19 4.01
C TYR A 63 -4.54 6.30 4.27
N ARG A 64 -4.80 5.12 4.83
CA ARG A 64 -3.74 4.17 5.13
C ARG A 64 -3.79 2.97 4.19
N LEU A 65 -2.62 2.57 3.69
CA LEU A 65 -2.53 1.44 2.77
C LEU A 65 -1.53 0.42 3.28
N ILE A 66 -1.98 -0.82 3.43
CA ILE A 66 -1.13 -1.90 3.91
C ILE A 66 -0.75 -2.85 2.77
N CYS A 67 0.51 -2.81 2.37
CA CYS A 67 1.00 -3.66 1.29
C CYS A 67 2.03 -4.66 1.81
N HIS A 68 2.39 -5.62 0.97
CA HIS A 68 3.35 -6.64 1.34
C HIS A 68 4.51 -6.69 0.34
N ILE A 69 5.68 -6.21 0.77
CA ILE A 69 6.86 -6.20 -0.09
C ILE A 69 7.44 -7.59 -0.24
N GLN A 70 7.56 -8.06 -1.49
CA GLN A 70 8.10 -9.37 -1.77
C GLN A 70 9.50 -9.27 -2.38
N ASP A 71 10.51 -9.25 -1.51
CA ASP A 71 11.89 -9.15 -1.95
C ASP A 71 12.18 -10.18 -3.05
N ARG A 72 11.66 -11.39 -2.88
CA ARG A 72 11.87 -12.45 -3.85
C ARG A 72 11.86 -11.90 -5.27
N GLU A 73 10.78 -11.20 -5.62
CA GLU A 73 10.65 -10.62 -6.95
C GLU A 73 10.38 -9.12 -6.87
N ALA A 74 10.82 -8.50 -5.78
CA ALA A 74 10.63 -7.07 -5.57
C ALA A 74 9.24 -6.63 -6.03
N THR A 75 8.21 -7.32 -5.55
CA THR A 75 6.84 -7.00 -5.92
C THR A 75 6.03 -6.60 -4.69
N VAL A 76 5.35 -5.46 -4.78
CA VAL A 76 4.53 -4.97 -3.68
C VAL A 76 3.05 -5.27 -3.92
N LEU A 77 2.49 -6.12 -3.07
CA LEU A 77 1.08 -6.49 -3.19
C LEU A 77 0.26 -5.84 -2.09
N VAL A 78 -0.74 -5.06 -2.49
CA VAL A 78 -1.62 -4.38 -1.55
C VAL A 78 -2.49 -5.37 -0.79
N LEU A 79 -2.32 -5.42 0.53
CA LEU A 79 -3.09 -6.32 1.37
C LEU A 79 -4.47 -5.73 1.70
N ARG A 80 -4.46 -4.54 2.30
CA ARG A 80 -5.70 -3.88 2.67
C ARG A 80 -5.64 -2.39 2.29
N VAL A 81 -6.80 -1.75 2.27
CA VAL A 81 -6.89 -0.33 1.94
C VAL A 81 -8.07 0.33 2.63
N GLY A 82 -7.79 1.30 3.49
CA GLY A 82 -8.84 2.00 4.20
C GLY A 82 -8.39 3.36 4.71
N HIS A 83 -9.36 4.24 4.97
CA HIS A 83 -9.06 5.58 5.46
C HIS A 83 -8.42 5.51 6.84
N ALA A 84 -7.51 6.45 7.11
CA ALA A 84 -6.83 6.49 8.40
C ALA A 84 -7.77 6.09 9.53
N ARG A 85 -8.73 6.96 9.82
CA ARG A 85 -9.69 6.70 10.89
C ARG A 85 -10.09 5.22 10.91
N ASP A 86 -10.62 4.73 9.79
CA ASP A 86 -11.03 3.35 9.67
C ASP A 86 -9.93 2.41 10.14
N VAL A 87 -8.87 2.31 9.34
CA VAL A 87 -7.74 1.45 9.67
C VAL A 87 -7.24 1.70 11.08
N TYR A 88 -7.06 0.63 11.84
CA TYR A 88 -6.59 0.74 13.21
C TYR A 88 -5.54 1.83 13.34
N ARG A 89 -5.40 2.37 14.55
CA ARG A 89 -4.43 3.43 14.82
C ARG A 89 -3.67 3.15 16.10
N MET A 1 13.85 0.94 -13.85
CA MET A 1 13.04 -0.18 -13.36
C MET A 1 13.14 -0.31 -11.85
N GLY A 2 11.99 -0.50 -11.21
CA GLY A 2 11.97 -0.63 -9.76
C GLY A 2 11.23 -1.88 -9.30
N TYR A 3 10.10 -1.68 -8.64
CA TYR A 3 9.31 -2.80 -8.15
C TYR A 3 7.93 -2.83 -8.81
N ARG A 4 7.32 -4.01 -8.86
CA ARG A 4 6.00 -4.17 -9.46
C ARG A 4 4.90 -3.82 -8.47
N ILE A 5 3.74 -3.44 -8.99
CA ILE A 5 2.61 -3.08 -8.15
C ILE A 5 1.48 -4.12 -8.25
N GLU A 6 1.14 -4.73 -7.13
CA GLU A 6 0.09 -5.73 -7.10
C GLU A 6 -0.97 -5.38 -6.05
N PHE A 7 -2.18 -5.87 -6.26
CA PHE A 7 -3.28 -5.62 -5.34
C PHE A 7 -4.09 -6.88 -5.09
N ASP A 8 -4.25 -7.24 -3.81
CA ASP A 8 -5.01 -8.42 -3.45
C ASP A 8 -6.43 -8.35 -3.99
N PRO A 9 -7.07 -9.53 -4.15
CA PRO A 9 -8.43 -9.63 -4.67
C PRO A 9 -9.46 -9.09 -3.68
N ARG A 10 -9.01 -8.79 -2.46
CA ARG A 10 -9.89 -8.27 -1.43
C ARG A 10 -9.85 -6.75 -1.38
N ALA A 11 -8.64 -6.19 -1.36
CA ALA A 11 -8.46 -4.74 -1.32
C ALA A 11 -9.05 -4.09 -2.57
N GLU A 12 -8.73 -4.64 -3.72
CA GLU A 12 -9.22 -4.10 -4.99
C GLU A 12 -10.65 -3.59 -4.84
N LYS A 13 -11.49 -4.37 -4.16
CA LYS A 13 -12.88 -3.99 -3.95
C LYS A 13 -13.00 -2.99 -2.80
N GLU A 14 -12.27 -3.24 -1.72
CA GLU A 14 -12.31 -2.36 -0.56
C GLU A 14 -11.93 -0.93 -0.95
N LEU A 15 -11.12 -0.81 -2.00
CA LEU A 15 -10.68 0.50 -2.47
C LEU A 15 -11.65 1.05 -3.51
N GLU A 16 -11.97 0.24 -4.52
CA GLU A 16 -12.88 0.65 -5.57
C GLU A 16 -14.13 1.31 -4.99
N LYS A 17 -14.56 0.83 -3.82
CA LYS A 17 -15.73 1.37 -3.15
C LYS A 17 -15.51 2.84 -2.78
N LEU A 18 -14.30 3.15 -2.32
CA LEU A 18 -13.97 4.51 -1.93
C LEU A 18 -14.26 5.50 -3.05
N ASP A 19 -14.16 6.79 -2.75
CA ASP A 19 -14.41 7.83 -3.74
C ASP A 19 -13.64 7.56 -5.02
N ARG A 20 -14.01 8.26 -6.09
CA ARG A 20 -13.36 8.10 -7.38
C ARG A 20 -11.98 8.78 -7.38
N GLU A 21 -11.94 10.03 -6.95
CA GLU A 21 -10.70 10.78 -6.89
C GLU A 21 -9.68 10.09 -5.99
N VAL A 22 -10.12 9.71 -4.80
CA VAL A 22 -9.25 9.03 -3.84
C VAL A 22 -8.67 7.76 -4.44
N ALA A 23 -9.54 6.87 -4.92
CA ALA A 23 -9.12 5.62 -5.51
C ALA A 23 -8.01 5.84 -6.53
N ARG A 24 -8.28 6.70 -7.51
CA ARG A 24 -7.30 7.01 -8.55
C ARG A 24 -6.01 7.55 -7.95
N ARG A 25 -6.14 8.46 -6.99
CA ARG A 25 -4.98 9.06 -6.33
C ARG A 25 -4.13 7.99 -5.66
N ILE A 26 -4.79 6.98 -5.10
CA ILE A 26 -4.09 5.89 -4.43
C ILE A 26 -3.22 5.11 -5.40
N LEU A 27 -3.87 4.51 -6.40
CA LEU A 27 -3.15 3.73 -7.41
C LEU A 27 -2.04 4.55 -8.05
N ARG A 28 -2.38 5.75 -8.50
CA ARG A 28 -1.41 6.63 -9.14
C ARG A 28 -0.26 6.95 -8.18
N PHE A 29 -0.59 7.16 -6.92
CA PHE A 29 0.42 7.47 -5.91
C PHE A 29 1.46 6.36 -5.81
N LEU A 30 1.00 5.12 -5.94
CA LEU A 30 1.89 3.96 -5.87
C LEU A 30 2.51 3.67 -7.23
N ARG A 31 1.82 4.11 -8.29
CA ARG A 31 2.32 3.89 -9.64
C ARG A 31 3.22 5.05 -10.09
N GLU A 32 3.26 6.10 -9.28
CA GLU A 32 4.08 7.27 -9.59
C GLU A 32 5.19 7.43 -8.56
N ARG A 33 4.81 7.77 -7.33
CA ARG A 33 5.77 7.97 -6.26
C ARG A 33 6.54 6.68 -5.97
N VAL A 34 5.86 5.71 -5.36
CA VAL A 34 6.48 4.43 -5.04
C VAL A 34 7.11 3.80 -6.28
N ALA A 35 6.46 3.96 -7.43
CA ALA A 35 6.95 3.42 -8.67
C ALA A 35 8.37 3.90 -8.96
N THR A 36 8.56 5.21 -8.91
CA THR A 36 9.86 5.81 -9.18
C THR A 36 10.83 5.55 -8.03
N LEU A 37 10.30 5.53 -6.81
CA LEU A 37 11.11 5.30 -5.62
C LEU A 37 11.94 4.03 -5.77
N GLU A 38 13.24 4.20 -5.99
CA GLU A 38 14.14 3.06 -6.16
C GLU A 38 13.73 1.91 -5.25
N ASP A 39 13.35 2.24 -4.02
CA ASP A 39 12.93 1.23 -3.06
C ASP A 39 11.59 1.59 -2.42
N PRO A 40 10.75 0.58 -2.19
CA PRO A 40 9.42 0.77 -1.59
C PRO A 40 9.50 1.17 -0.12
N ARG A 41 10.68 1.02 0.46
CA ARG A 41 10.90 1.37 1.86
C ARG A 41 11.39 2.81 1.99
N SER A 42 10.76 3.72 1.28
CA SER A 42 11.14 5.13 1.31
C SER A 42 10.04 5.97 1.95
N LEU A 43 8.81 5.78 1.48
CA LEU A 43 7.67 6.52 2.01
C LEU A 43 6.97 5.75 3.11
N GLY A 44 6.60 4.50 2.81
CA GLY A 44 5.93 3.67 3.80
C GLY A 44 6.80 3.44 5.03
N GLU A 45 6.23 2.75 6.02
CA GLU A 45 6.95 2.46 7.25
C GLU A 45 6.65 1.03 7.73
N PRO A 46 7.68 0.39 8.29
CA PRO A 46 7.55 -0.99 8.81
C PRO A 46 6.68 -1.07 10.06
N LEU A 47 6.23 -2.28 10.37
CA LEU A 47 5.38 -2.50 11.54
C LEU A 47 5.94 -3.60 12.43
N ARG A 48 6.58 -3.20 13.52
CA ARG A 48 7.17 -4.15 14.46
C ARG A 48 6.44 -4.13 15.79
N GLY A 49 5.80 -5.25 16.13
CA GLY A 49 5.08 -5.33 17.39
C GLY A 49 4.78 -6.76 17.80
N PRO A 50 3.97 -6.93 18.85
CA PRO A 50 3.61 -8.25 19.36
C PRO A 50 2.68 -9.01 18.41
N GLU A 51 1.79 -8.26 17.75
CA GLU A 51 0.85 -8.87 16.81
C GLU A 51 1.08 -8.34 15.40
N LEU A 52 2.35 -8.22 15.01
CA LEU A 52 2.71 -7.73 13.69
C LEU A 52 4.02 -8.35 13.23
N GLY A 53 4.14 -8.54 11.92
CA GLY A 53 5.34 -9.13 11.35
C GLY A 53 6.19 -8.11 10.61
N ARG A 54 6.46 -8.38 9.33
CA ARG A 54 7.25 -7.49 8.51
C ARG A 54 6.41 -6.87 7.40
N PHE A 55 5.25 -6.34 7.77
CA PHE A 55 4.35 -5.72 6.80
C PHE A 55 4.66 -4.24 6.64
N TRP A 56 4.73 -3.79 5.38
CA TRP A 56 5.03 -2.40 5.09
C TRP A 56 3.75 -1.60 4.85
N LYS A 57 3.55 -0.54 5.64
CA LYS A 57 2.37 0.30 5.51
C LYS A 57 2.69 1.57 4.74
N TYR A 58 1.69 2.10 4.04
CA TYR A 58 1.86 3.31 3.25
C TYR A 58 0.84 4.38 3.66
N ARG A 59 1.25 5.64 3.57
CA ARG A 59 0.36 6.74 3.93
C ARG A 59 0.03 7.59 2.70
N VAL A 60 -1.26 7.82 2.49
CA VAL A 60 -1.71 8.62 1.35
C VAL A 60 -2.69 9.70 1.79
N GLY A 61 -2.15 10.88 2.11
CA GLY A 61 -2.98 11.98 2.55
C GLY A 61 -3.84 11.62 3.75
N ASP A 62 -4.97 10.99 3.50
CA ASP A 62 -5.88 10.60 4.57
C ASP A 62 -6.36 9.16 4.38
N TYR A 63 -5.45 8.31 3.91
CA TYR A 63 -5.77 6.91 3.69
C TYR A 63 -4.57 6.01 3.95
N ARG A 64 -4.81 4.89 4.63
CA ARG A 64 -3.74 3.96 4.94
C ARG A 64 -3.81 2.72 4.05
N LEU A 65 -2.66 2.33 3.51
CA LEU A 65 -2.59 1.16 2.64
C LEU A 65 -1.58 0.15 3.16
N ILE A 66 -2.08 -1.03 3.54
CA ILE A 66 -1.21 -2.08 4.05
C ILE A 66 -0.70 -2.98 2.93
N CYS A 67 0.53 -2.73 2.50
CA CYS A 67 1.14 -3.52 1.43
C CYS A 67 2.18 -4.49 1.99
N HIS A 68 2.61 -5.43 1.16
CA HIS A 68 3.60 -6.42 1.57
C HIS A 68 4.77 -6.44 0.60
N ILE A 69 5.91 -5.90 1.03
CA ILE A 69 7.11 -5.86 0.20
C ILE A 69 7.77 -7.23 0.13
N GLN A 70 7.78 -7.82 -1.07
CA GLN A 70 8.38 -9.13 -1.27
C GLN A 70 9.72 -9.00 -1.99
N ASP A 71 10.79 -8.87 -1.21
CA ASP A 71 12.13 -8.74 -1.78
C ASP A 71 12.46 -9.93 -2.67
N ARG A 72 12.05 -11.12 -2.23
CA ARG A 72 12.30 -12.34 -2.99
C ARG A 72 11.98 -12.14 -4.47
N GLU A 73 10.89 -11.43 -4.74
CA GLU A 73 10.46 -11.17 -6.11
C GLU A 73 10.38 -9.67 -6.38
N ALA A 74 10.84 -8.88 -5.42
CA ALA A 74 10.83 -7.43 -5.56
C ALA A 74 9.48 -6.94 -6.07
N THR A 75 8.40 -7.44 -5.48
CA THR A 75 7.06 -7.06 -5.87
C THR A 75 6.20 -6.71 -4.67
N VAL A 76 5.50 -5.57 -4.75
CA VAL A 76 4.65 -5.13 -3.65
C VAL A 76 3.20 -5.56 -3.87
N LEU A 77 2.64 -6.25 -2.88
CA LEU A 77 1.26 -6.73 -2.96
C LEU A 77 0.43 -6.15 -1.82
N VAL A 78 -0.70 -5.54 -2.18
CA VAL A 78 -1.60 -4.96 -1.19
C VAL A 78 -2.41 -6.03 -0.47
N LEU A 79 -2.59 -5.85 0.83
CA LEU A 79 -3.34 -6.81 1.64
C LEU A 79 -4.61 -6.16 2.19
N ARG A 80 -4.50 -4.90 2.61
CA ARG A 80 -5.64 -4.18 3.16
C ARG A 80 -5.64 -2.73 2.70
N VAL A 81 -6.82 -2.14 2.65
CA VAL A 81 -6.96 -0.75 2.23
C VAL A 81 -8.13 -0.07 2.93
N GLY A 82 -7.83 0.96 3.71
CA GLY A 82 -8.87 1.68 4.42
C GLY A 82 -8.42 3.07 4.85
N HIS A 83 -9.38 3.95 5.10
CA HIS A 83 -9.09 5.32 5.51
C HIS A 83 -8.41 5.33 6.88
N ALA A 84 -7.44 6.22 7.04
CA ALA A 84 -6.71 6.33 8.30
C ALA A 84 -7.67 6.40 9.49
N ARG A 85 -8.59 7.36 9.45
CA ARG A 85 -9.56 7.54 10.52
C ARG A 85 -10.27 6.21 10.83
N ASP A 86 -10.39 5.36 9.81
CA ASP A 86 -11.04 4.07 9.98
C ASP A 86 -10.02 2.99 10.32
N VAL A 87 -9.25 2.57 9.32
CA VAL A 87 -8.23 1.54 9.51
C VAL A 87 -7.46 1.75 10.80
N TYR A 88 -7.35 3.01 11.20
CA TYR A 88 -6.63 3.37 12.42
C TYR A 88 -7.48 4.24 13.33
N ARG A 89 -7.83 3.73 14.50
CA ARG A 89 -8.64 4.47 15.46
C ARG A 89 -7.96 5.77 15.87
N MET A 1 14.06 0.04 -13.07
CA MET A 1 12.87 -0.76 -13.30
C MET A 1 11.83 -0.54 -12.21
N GLY A 2 12.29 -0.51 -10.96
CA GLY A 2 11.39 -0.30 -9.84
C GLY A 2 10.65 -1.56 -9.45
N TYR A 3 9.87 -1.49 -8.38
CA TYR A 3 9.11 -2.63 -7.91
C TYR A 3 7.75 -2.72 -8.61
N ARG A 4 7.18 -3.92 -8.61
CA ARG A 4 5.88 -4.14 -9.25
C ARG A 4 4.74 -3.74 -8.32
N ILE A 5 3.64 -3.28 -8.91
CA ILE A 5 2.48 -2.86 -8.13
C ILE A 5 1.33 -3.86 -8.27
N GLU A 6 1.17 -4.72 -7.26
CA GLU A 6 0.10 -5.72 -7.28
C GLU A 6 -0.92 -5.43 -6.19
N PHE A 7 -2.12 -5.99 -6.36
CA PHE A 7 -3.20 -5.79 -5.40
C PHE A 7 -3.92 -7.11 -5.12
N ASP A 8 -4.14 -7.40 -3.85
CA ASP A 8 -4.83 -8.63 -3.45
C ASP A 8 -6.27 -8.62 -3.94
N PRO A 9 -6.89 -9.82 -3.97
CA PRO A 9 -8.27 -9.98 -4.43
C PRO A 9 -9.29 -9.36 -3.46
N ARG A 10 -8.81 -9.04 -2.26
CA ARG A 10 -9.67 -8.44 -1.23
C ARG A 10 -9.55 -6.92 -1.24
N ALA A 11 -8.31 -6.43 -1.25
CA ALA A 11 -8.06 -4.99 -1.27
C ALA A 11 -8.70 -4.33 -2.48
N GLU A 12 -8.48 -4.91 -3.66
CA GLU A 12 -9.03 -4.37 -4.89
C GLU A 12 -10.44 -3.85 -4.66
N LYS A 13 -11.27 -4.65 -4.02
CA LYS A 13 -12.65 -4.26 -3.73
C LYS A 13 -12.71 -3.20 -2.64
N GLU A 14 -11.89 -3.37 -1.61
CA GLU A 14 -11.84 -2.42 -0.51
C GLU A 14 -11.58 -1.00 -1.01
N LEU A 15 -10.71 -0.89 -2.00
CA LEU A 15 -10.36 0.40 -2.57
C LEU A 15 -11.38 0.83 -3.63
N GLU A 16 -11.78 -0.12 -4.47
CA GLU A 16 -12.76 0.15 -5.52
C GLU A 16 -14.01 0.83 -4.94
N LYS A 17 -14.32 0.50 -3.69
CA LYS A 17 -15.48 1.08 -3.01
C LYS A 17 -15.28 2.58 -2.78
N LEU A 18 -14.06 2.95 -2.39
CA LEU A 18 -13.75 4.35 -2.13
C LEU A 18 -14.24 5.25 -3.26
N ASP A 19 -14.10 6.55 -3.07
CA ASP A 19 -14.54 7.52 -4.08
C ASP A 19 -13.80 7.29 -5.39
N ARG A 20 -14.39 7.77 -6.48
CA ARG A 20 -13.79 7.62 -7.81
C ARG A 20 -12.52 8.44 -7.92
N GLU A 21 -12.56 9.67 -7.39
CA GLU A 21 -11.40 10.56 -7.43
C GLU A 21 -10.32 10.11 -6.45
N VAL A 22 -10.75 9.75 -5.24
CA VAL A 22 -9.84 9.30 -4.21
C VAL A 22 -9.08 8.06 -4.65
N ALA A 23 -9.80 7.10 -5.22
CA ALA A 23 -9.20 5.86 -5.68
C ALA A 23 -8.07 6.14 -6.68
N ARG A 24 -8.34 6.97 -7.67
CA ARG A 24 -7.35 7.33 -8.68
C ARG A 24 -6.11 7.90 -8.03
N ARG A 25 -6.29 8.82 -7.08
CA ARG A 25 -5.18 9.45 -6.39
C ARG A 25 -4.28 8.40 -5.75
N ILE A 26 -4.89 7.39 -5.15
CA ILE A 26 -4.14 6.31 -4.50
C ILE A 26 -3.24 5.59 -5.49
N LEU A 27 -3.87 4.97 -6.50
CA LEU A 27 -3.13 4.24 -7.51
C LEU A 27 -1.95 5.05 -8.03
N ARG A 28 -2.21 6.30 -8.40
CA ARG A 28 -1.16 7.18 -8.90
C ARG A 28 -0.02 7.29 -7.89
N PHE A 29 -0.37 7.58 -6.64
CA PHE A 29 0.62 7.72 -5.58
C PHE A 29 1.54 6.51 -5.54
N LEU A 30 0.99 5.34 -5.84
CA LEU A 30 1.77 4.11 -5.84
C LEU A 30 2.43 3.88 -7.19
N ARG A 31 1.80 4.38 -8.25
CA ARG A 31 2.33 4.24 -9.59
C ARG A 31 3.29 5.36 -9.94
N GLU A 32 3.36 6.36 -9.05
CA GLU A 32 4.24 7.51 -9.26
C GLU A 32 5.36 7.53 -8.23
N ARG A 33 4.99 7.69 -6.96
CA ARG A 33 5.96 7.73 -5.88
C ARG A 33 6.67 6.38 -5.74
N VAL A 34 5.95 5.38 -5.23
CA VAL A 34 6.51 4.05 -5.04
C VAL A 34 7.13 3.53 -6.34
N ALA A 35 6.46 3.79 -7.46
CA ALA A 35 6.94 3.35 -8.76
C ALA A 35 8.35 3.88 -9.03
N THR A 36 8.54 5.18 -8.86
CA THR A 36 9.84 5.81 -9.09
C THR A 36 10.81 5.48 -7.96
N LEU A 37 10.27 5.28 -6.76
CA LEU A 37 11.08 4.96 -5.60
C LEU A 37 11.82 3.63 -5.80
N GLU A 38 13.13 3.72 -6.02
CA GLU A 38 13.95 2.53 -6.21
C GLU A 38 13.49 1.39 -5.31
N ASP A 39 13.14 1.74 -4.07
CA ASP A 39 12.69 0.75 -3.10
C ASP A 39 11.37 1.17 -2.47
N PRO A 40 10.48 0.19 -2.25
CA PRO A 40 9.16 0.44 -1.66
C PRO A 40 9.25 0.81 -0.18
N ARG A 41 10.45 0.69 0.37
CA ARG A 41 10.68 1.02 1.78
C ARG A 41 10.81 2.52 1.98
N SER A 42 11.38 3.20 0.98
CA SER A 42 11.57 4.64 1.05
C SER A 42 10.39 5.31 1.74
N LEU A 43 9.21 5.12 1.18
CA LEU A 43 7.99 5.70 1.75
C LEU A 43 7.23 4.69 2.59
N GLY A 44 6.61 5.16 3.67
CA GLY A 44 5.86 4.27 4.54
C GLY A 44 6.67 3.81 5.73
N GLU A 45 6.04 3.07 6.63
CA GLU A 45 6.70 2.56 7.82
C GLU A 45 6.42 1.08 8.01
N PRO A 46 7.41 0.34 8.55
CA PRO A 46 7.29 -1.10 8.80
C PRO A 46 6.31 -1.40 9.93
N LEU A 47 5.96 -2.68 10.08
CA LEU A 47 5.05 -3.11 11.12
C LEU A 47 5.71 -4.12 12.05
N ARG A 48 5.39 -4.03 13.34
CA ARG A 48 5.95 -4.94 14.32
C ARG A 48 4.85 -5.69 15.08
N GLY A 49 5.13 -6.92 15.48
CA GLY A 49 4.16 -7.71 16.20
C GLY A 49 4.63 -9.13 16.45
N PRO A 50 4.23 -9.70 17.60
CA PRO A 50 4.60 -11.07 17.97
C PRO A 50 3.92 -12.11 17.10
N GLU A 51 3.01 -11.66 16.24
CA GLU A 51 2.29 -12.56 15.35
C GLU A 51 2.26 -12.01 13.93
N LEU A 52 3.37 -11.41 13.51
CA LEU A 52 3.48 -10.84 12.17
C LEU A 52 4.92 -10.85 11.68
N GLY A 53 5.10 -10.93 10.37
CA GLY A 53 6.44 -10.95 9.81
C GLY A 53 6.90 -9.57 9.40
N ARG A 54 6.85 -9.28 8.10
CA ARG A 54 7.27 -8.00 7.58
C ARG A 54 6.19 -7.38 6.69
N PHE A 55 5.45 -6.42 7.24
CA PHE A 55 4.39 -5.77 6.49
C PHE A 55 4.59 -4.26 6.48
N TRP A 56 4.75 -3.69 5.28
CA TRP A 56 4.96 -2.25 5.13
C TRP A 56 3.64 -1.55 4.89
N LYS A 57 3.52 -0.33 5.42
CA LYS A 57 2.30 0.46 5.26
C LYS A 57 2.63 1.85 4.70
N TYR A 58 1.78 2.32 3.79
CA TYR A 58 1.97 3.63 3.18
C TYR A 58 0.92 4.63 3.67
N ARG A 59 1.17 5.91 3.42
CA ARG A 59 0.24 6.95 3.83
C ARG A 59 -0.08 7.88 2.67
N VAL A 60 -1.38 8.06 2.40
CA VAL A 60 -1.82 8.92 1.32
C VAL A 60 -2.69 10.06 1.84
N GLY A 61 -2.04 11.09 2.37
CA GLY A 61 -2.77 12.24 2.91
C GLY A 61 -3.71 11.85 4.04
N ASP A 62 -4.83 11.23 3.70
CA ASP A 62 -5.80 10.82 4.69
C ASP A 62 -6.26 9.39 4.44
N TYR A 63 -5.31 8.50 4.16
CA TYR A 63 -5.62 7.10 3.89
C TYR A 63 -4.43 6.21 4.22
N ARG A 64 -4.71 4.99 4.64
CA ARG A 64 -3.67 4.03 4.99
C ARG A 64 -3.71 2.81 4.07
N LEU A 65 -2.53 2.41 3.58
CA LEU A 65 -2.44 1.26 2.69
C LEU A 65 -1.46 0.22 3.24
N ILE A 66 -1.99 -0.94 3.63
CA ILE A 66 -1.15 -2.01 4.17
C ILE A 66 -0.82 -3.03 3.10
N CYS A 67 0.39 -2.93 2.56
CA CYS A 67 0.84 -3.85 1.51
C CYS A 67 1.94 -4.77 2.04
N HIS A 68 2.27 -5.80 1.26
CA HIS A 68 3.31 -6.74 1.65
C HIS A 68 4.49 -6.68 0.68
N ILE A 69 5.63 -6.21 1.17
CA ILE A 69 6.83 -6.11 0.34
C ILE A 69 7.52 -7.46 0.20
N GLN A 70 7.58 -7.97 -1.02
CA GLN A 70 8.22 -9.25 -1.28
C GLN A 70 9.56 -9.06 -1.99
N ASP A 71 10.64 -9.08 -1.21
CA ASP A 71 11.98 -8.91 -1.77
C ASP A 71 12.27 -9.97 -2.83
N ARG A 72 11.81 -11.19 -2.58
CA ARG A 72 12.02 -12.30 -3.51
C ARG A 72 11.99 -11.79 -4.95
N GLU A 73 10.87 -11.20 -5.35
CA GLU A 73 10.71 -10.68 -6.70
C GLU A 73 10.47 -9.18 -6.68
N ALA A 74 11.04 -8.51 -5.68
CA ALA A 74 10.90 -7.06 -5.55
C ALA A 74 9.51 -6.60 -6.00
N THR A 75 8.49 -7.35 -5.59
CA THR A 75 7.12 -7.02 -5.95
C THR A 75 6.27 -6.74 -4.71
N VAL A 76 5.45 -5.70 -4.78
CA VAL A 76 4.59 -5.32 -3.67
C VAL A 76 3.15 -5.74 -3.92
N LEU A 77 2.53 -6.30 -2.90
CA LEU A 77 1.13 -6.75 -3.01
C LEU A 77 0.28 -6.15 -1.89
N VAL A 78 -0.68 -5.32 -2.27
CA VAL A 78 -1.57 -4.69 -1.30
C VAL A 78 -2.38 -5.74 -0.53
N LEU A 79 -2.45 -5.57 0.79
CA LEU A 79 -3.20 -6.50 1.63
C LEU A 79 -4.50 -5.87 2.11
N ARG A 80 -4.41 -4.64 2.60
CA ARG A 80 -5.58 -3.93 3.10
C ARG A 80 -5.57 -2.47 2.64
N VAL A 81 -6.75 -1.86 2.61
CA VAL A 81 -6.87 -0.46 2.19
C VAL A 81 -8.05 0.21 2.87
N GLY A 82 -7.76 1.20 3.71
CA GLY A 82 -8.81 1.92 4.41
C GLY A 82 -8.35 3.27 4.91
N HIS A 83 -9.31 4.16 5.15
CA HIS A 83 -9.00 5.51 5.64
C HIS A 83 -8.29 5.44 6.99
N ALA A 84 -7.21 6.20 7.12
CA ALA A 84 -6.45 6.24 8.37
C ALA A 84 -7.36 6.06 9.58
N ARG A 85 -8.29 6.99 9.75
CA ARG A 85 -9.22 6.94 10.87
C ARG A 85 -9.95 5.61 10.91
N ASP A 86 -10.52 5.21 9.77
CA ASP A 86 -11.24 3.95 9.67
C ASP A 86 -10.37 2.79 10.12
N VAL A 87 -9.32 2.51 9.36
CA VAL A 87 -8.41 1.41 9.68
C VAL A 87 -8.26 1.25 11.19
N TYR A 88 -7.54 2.17 11.82
CA TYR A 88 -7.32 2.11 13.26
C TYR A 88 -6.76 3.44 13.77
N ARG A 89 -7.20 3.84 14.96
CA ARG A 89 -6.73 5.09 15.57
C ARG A 89 -5.21 5.17 15.54
N MET A 1 11.79 -2.42 -14.83
CA MET A 1 12.47 -1.62 -13.82
C MET A 1 11.51 -1.20 -12.72
N GLY A 2 12.01 -1.12 -11.49
CA GLY A 2 11.19 -0.72 -10.36
C GLY A 2 10.32 -1.85 -9.86
N TYR A 3 9.89 -1.76 -8.61
CA TYR A 3 9.05 -2.79 -8.00
C TYR A 3 7.70 -2.86 -8.69
N ARG A 4 7.12 -4.06 -8.71
CA ARG A 4 5.82 -4.26 -9.34
C ARG A 4 4.69 -3.86 -8.40
N ILE A 5 3.57 -3.43 -8.97
CA ILE A 5 2.42 -3.02 -8.18
C ILE A 5 1.27 -4.02 -8.32
N GLU A 6 0.92 -4.67 -7.21
CA GLU A 6 -0.16 -5.65 -7.22
C GLU A 6 -1.19 -5.33 -6.13
N PHE A 7 -2.38 -5.87 -6.29
CA PHE A 7 -3.45 -5.64 -5.33
C PHE A 7 -4.20 -6.94 -5.02
N ASP A 8 -4.21 -7.32 -3.75
CA ASP A 8 -4.89 -8.55 -3.33
C ASP A 8 -6.32 -8.57 -3.84
N PRO A 9 -6.93 -9.78 -3.84
CA PRO A 9 -8.30 -9.97 -4.31
C PRO A 9 -9.32 -9.35 -3.35
N ARG A 10 -8.86 -8.96 -2.17
CA ARG A 10 -9.73 -8.35 -1.17
C ARG A 10 -9.67 -6.83 -1.24
N ALA A 11 -8.44 -6.30 -1.27
CA ALA A 11 -8.25 -4.86 -1.34
C ALA A 11 -8.87 -4.28 -2.60
N GLU A 12 -8.65 -4.93 -3.73
CA GLU A 12 -9.19 -4.47 -5.00
C GLU A 12 -10.62 -3.98 -4.83
N LYS A 13 -11.42 -4.73 -4.09
CA LYS A 13 -12.82 -4.37 -3.85
C LYS A 13 -12.92 -3.28 -2.80
N GLU A 14 -12.10 -3.38 -1.75
CA GLU A 14 -12.10 -2.40 -0.67
C GLU A 14 -11.71 -1.02 -1.20
N LEU A 15 -10.94 -1.00 -2.28
CA LEU A 15 -10.50 0.26 -2.89
C LEU A 15 -11.52 0.76 -3.91
N GLU A 16 -11.93 -0.12 -4.82
CA GLU A 16 -12.91 0.24 -5.84
C GLU A 16 -14.16 0.85 -5.21
N LYS A 17 -14.47 0.42 -3.99
CA LYS A 17 -15.63 0.91 -3.27
C LYS A 17 -15.44 2.38 -2.88
N LEU A 18 -14.20 2.75 -2.60
CA LEU A 18 -13.88 4.11 -2.20
C LEU A 18 -14.19 5.10 -3.32
N ASP A 19 -14.15 6.39 -3.01
CA ASP A 19 -14.43 7.43 -3.99
C ASP A 19 -13.51 7.28 -5.21
N ARG A 20 -13.97 7.78 -6.35
CA ARG A 20 -13.20 7.70 -7.58
C ARG A 20 -11.88 8.46 -7.44
N GLU A 21 -11.98 9.72 -7.04
CA GLU A 21 -10.80 10.56 -6.88
C GLU A 21 -9.84 9.95 -5.86
N VAL A 22 -10.39 9.23 -4.89
CA VAL A 22 -9.59 8.59 -3.85
C VAL A 22 -8.82 7.39 -4.41
N ALA A 23 -9.53 6.52 -5.12
CA ALA A 23 -8.91 5.34 -5.71
C ALA A 23 -7.80 5.73 -6.67
N ARG A 24 -8.10 6.66 -7.57
CA ARG A 24 -7.12 7.12 -8.55
C ARG A 24 -5.90 7.70 -7.87
N ARG A 25 -6.11 8.60 -6.91
CA ARG A 25 -5.02 9.23 -6.19
C ARG A 25 -4.06 8.17 -5.63
N ILE A 26 -4.62 7.10 -5.08
CA ILE A 26 -3.83 6.02 -4.50
C ILE A 26 -2.93 5.40 -5.56
N LEU A 27 -3.54 4.83 -6.60
CA LEU A 27 -2.80 4.18 -7.67
C LEU A 27 -1.78 5.15 -8.27
N ARG A 28 -2.18 6.40 -8.45
CA ARG A 28 -1.31 7.42 -9.02
C ARG A 28 -0.17 7.74 -8.06
N PHE A 29 -0.39 7.49 -6.77
CA PHE A 29 0.63 7.76 -5.75
C PHE A 29 1.63 6.62 -5.68
N LEU A 30 1.16 5.41 -5.94
CA LEU A 30 2.02 4.22 -5.90
C LEU A 30 2.66 3.97 -7.27
N ARG A 31 1.97 4.39 -8.33
CA ARG A 31 2.46 4.21 -9.68
C ARG A 31 3.47 5.30 -10.05
N GLU A 32 3.48 6.37 -9.25
CA GLU A 32 4.39 7.49 -9.50
C GLU A 32 5.49 7.54 -8.44
N ARG A 33 5.08 7.60 -7.18
CA ARG A 33 6.03 7.66 -6.07
C ARG A 33 6.70 6.30 -5.86
N VAL A 34 5.92 5.35 -5.35
CA VAL A 34 6.44 4.00 -5.10
C VAL A 34 7.03 3.40 -6.37
N ALA A 35 6.45 3.74 -7.51
CA ALA A 35 6.92 3.23 -8.79
C ALA A 35 8.36 3.69 -9.06
N THR A 36 8.60 4.98 -8.95
CA THR A 36 9.93 5.54 -9.18
C THR A 36 10.89 5.17 -8.06
N LEU A 37 10.38 5.20 -6.83
CA LEU A 37 11.19 4.86 -5.66
C LEU A 37 11.97 3.57 -5.89
N GLU A 38 13.29 3.66 -5.88
CA GLU A 38 14.14 2.50 -6.08
C GLU A 38 13.77 1.38 -5.11
N ASP A 39 13.19 1.75 -3.99
CA ASP A 39 12.78 0.78 -2.98
C ASP A 39 11.42 1.14 -2.38
N PRO A 40 10.57 0.12 -2.19
CA PRO A 40 9.22 0.32 -1.63
C PRO A 40 9.26 0.71 -0.16
N ARG A 41 10.38 0.43 0.51
CA ARG A 41 10.54 0.76 1.92
C ARG A 41 11.00 2.20 2.09
N SER A 42 10.65 3.05 1.13
CA SER A 42 11.03 4.45 1.18
C SER A 42 9.91 5.29 1.78
N LEU A 43 8.69 5.11 1.28
CA LEU A 43 7.53 5.86 1.76
C LEU A 43 6.65 4.98 2.63
N GLY A 44 6.51 5.34 3.90
CA GLY A 44 5.69 4.57 4.82
C GLY A 44 6.46 4.15 6.06
N GLU A 45 5.85 3.28 6.85
CA GLU A 45 6.47 2.78 8.07
C GLU A 45 6.34 1.27 8.19
N PRO A 46 7.38 0.62 8.72
CA PRO A 46 7.40 -0.83 8.90
C PRO A 46 6.43 -1.31 9.98
N LEU A 47 5.77 -2.42 9.72
CA LEU A 47 4.81 -2.98 10.68
C LEU A 47 5.48 -4.03 11.57
N ARG A 48 5.24 -3.93 12.88
CA ARG A 48 5.81 -4.86 13.83
C ARG A 48 4.78 -5.28 14.88
N GLY A 49 4.33 -6.53 14.79
CA GLY A 49 3.34 -7.03 15.73
C GLY A 49 3.64 -8.44 16.20
N PRO A 50 2.85 -8.93 17.16
CA PRO A 50 3.02 -10.27 17.72
C PRO A 50 2.65 -11.37 16.71
N GLU A 51 1.54 -11.17 16.01
CA GLU A 51 1.08 -12.14 15.02
C GLU A 51 1.34 -11.63 13.61
N LEU A 52 1.15 -10.35 13.39
CA LEU A 52 1.38 -9.74 12.08
C LEU A 52 2.84 -9.86 11.68
N GLY A 53 3.08 -10.27 10.43
CA GLY A 53 4.43 -10.43 9.94
C GLY A 53 5.10 -9.09 9.66
N ARG A 54 5.98 -9.07 8.66
CA ARG A 54 6.69 -7.85 8.30
C ARG A 54 6.06 -7.21 7.07
N PHE A 55 5.12 -6.29 7.31
CA PHE A 55 4.44 -5.60 6.22
C PHE A 55 4.68 -4.10 6.28
N TRP A 56 4.73 -3.47 5.12
CA TRP A 56 4.95 -2.03 5.05
C TRP A 56 3.64 -1.26 5.09
N LYS A 57 3.68 -0.05 5.65
CA LYS A 57 2.49 0.78 5.76
C LYS A 57 2.69 2.11 5.02
N TYR A 58 1.85 2.35 4.01
CA TYR A 58 1.94 3.58 3.23
C TYR A 58 0.90 4.59 3.69
N ARG A 59 1.12 5.85 3.34
CA ARG A 59 0.21 6.92 3.73
C ARG A 59 -0.14 7.80 2.53
N VAL A 60 -1.43 8.00 2.30
CA VAL A 60 -1.89 8.82 1.18
C VAL A 60 -2.79 9.95 1.66
N GLY A 61 -2.17 11.02 2.17
CA GLY A 61 -2.92 12.16 2.65
C GLY A 61 -3.77 11.82 3.86
N ASP A 62 -4.91 11.17 3.62
CA ASP A 62 -5.81 10.78 4.69
C ASP A 62 -6.27 9.34 4.53
N TYR A 63 -5.39 8.50 3.98
CA TYR A 63 -5.71 7.10 3.76
C TYR A 63 -4.50 6.22 4.07
N ARG A 64 -4.74 5.13 4.80
CA ARG A 64 -3.67 4.20 5.15
C ARG A 64 -3.73 2.95 4.28
N LEU A 65 -2.58 2.55 3.74
CA LEU A 65 -2.49 1.38 2.90
C LEU A 65 -1.49 0.36 3.46
N ILE A 66 -1.92 -0.88 3.58
CA ILE A 66 -1.06 -1.94 4.10
C ILE A 66 -0.72 -2.95 3.01
N CYS A 67 0.49 -2.83 2.47
CA CYS A 67 0.95 -3.74 1.42
C CYS A 67 2.12 -4.58 1.90
N HIS A 68 2.40 -5.66 1.17
CA HIS A 68 3.49 -6.56 1.53
C HIS A 68 4.62 -6.48 0.51
N ILE A 69 5.82 -6.17 0.99
CA ILE A 69 6.99 -6.06 0.12
C ILE A 69 7.70 -7.40 -0.03
N GLN A 70 7.71 -7.92 -1.25
CA GLN A 70 8.37 -9.20 -1.53
C GLN A 70 9.71 -8.99 -2.21
N ASP A 71 10.78 -9.10 -1.42
CA ASP A 71 12.13 -8.93 -1.95
C ASP A 71 12.41 -9.92 -3.07
N ARG A 72 11.97 -11.16 -2.89
CA ARG A 72 12.18 -12.21 -3.88
C ARG A 72 12.10 -11.63 -5.29
N GLU A 73 10.99 -10.96 -5.60
CA GLU A 73 10.79 -10.37 -6.91
C GLU A 73 10.48 -8.88 -6.79
N ALA A 74 10.82 -8.30 -5.65
CA ALA A 74 10.58 -6.88 -5.41
C ALA A 74 9.20 -6.46 -5.90
N THR A 75 8.17 -7.21 -5.47
CA THR A 75 6.81 -6.92 -5.86
C THR A 75 5.96 -6.53 -4.65
N VAL A 76 5.24 -5.41 -4.78
CA VAL A 76 4.39 -4.93 -3.69
C VAL A 76 2.94 -5.36 -3.91
N LEU A 77 2.32 -5.89 -2.86
CA LEU A 77 0.94 -6.33 -2.94
C LEU A 77 0.11 -5.72 -1.80
N VAL A 78 -0.90 -4.94 -2.17
CA VAL A 78 -1.76 -4.30 -1.19
C VAL A 78 -2.63 -5.33 -0.47
N LEU A 79 -2.40 -5.47 0.84
CA LEU A 79 -3.15 -6.42 1.65
C LEU A 79 -4.48 -5.82 2.09
N ARG A 80 -4.41 -4.68 2.77
CA ARG A 80 -5.62 -4.01 3.24
C ARG A 80 -5.62 -2.54 2.84
N VAL A 81 -6.81 -1.96 2.74
CA VAL A 81 -6.95 -0.56 2.35
C VAL A 81 -8.06 0.12 3.14
N GLY A 82 -7.70 1.12 3.93
CA GLY A 82 -8.69 1.83 4.72
C GLY A 82 -8.20 3.20 5.16
N HIS A 83 -9.14 4.10 5.46
CA HIS A 83 -8.80 5.45 5.89
C HIS A 83 -8.11 5.42 7.24
N ALA A 84 -7.27 6.43 7.50
CA ALA A 84 -6.55 6.53 8.76
C ALA A 84 -7.47 6.20 9.94
N ARG A 85 -8.45 7.07 10.18
CA ARG A 85 -9.38 6.87 11.28
C ARG A 85 -9.76 5.40 11.42
N ASP A 86 -9.83 4.70 10.29
CA ASP A 86 -10.18 3.28 10.29
C ASP A 86 -8.99 2.43 10.72
N VAL A 87 -7.98 2.33 9.87
CA VAL A 87 -6.79 1.55 10.17
C VAL A 87 -6.08 2.09 11.40
N TYR A 88 -5.30 1.22 12.05
CA TYR A 88 -4.56 1.62 13.24
C TYR A 88 -3.90 2.98 13.05
N ARG A 89 -3.61 3.65 14.17
CA ARG A 89 -2.98 4.96 14.12
C ARG A 89 -1.90 5.01 13.04
N MET A 1 12.90 0.08 -14.37
CA MET A 1 11.55 -0.49 -14.35
C MET A 1 10.90 -0.29 -12.99
N GLY A 2 11.61 -0.64 -11.93
CA GLY A 2 11.08 -0.48 -10.59
C GLY A 2 10.28 -1.69 -10.14
N TYR A 3 9.87 -1.68 -8.87
CA TYR A 3 9.09 -2.79 -8.31
C TYR A 3 7.73 -2.88 -8.98
N ARG A 4 7.11 -4.05 -8.87
CA ARG A 4 5.79 -4.28 -9.46
C ARG A 4 4.68 -3.89 -8.48
N ILE A 5 3.61 -3.33 -9.02
CA ILE A 5 2.48 -2.91 -8.19
C ILE A 5 1.31 -3.88 -8.35
N GLU A 6 1.13 -4.75 -7.36
CA GLU A 6 0.04 -5.73 -7.39
C GLU A 6 -0.96 -5.46 -6.27
N PHE A 7 -2.14 -6.05 -6.38
CA PHE A 7 -3.18 -5.87 -5.39
C PHE A 7 -3.86 -7.21 -5.07
N ASP A 8 -4.28 -7.37 -3.82
CA ASP A 8 -4.94 -8.59 -3.38
C ASP A 8 -6.39 -8.62 -3.85
N PRO A 9 -6.99 -9.82 -3.86
CA PRO A 9 -8.38 -10.01 -4.28
C PRO A 9 -9.37 -9.41 -3.30
N ARG A 10 -8.88 -9.04 -2.12
CA ARG A 10 -9.72 -8.46 -1.08
C ARG A 10 -9.67 -6.94 -1.13
N ALA A 11 -8.46 -6.39 -1.13
CA ALA A 11 -8.26 -4.95 -1.17
C ALA A 11 -8.88 -4.35 -2.44
N GLU A 12 -8.71 -5.05 -3.55
CA GLU A 12 -9.26 -4.59 -4.83
C GLU A 12 -10.68 -4.07 -4.67
N LYS A 13 -11.51 -4.84 -3.98
CA LYS A 13 -12.90 -4.46 -3.74
C LYS A 13 -12.99 -3.37 -2.69
N GLU A 14 -12.25 -3.53 -1.59
CA GLU A 14 -12.25 -2.56 -0.52
C GLU A 14 -11.95 -1.16 -1.05
N LEU A 15 -11.04 -1.08 -2.02
CA LEU A 15 -10.67 0.20 -2.60
C LEU A 15 -11.74 0.68 -3.59
N GLU A 16 -12.21 -0.23 -4.43
CA GLU A 16 -13.24 0.10 -5.42
C GLU A 16 -14.39 0.85 -4.77
N LYS A 17 -14.72 0.47 -3.54
CA LYS A 17 -15.80 1.10 -2.80
C LYS A 17 -15.52 2.59 -2.58
N LEU A 18 -14.26 2.91 -2.30
CA LEU A 18 -13.86 4.29 -2.07
C LEU A 18 -14.29 5.19 -3.22
N ASP A 19 -14.08 6.49 -3.06
CA ASP A 19 -14.45 7.45 -4.09
C ASP A 19 -13.58 7.29 -5.33
N ARG A 20 -14.04 7.81 -6.46
CA ARG A 20 -13.31 7.72 -7.70
C ARG A 20 -12.01 8.53 -7.63
N GLU A 21 -12.13 9.80 -7.27
CA GLU A 21 -10.96 10.67 -7.16
C GLU A 21 -9.92 10.07 -6.21
N VAL A 22 -10.40 9.53 -5.10
CA VAL A 22 -9.51 8.93 -4.10
C VAL A 22 -8.82 7.69 -4.68
N ALA A 23 -9.61 6.74 -5.15
CA ALA A 23 -9.08 5.52 -5.72
C ALA A 23 -7.92 5.81 -6.67
N ARG A 24 -8.12 6.78 -7.55
CA ARG A 24 -7.09 7.15 -8.52
C ARG A 24 -5.86 7.71 -7.81
N ARG A 25 -6.07 8.60 -6.85
CA ARG A 25 -4.98 9.20 -6.10
C ARG A 25 -4.09 8.13 -5.49
N ILE A 26 -4.72 7.08 -4.95
CA ILE A 26 -3.97 6.00 -4.33
C ILE A 26 -3.11 5.27 -5.36
N LEU A 27 -3.76 4.68 -6.35
CA LEU A 27 -3.05 3.95 -7.41
C LEU A 27 -1.92 4.78 -7.98
N ARG A 28 -2.20 6.06 -8.24
CA ARG A 28 -1.20 6.97 -8.78
C ARG A 28 -0.05 7.17 -7.80
N PHE A 29 -0.39 7.39 -6.54
CA PHE A 29 0.62 7.60 -5.51
C PHE A 29 1.60 6.44 -5.45
N LEU A 30 1.09 5.24 -5.73
CA LEU A 30 1.92 4.04 -5.72
C LEU A 30 2.57 3.80 -7.08
N ARG A 31 1.93 4.32 -8.13
CA ARG A 31 2.43 4.17 -9.49
C ARG A 31 3.35 5.33 -9.86
N GLU A 32 3.40 6.34 -9.00
CA GLU A 32 4.22 7.51 -9.23
C GLU A 32 5.35 7.62 -8.20
N ARG A 33 4.97 7.88 -6.96
CA ARG A 33 5.94 8.00 -5.87
C ARG A 33 6.70 6.70 -5.67
N VAL A 34 6.02 5.69 -5.14
CA VAL A 34 6.62 4.39 -4.90
C VAL A 34 7.24 3.83 -6.18
N ALA A 35 6.52 3.97 -7.29
CA ALA A 35 7.00 3.48 -8.58
C ALA A 35 8.40 3.98 -8.87
N THR A 36 8.60 5.29 -8.75
CA THR A 36 9.90 5.90 -9.00
C THR A 36 10.90 5.53 -7.91
N LEU A 37 10.45 5.54 -6.67
CA LEU A 37 11.31 5.21 -5.53
C LEU A 37 12.05 3.89 -5.78
N GLU A 38 13.38 3.95 -5.73
CA GLU A 38 14.20 2.77 -5.96
C GLU A 38 13.71 1.60 -5.11
N ASP A 39 13.30 1.90 -3.88
CA ASP A 39 12.81 0.87 -2.97
C ASP A 39 11.49 1.30 -2.33
N PRO A 40 10.59 0.33 -2.12
CA PRO A 40 9.28 0.57 -1.53
C PRO A 40 9.38 0.93 -0.04
N ARG A 41 10.60 0.90 0.49
CA ARG A 41 10.82 1.23 1.89
C ARG A 41 11.40 2.63 2.04
N SER A 42 10.78 3.59 1.35
CA SER A 42 11.23 4.97 1.40
C SER A 42 10.17 5.88 2.01
N LEU A 43 8.95 5.76 1.50
CA LEU A 43 7.83 6.56 1.99
C LEU A 43 7.10 5.84 3.12
N GLY A 44 6.58 4.65 2.82
CA GLY A 44 5.87 3.89 3.82
C GLY A 44 6.63 3.76 5.12
N GLU A 45 6.03 3.12 6.11
CA GLU A 45 6.67 2.94 7.40
C GLU A 45 6.72 1.47 7.79
N PRO A 46 7.82 1.07 8.45
CA PRO A 46 8.02 -0.32 8.89
C PRO A 46 7.07 -0.72 10.02
N LEU A 47 6.02 -1.45 9.66
CA LEU A 47 5.04 -1.90 10.63
C LEU A 47 5.52 -3.16 11.34
N ARG A 48 5.86 -3.03 12.62
CA ARG A 48 6.33 -4.16 13.41
C ARG A 48 5.69 -4.15 14.80
N GLY A 49 4.88 -5.17 15.08
CA GLY A 49 4.23 -5.26 16.37
C GLY A 49 3.76 -6.67 16.68
N PRO A 50 3.33 -6.90 17.93
CA PRO A 50 2.83 -8.20 18.38
C PRO A 50 1.48 -8.55 17.76
N GLU A 51 0.90 -7.59 17.06
CA GLU A 51 -0.40 -7.80 16.41
C GLU A 51 -0.22 -8.25 14.97
N LEU A 52 0.62 -7.53 14.22
CA LEU A 52 0.88 -7.85 12.83
C LEU A 52 2.33 -8.28 12.63
N GLY A 53 2.54 -9.26 11.76
CA GLY A 53 3.88 -9.74 11.50
C GLY A 53 4.74 -8.70 10.80
N ARG A 54 5.02 -8.94 9.51
CA ARG A 54 5.85 -8.02 8.73
C ARG A 54 5.08 -7.49 7.52
N PHE A 55 4.56 -6.28 7.63
CA PHE A 55 3.80 -5.67 6.55
C PHE A 55 4.16 -4.18 6.41
N TRP A 56 4.48 -3.77 5.18
CA TRP A 56 4.83 -2.38 4.92
C TRP A 56 3.58 -1.51 4.84
N LYS A 57 3.64 -0.34 5.47
CA LYS A 57 2.52 0.59 5.47
C LYS A 57 2.83 1.82 4.63
N TYR A 58 1.85 2.28 3.87
CA TYR A 58 2.02 3.46 3.03
C TYR A 58 1.10 4.59 3.47
N ARG A 59 1.62 5.82 3.42
CA ARG A 59 0.84 6.98 3.82
C ARG A 59 0.36 7.76 2.60
N VAL A 60 -0.96 7.90 2.48
CA VAL A 60 -1.55 8.61 1.36
C VAL A 60 -2.60 9.62 1.84
N GLY A 61 -2.15 10.83 2.15
CA GLY A 61 -3.07 11.86 2.62
C GLY A 61 -3.84 11.43 3.84
N ASP A 62 -5.16 11.32 3.69
CA ASP A 62 -6.02 10.91 4.80
C ASP A 62 -6.46 9.46 4.64
N TYR A 63 -5.54 8.61 4.18
CA TYR A 63 -5.84 7.20 3.99
C TYR A 63 -4.58 6.36 4.17
N ARG A 64 -4.75 5.20 4.79
CA ARG A 64 -3.64 4.28 5.03
C ARG A 64 -3.74 3.04 4.16
N LEU A 65 -2.60 2.58 3.65
CA LEU A 65 -2.56 1.40 2.80
C LEU A 65 -1.56 0.38 3.31
N ILE A 66 -2.02 -0.85 3.51
CA ILE A 66 -1.14 -1.92 4.00
C ILE A 66 -0.81 -2.90 2.89
N CYS A 67 0.43 -2.85 2.41
CA CYS A 67 0.89 -3.74 1.35
C CYS A 67 1.94 -4.70 1.87
N HIS A 68 2.27 -5.69 1.05
CA HIS A 68 3.27 -6.69 1.42
C HIS A 68 4.45 -6.67 0.46
N ILE A 69 5.59 -6.17 0.94
CA ILE A 69 6.80 -6.09 0.13
C ILE A 69 7.45 -7.46 -0.01
N GLN A 70 7.53 -7.96 -1.24
CA GLN A 70 8.14 -9.25 -1.50
C GLN A 70 9.52 -9.09 -2.14
N ASP A 71 10.54 -8.97 -1.30
CA ASP A 71 11.91 -8.81 -1.78
C ASP A 71 12.28 -9.92 -2.75
N ARG A 72 11.83 -11.14 -2.45
CA ARG A 72 12.12 -12.29 -3.29
C ARG A 72 11.87 -11.96 -4.76
N GLU A 73 10.70 -11.40 -5.05
CA GLU A 73 10.34 -11.04 -6.42
C GLU A 73 10.22 -9.53 -6.57
N ALA A 74 10.85 -8.79 -5.66
CA ALA A 74 10.82 -7.33 -5.70
C ALA A 74 9.44 -6.84 -6.14
N THR A 75 8.39 -7.49 -5.64
CA THR A 75 7.03 -7.11 -5.99
C THR A 75 6.22 -6.77 -4.74
N VAL A 76 5.41 -5.72 -4.83
CA VAL A 76 4.58 -5.30 -3.71
C VAL A 76 3.11 -5.58 -3.98
N LEU A 77 2.48 -6.32 -3.08
CA LEU A 77 1.07 -6.67 -3.22
C LEU A 77 0.25 -6.05 -2.09
N VAL A 78 -0.69 -5.18 -2.46
CA VAL A 78 -1.54 -4.52 -1.48
C VAL A 78 -2.41 -5.53 -0.73
N LEU A 79 -2.39 -5.45 0.60
CA LEU A 79 -3.18 -6.36 1.43
C LEU A 79 -4.53 -5.75 1.78
N ARG A 80 -4.50 -4.54 2.35
CA ARG A 80 -5.72 -3.85 2.74
C ARG A 80 -5.65 -2.38 2.35
N VAL A 81 -6.80 -1.73 2.32
CA VAL A 81 -6.88 -0.31 1.98
C VAL A 81 -8.05 0.37 2.68
N GLY A 82 -7.73 1.32 3.55
CA GLY A 82 -8.77 2.03 4.28
C GLY A 82 -8.29 3.38 4.79
N HIS A 83 -9.24 4.28 5.04
CA HIS A 83 -8.91 5.61 5.54
C HIS A 83 -7.91 5.53 6.69
N ALA A 84 -7.23 6.65 6.95
CA ALA A 84 -6.24 6.70 8.02
C ALA A 84 -6.91 6.96 9.36
N ARG A 85 -8.08 6.36 9.57
CA ARG A 85 -8.81 6.53 10.81
C ARG A 85 -9.12 5.18 11.44
N ASP A 86 -9.88 4.35 10.73
CA ASP A 86 -10.24 3.02 11.22
C ASP A 86 -9.01 2.15 11.41
N VAL A 87 -8.16 2.09 10.39
CA VAL A 87 -6.95 1.30 10.45
C VAL A 87 -6.09 1.69 11.64
N TYR A 88 -5.90 2.99 11.82
CA TYR A 88 -5.09 3.50 12.93
C TYR A 88 -5.97 3.82 14.13
N ARG A 89 -5.78 3.06 15.21
CA ARG A 89 -6.56 3.25 16.43
C ARG A 89 -5.64 3.66 17.59
N MET A 1 12.19 1.38 -14.10
CA MET A 1 12.67 0.35 -13.19
C MET A 1 12.11 0.56 -11.79
N GLY A 2 11.92 -0.55 -11.07
CA GLY A 2 11.38 -0.47 -9.73
C GLY A 2 10.68 -1.74 -9.31
N TYR A 3 9.77 -1.63 -8.33
CA TYR A 3 9.03 -2.78 -7.84
C TYR A 3 7.68 -2.90 -8.55
N ARG A 4 7.09 -4.08 -8.49
CA ARG A 4 5.80 -4.33 -9.11
C ARG A 4 4.65 -3.91 -8.20
N ILE A 5 3.56 -3.45 -8.79
CA ILE A 5 2.40 -3.01 -8.02
C ILE A 5 1.26 -4.02 -8.13
N GLU A 6 1.02 -4.75 -7.05
CA GLU A 6 -0.05 -5.75 -7.03
C GLU A 6 -1.08 -5.42 -5.95
N PHE A 7 -2.31 -5.88 -6.15
CA PHE A 7 -3.38 -5.64 -5.19
C PHE A 7 -4.20 -6.91 -4.96
N ASP A 8 -4.33 -7.29 -3.69
CA ASP A 8 -5.10 -8.48 -3.33
C ASP A 8 -6.50 -8.43 -3.93
N PRO A 9 -7.12 -9.61 -4.08
CA PRO A 9 -8.47 -9.73 -4.64
C PRO A 9 -9.54 -9.18 -3.69
N ARG A 10 -9.14 -8.88 -2.47
CA ARG A 10 -10.06 -8.35 -1.47
C ARG A 10 -9.98 -6.83 -1.42
N ALA A 11 -8.76 -6.29 -1.44
CA ALA A 11 -8.56 -4.85 -1.38
C ALA A 11 -9.12 -4.18 -2.64
N GLU A 12 -8.70 -4.67 -3.80
CA GLU A 12 -9.17 -4.11 -5.07
C GLU A 12 -10.63 -3.67 -4.96
N LYS A 13 -11.43 -4.45 -4.24
CA LYS A 13 -12.84 -4.13 -4.07
C LYS A 13 -13.04 -3.10 -2.96
N GLU A 14 -12.39 -3.32 -1.82
CA GLU A 14 -12.50 -2.40 -0.70
C GLU A 14 -12.16 -0.98 -1.12
N LEU A 15 -11.10 -0.84 -1.90
CA LEU A 15 -10.67 0.48 -2.39
C LEU A 15 -11.58 0.97 -3.52
N GLU A 16 -11.85 0.08 -4.47
CA GLU A 16 -12.70 0.43 -5.60
C GLU A 16 -13.99 1.10 -5.13
N LYS A 17 -14.44 0.72 -3.94
CA LYS A 17 -15.66 1.29 -3.36
C LYS A 17 -15.44 2.73 -2.92
N LEU A 18 -14.23 3.04 -2.49
CA LEU A 18 -13.89 4.39 -2.04
C LEU A 18 -14.18 5.41 -3.14
N ASP A 19 -14.07 6.69 -2.79
CA ASP A 19 -14.31 7.76 -3.75
C ASP A 19 -13.47 7.57 -5.01
N ARG A 20 -14.13 7.59 -6.16
CA ARG A 20 -13.45 7.41 -7.44
C ARG A 20 -12.16 8.22 -7.48
N GLU A 21 -12.24 9.47 -7.02
CA GLU A 21 -11.07 10.35 -7.01
C GLU A 21 -9.96 9.77 -6.14
N VAL A 22 -10.31 9.37 -4.92
CA VAL A 22 -9.35 8.80 -4.00
C VAL A 22 -8.68 7.57 -4.59
N ALA A 23 -9.48 6.62 -5.06
CA ALA A 23 -8.95 5.40 -5.67
C ALA A 23 -7.85 5.72 -6.67
N ARG A 24 -8.16 6.58 -7.63
CA ARG A 24 -7.20 6.96 -8.66
C ARG A 24 -5.94 7.56 -8.03
N ARG A 25 -6.14 8.39 -7.00
CA ARG A 25 -5.03 9.03 -6.31
C ARG A 25 -4.06 7.99 -5.76
N ILE A 26 -4.60 6.97 -5.11
CA ILE A 26 -3.78 5.90 -4.54
C ILE A 26 -2.94 5.22 -5.61
N LEU A 27 -3.60 4.71 -6.63
CA LEU A 27 -2.92 4.03 -7.73
C LEU A 27 -1.87 4.94 -8.37
N ARG A 28 -2.24 6.20 -8.55
CA ARG A 28 -1.33 7.18 -9.15
C ARG A 28 -0.18 7.52 -8.20
N PHE A 29 -0.41 7.27 -6.92
CA PHE A 29 0.60 7.56 -5.90
C PHE A 29 1.61 6.40 -5.80
N LEU A 30 1.12 5.18 -6.04
CA LEU A 30 1.97 4.00 -5.97
C LEU A 30 2.60 3.70 -7.33
N ARG A 31 2.01 4.25 -8.38
CA ARG A 31 2.50 4.04 -9.74
C ARG A 31 3.47 5.15 -10.13
N GLU A 32 3.44 6.25 -9.38
CA GLU A 32 4.32 7.38 -9.65
C GLU A 32 5.42 7.47 -8.62
N ARG A 33 5.04 7.65 -7.36
CA ARG A 33 6.00 7.76 -6.27
C ARG A 33 6.73 6.44 -6.06
N VAL A 34 6.02 5.46 -5.50
CA VAL A 34 6.60 4.14 -5.24
C VAL A 34 7.26 3.57 -6.50
N ALA A 35 6.59 3.75 -7.63
CA ALA A 35 7.11 3.25 -8.91
C ALA A 35 8.52 3.78 -9.17
N THR A 36 8.70 5.08 -8.98
CA THR A 36 10.00 5.71 -9.20
C THR A 36 11.00 5.28 -8.12
N LEU A 37 10.68 5.60 -6.87
CA LEU A 37 11.54 5.24 -5.75
C LEU A 37 12.23 3.90 -5.99
N GLU A 38 13.55 3.91 -5.98
CA GLU A 38 14.33 2.69 -6.19
C GLU A 38 13.84 1.58 -5.27
N ASP A 39 13.48 1.94 -4.05
CA ASP A 39 12.99 0.97 -3.07
C ASP A 39 11.65 1.41 -2.50
N PRO A 40 10.75 0.43 -2.31
CA PRO A 40 9.40 0.69 -1.75
C PRO A 40 9.46 1.08 -0.28
N ARG A 41 10.61 0.87 0.35
CA ARG A 41 10.77 1.21 1.76
C ARG A 41 11.31 2.62 1.92
N SER A 42 10.71 3.56 1.20
CA SER A 42 11.13 4.96 1.26
C SER A 42 10.06 5.82 1.91
N LEU A 43 8.80 5.52 1.59
CA LEU A 43 7.67 6.27 2.16
C LEU A 43 7.04 5.51 3.31
N GLY A 44 6.35 4.42 2.99
CA GLY A 44 5.70 3.62 4.02
C GLY A 44 6.64 3.29 5.16
N GLU A 45 6.07 2.76 6.24
CA GLU A 45 6.86 2.39 7.41
C GLU A 45 6.65 0.93 7.79
N PRO A 46 7.72 0.29 8.29
CA PRO A 46 7.66 -1.12 8.70
C PRO A 46 6.82 -1.34 9.95
N LEU A 47 6.17 -2.49 10.02
CA LEU A 47 5.33 -2.82 11.17
C LEU A 47 6.17 -3.25 12.36
N ARG A 48 5.59 -3.14 13.55
CA ARG A 48 6.30 -3.51 14.77
C ARG A 48 5.48 -4.50 15.60
N GLY A 49 6.17 -5.35 16.35
CA GLY A 49 5.49 -6.34 17.17
C GLY A 49 6.38 -7.48 17.56
N PRO A 50 5.81 -8.49 18.23
CA PRO A 50 6.56 -9.67 18.68
C PRO A 50 6.98 -10.57 17.52
N GLU A 51 6.05 -10.85 16.63
CA GLU A 51 6.33 -11.69 15.46
C GLU A 51 6.07 -10.93 14.17
N LEU A 52 5.22 -9.92 14.24
CA LEU A 52 4.89 -9.11 13.07
C LEU A 52 6.05 -8.17 12.72
N GLY A 53 6.06 -7.70 11.48
CA GLY A 53 7.11 -6.78 11.04
C GLY A 53 7.31 -6.81 9.54
N ARG A 54 7.03 -7.96 8.93
CA ARG A 54 7.19 -8.12 7.49
C ARG A 54 5.98 -7.55 6.75
N PHE A 55 5.72 -6.27 6.95
CA PHE A 55 4.59 -5.60 6.31
C PHE A 55 4.82 -4.10 6.24
N TRP A 56 4.85 -3.56 5.02
CA TRP A 56 5.06 -2.14 4.82
C TRP A 56 3.73 -1.42 4.61
N LYS A 57 3.53 -0.35 5.38
CA LYS A 57 2.30 0.44 5.29
C LYS A 57 2.57 1.82 4.72
N TYR A 58 1.74 2.26 3.79
CA TYR A 58 1.90 3.57 3.16
C TYR A 58 0.83 4.54 3.67
N ARG A 59 1.13 5.83 3.56
CA ARG A 59 0.21 6.86 4.01
C ARG A 59 -0.16 7.81 2.87
N VAL A 60 -1.44 7.84 2.52
CA VAL A 60 -1.92 8.70 1.45
C VAL A 60 -2.86 9.78 1.97
N GLY A 61 -2.29 10.94 2.30
CA GLY A 61 -3.09 12.04 2.81
C GLY A 61 -3.85 11.66 4.06
N ASP A 62 -5.02 11.05 3.87
CA ASP A 62 -5.85 10.65 5.00
C ASP A 62 -6.34 9.21 4.83
N TYR A 63 -5.45 8.35 4.33
CA TYR A 63 -5.79 6.95 4.11
C TYR A 63 -4.59 6.05 4.36
N ARG A 64 -4.84 4.89 4.97
CA ARG A 64 -3.77 3.94 5.27
C ARG A 64 -3.83 2.74 4.32
N LEU A 65 -2.68 2.39 3.75
CA LEU A 65 -2.60 1.27 2.83
C LEU A 65 -1.57 0.24 3.31
N ILE A 66 -2.05 -0.95 3.66
CA ILE A 66 -1.18 -2.01 4.13
C ILE A 66 -0.66 -2.85 2.97
N CYS A 67 0.60 -2.64 2.61
CA CYS A 67 1.23 -3.38 1.52
C CYS A 67 2.27 -4.36 2.05
N HIS A 68 2.59 -5.37 1.24
CA HIS A 68 3.58 -6.37 1.63
C HIS A 68 4.73 -6.42 0.62
N ILE A 69 5.87 -5.84 1.00
CA ILE A 69 7.04 -5.81 0.14
C ILE A 69 7.66 -7.20 0.02
N GLN A 70 7.66 -7.75 -1.18
CA GLN A 70 8.23 -9.07 -1.43
C GLN A 70 9.62 -8.96 -2.04
N ASP A 71 10.64 -8.99 -1.21
CA ASP A 71 12.02 -8.89 -1.68
C ASP A 71 12.31 -9.95 -2.74
N ARG A 72 11.77 -11.14 -2.53
CA ARG A 72 11.97 -12.24 -3.47
C ARG A 72 12.01 -11.73 -4.91
N GLU A 73 10.93 -11.09 -5.33
CA GLU A 73 10.84 -10.56 -6.69
C GLU A 73 10.54 -9.06 -6.67
N ALA A 74 10.99 -8.39 -5.61
CA ALA A 74 10.77 -6.96 -5.46
C ALA A 74 9.38 -6.56 -5.95
N THR A 75 8.36 -7.23 -5.42
CA THR A 75 6.99 -6.94 -5.81
C THR A 75 6.14 -6.60 -4.60
N VAL A 76 5.49 -5.44 -4.64
CA VAL A 76 4.64 -4.99 -3.55
C VAL A 76 3.19 -5.44 -3.75
N LEU A 77 2.67 -6.19 -2.79
CA LEU A 77 1.30 -6.68 -2.87
C LEU A 77 0.44 -6.11 -1.73
N VAL A 78 -0.63 -5.42 -2.10
CA VAL A 78 -1.52 -4.82 -1.12
C VAL A 78 -2.31 -5.90 -0.37
N LEU A 79 -2.62 -5.63 0.90
CA LEU A 79 -3.38 -6.56 1.72
C LEU A 79 -4.69 -5.95 2.18
N ARG A 80 -4.63 -4.71 2.65
CA ARG A 80 -5.82 -4.01 3.13
C ARG A 80 -5.78 -2.54 2.72
N VAL A 81 -6.95 -1.92 2.66
CA VAL A 81 -7.05 -0.51 2.28
C VAL A 81 -8.20 0.16 3.00
N GLY A 82 -7.88 1.13 3.87
CA GLY A 82 -8.90 1.84 4.61
C GLY A 82 -8.41 3.17 5.14
N HIS A 83 -9.34 4.08 5.43
CA HIS A 83 -9.00 5.39 5.94
C HIS A 83 -8.21 5.28 7.24
N ALA A 84 -7.18 6.09 7.39
CA ALA A 84 -6.34 6.07 8.58
C ALA A 84 -7.18 5.81 9.83
N ARG A 85 -8.25 6.58 9.99
CA ARG A 85 -9.13 6.43 11.14
C ARG A 85 -9.69 5.01 11.22
N ASP A 86 -10.17 4.50 10.09
CA ASP A 86 -10.73 3.16 10.04
C ASP A 86 -9.68 2.12 10.46
N VAL A 87 -8.68 1.93 9.61
CA VAL A 87 -7.61 0.97 9.88
C VAL A 87 -7.22 1.01 11.36
N TYR A 88 -6.60 2.10 11.76
CA TYR A 88 -6.17 2.27 13.15
C TYR A 88 -6.75 3.52 13.77
N ARG A 89 -7.74 3.35 14.64
CA ARG A 89 -8.39 4.48 15.30
C ARG A 89 -7.46 5.12 16.33
N MET A 1 15.53 -3.17 -10.28
CA MET A 1 15.12 -1.99 -11.04
C MET A 1 13.61 -1.77 -10.92
N GLY A 2 13.20 -1.04 -9.89
CA GLY A 2 11.78 -0.78 -9.68
C GLY A 2 11.04 -1.98 -9.11
N TYR A 3 9.86 -1.73 -8.57
CA TYR A 3 9.04 -2.79 -7.99
C TYR A 3 7.70 -2.89 -8.69
N ARG A 4 7.11 -4.08 -8.65
CA ARG A 4 5.81 -4.31 -9.28
C ARG A 4 4.68 -3.87 -8.35
N ILE A 5 3.59 -3.37 -8.95
CA ILE A 5 2.45 -2.91 -8.19
C ILE A 5 1.27 -3.88 -8.33
N GLU A 6 1.06 -4.69 -7.31
CA GLU A 6 -0.03 -5.66 -7.30
C GLU A 6 -1.05 -5.35 -6.21
N PHE A 7 -2.25 -5.88 -6.36
CA PHE A 7 -3.31 -5.66 -5.38
C PHE A 7 -4.07 -6.96 -5.09
N ASP A 8 -4.27 -7.25 -3.81
CA ASP A 8 -4.98 -8.46 -3.41
C ASP A 8 -6.42 -8.45 -3.95
N PRO A 9 -7.05 -9.63 -3.96
CA PRO A 9 -8.42 -9.79 -4.45
C PRO A 9 -9.44 -9.15 -3.50
N ARG A 10 -8.99 -8.78 -2.30
CA ARG A 10 -9.86 -8.17 -1.31
C ARG A 10 -9.74 -6.65 -1.35
N ALA A 11 -8.50 -6.16 -1.32
CA ALA A 11 -8.25 -4.73 -1.36
C ALA A 11 -8.78 -4.11 -2.65
N GLU A 12 -8.65 -4.85 -3.75
CA GLU A 12 -9.12 -4.37 -5.05
C GLU A 12 -10.56 -3.87 -4.97
N LYS A 13 -11.41 -4.64 -4.30
CA LYS A 13 -12.81 -4.27 -4.13
C LYS A 13 -12.96 -3.11 -3.15
N GLU A 14 -12.27 -3.21 -2.02
CA GLU A 14 -12.33 -2.17 -1.00
C GLU A 14 -11.98 -0.81 -1.59
N LEU A 15 -10.85 -0.73 -2.26
CA LEU A 15 -10.40 0.51 -2.87
C LEU A 15 -11.33 0.92 -4.01
N GLU A 16 -11.70 -0.05 -4.84
CA GLU A 16 -12.59 0.22 -5.97
C GLU A 16 -13.90 0.84 -5.50
N LYS A 17 -14.23 0.59 -4.24
CA LYS A 17 -15.47 1.12 -3.67
C LYS A 17 -15.23 2.50 -3.05
N LEU A 18 -13.99 2.75 -2.63
CA LEU A 18 -13.63 4.03 -2.03
C LEU A 18 -13.89 5.18 -3.00
N ASP A 19 -13.90 6.40 -2.47
CA ASP A 19 -14.14 7.59 -3.28
C ASP A 19 -13.42 7.48 -4.62
N ARG A 20 -14.12 7.78 -5.70
CA ARG A 20 -13.54 7.72 -7.04
C ARG A 20 -12.20 8.43 -7.09
N GLU A 21 -12.16 9.63 -6.53
CA GLU A 21 -10.93 10.43 -6.51
C GLU A 21 -9.84 9.71 -5.71
N VAL A 22 -10.17 9.30 -4.49
CA VAL A 22 -9.23 8.61 -3.63
C VAL A 22 -8.64 7.39 -4.33
N ALA A 23 -9.50 6.53 -4.86
CA ALA A 23 -9.06 5.33 -5.55
C ALA A 23 -7.98 5.65 -6.58
N ARG A 24 -8.30 6.57 -7.49
CA ARG A 24 -7.35 6.97 -8.53
C ARG A 24 -6.09 7.57 -7.92
N ARG A 25 -6.27 8.41 -6.90
CA ARG A 25 -5.15 9.05 -6.22
C ARG A 25 -4.23 8.01 -5.60
N ILE A 26 -4.81 6.95 -5.07
CA ILE A 26 -4.05 5.89 -4.44
C ILE A 26 -3.17 5.16 -5.47
N LEU A 27 -3.82 4.49 -6.41
CA LEU A 27 -3.12 3.75 -7.45
C LEU A 27 -2.00 4.60 -8.05
N ARG A 28 -2.33 5.82 -8.43
CA ARG A 28 -1.37 6.73 -9.02
C ARG A 28 -0.19 6.96 -8.07
N PHE A 29 -0.50 7.33 -6.84
CA PHE A 29 0.53 7.59 -5.83
C PHE A 29 1.53 6.44 -5.78
N LEU A 30 1.04 5.22 -5.97
CA LEU A 30 1.90 4.04 -5.95
C LEU A 30 2.49 3.77 -7.33
N ARG A 31 1.78 4.19 -8.37
CA ARG A 31 2.23 4.00 -9.74
C ARG A 31 3.13 5.15 -10.18
N GLU A 32 3.22 6.18 -9.35
CA GLU A 32 4.04 7.35 -9.66
C GLU A 32 5.19 7.47 -8.67
N ARG A 33 4.85 7.71 -7.41
CA ARG A 33 5.86 7.85 -6.37
C ARG A 33 6.67 6.56 -6.20
N VAL A 34 6.02 5.55 -5.64
CA VAL A 34 6.67 4.25 -5.44
C VAL A 34 7.26 3.71 -6.73
N ALA A 35 6.43 3.67 -7.78
CA ALA A 35 6.86 3.19 -9.08
C ALA A 35 8.28 3.65 -9.39
N THR A 36 8.59 4.88 -9.00
CA THR A 36 9.92 5.45 -9.25
C THR A 36 10.88 5.11 -8.12
N LEU A 37 10.47 5.40 -6.89
CA LEU A 37 11.30 5.12 -5.72
C LEU A 37 12.07 3.82 -5.89
N GLU A 38 13.39 3.91 -5.81
CA GLU A 38 14.24 2.73 -5.96
C GLU A 38 13.87 1.66 -4.94
N ASP A 39 13.35 2.08 -3.80
CA ASP A 39 12.94 1.15 -2.75
C ASP A 39 11.55 1.49 -2.24
N PRO A 40 10.70 0.46 -2.10
CA PRO A 40 9.33 0.62 -1.62
C PRO A 40 9.27 0.98 -0.15
N ARG A 41 10.38 0.80 0.55
CA ARG A 41 10.46 1.10 1.98
C ARG A 41 10.89 2.55 2.20
N SER A 42 10.27 3.46 1.46
CA SER A 42 10.60 4.88 1.58
C SER A 42 9.37 5.68 2.00
N LEU A 43 8.22 5.36 1.42
CA LEU A 43 6.98 6.05 1.74
C LEU A 43 6.15 5.24 2.73
N GLY A 44 6.82 4.52 3.62
CA GLY A 44 6.14 3.72 4.62
C GLY A 44 6.98 3.46 5.85
N GLU A 45 6.38 2.85 6.86
CA GLU A 45 7.08 2.55 8.10
C GLU A 45 6.99 1.06 8.42
N PRO A 46 8.04 0.54 9.10
CA PRO A 46 8.10 -0.87 9.48
C PRO A 46 7.09 -1.22 10.57
N LEU A 47 6.39 -2.34 10.38
CA LEU A 47 5.40 -2.79 11.35
C LEU A 47 5.89 -4.00 12.12
N ARG A 48 6.30 -3.78 13.37
CA ARG A 48 6.79 -4.85 14.21
C ARG A 48 5.75 -5.26 15.26
N GLY A 49 5.01 -6.33 14.97
CA GLY A 49 4.00 -6.79 15.89
C GLY A 49 4.09 -8.29 16.15
N PRO A 50 3.75 -8.70 17.38
CA PRO A 50 3.80 -10.11 17.79
C PRO A 50 2.71 -10.94 17.11
N GLU A 51 1.80 -10.26 16.40
CA GLU A 51 0.72 -10.94 15.71
C GLU A 51 0.97 -10.98 14.20
N LEU A 52 1.20 -9.80 13.63
CA LEU A 52 1.46 -9.71 12.19
C LEU A 52 2.89 -10.12 11.87
N GLY A 53 3.85 -9.24 12.18
CA GLY A 53 5.24 -9.53 11.91
C GLY A 53 5.93 -8.42 11.14
N ARG A 54 5.95 -8.56 9.82
CA ARG A 54 6.59 -7.56 8.96
C ARG A 54 5.65 -7.16 7.83
N PHE A 55 5.20 -5.91 7.85
CA PHE A 55 4.30 -5.40 6.82
C PHE A 55 4.43 -3.88 6.69
N TRP A 56 5.04 -3.44 5.60
CA TRP A 56 5.24 -2.01 5.36
C TRP A 56 3.89 -1.29 5.28
N LYS A 57 3.79 -0.17 5.98
CA LYS A 57 2.56 0.62 5.99
C LYS A 57 2.76 1.96 5.30
N TYR A 58 2.01 2.18 4.23
CA TYR A 58 2.11 3.42 3.47
C TYR A 58 1.06 4.43 3.93
N ARG A 59 1.28 5.70 3.59
CA ARG A 59 0.35 6.76 3.97
C ARG A 59 0.07 7.67 2.78
N VAL A 60 -1.22 7.88 2.51
CA VAL A 60 -1.64 8.73 1.40
C VAL A 60 -2.63 9.80 1.87
N GLY A 61 -2.16 11.03 2.00
CA GLY A 61 -3.02 12.11 2.43
C GLY A 61 -3.81 11.76 3.67
N ASP A 62 -5.05 11.30 3.48
CA ASP A 62 -5.91 10.93 4.58
C ASP A 62 -6.35 9.48 4.47
N TYR A 63 -5.46 8.62 3.97
CA TYR A 63 -5.76 7.21 3.80
C TYR A 63 -4.53 6.35 4.07
N ARG A 64 -4.73 5.23 4.76
CA ARG A 64 -3.63 4.33 5.08
C ARG A 64 -3.73 3.04 4.25
N LEU A 65 -2.60 2.64 3.68
CA LEU A 65 -2.54 1.43 2.86
C LEU A 65 -1.47 0.48 3.37
N ILE A 66 -1.84 -0.80 3.49
CA ILE A 66 -0.91 -1.81 3.97
C ILE A 66 -0.63 -2.85 2.89
N CYS A 67 0.55 -2.78 2.29
CA CYS A 67 0.94 -3.72 1.25
C CYS A 67 2.06 -4.63 1.72
N HIS A 68 2.22 -5.77 1.03
CA HIS A 68 3.25 -6.73 1.39
C HIS A 68 4.43 -6.65 0.42
N ILE A 69 5.59 -6.28 0.95
CA ILE A 69 6.79 -6.16 0.13
C ILE A 69 7.52 -7.49 0.01
N GLN A 70 7.62 -8.01 -1.21
CA GLN A 70 8.29 -9.28 -1.45
C GLN A 70 9.67 -9.06 -2.08
N ASP A 71 10.70 -9.08 -1.25
CA ASP A 71 12.07 -8.88 -1.73
C ASP A 71 12.41 -9.89 -2.83
N ARG A 72 12.01 -11.14 -2.63
CA ARG A 72 12.27 -12.19 -3.60
C ARG A 72 12.20 -11.65 -5.02
N GLU A 73 11.06 -11.06 -5.37
CA GLU A 73 10.87 -10.51 -6.70
C GLU A 73 10.50 -9.03 -6.63
N ALA A 74 10.95 -8.37 -5.56
CA ALA A 74 10.66 -6.95 -5.36
C ALA A 74 9.26 -6.60 -5.84
N THR A 75 8.27 -7.34 -5.35
CA THR A 75 6.88 -7.11 -5.72
C THR A 75 6.05 -6.66 -4.52
N VAL A 76 5.25 -5.63 -4.71
CA VAL A 76 4.40 -5.11 -3.64
C VAL A 76 2.93 -5.43 -3.90
N LEU A 77 2.35 -6.23 -3.02
CA LEU A 77 0.95 -6.62 -3.15
C LEU A 77 0.11 -6.03 -2.01
N VAL A 78 -0.78 -5.11 -2.35
CA VAL A 78 -1.64 -4.48 -1.36
C VAL A 78 -2.45 -5.53 -0.59
N LEU A 79 -2.52 -5.35 0.73
CA LEU A 79 -3.26 -6.28 1.58
C LEU A 79 -4.57 -5.66 2.04
N ARG A 80 -4.48 -4.49 2.66
CA ARG A 80 -5.66 -3.79 3.15
C ARG A 80 -5.61 -2.31 2.79
N VAL A 81 -6.75 -1.75 2.42
CA VAL A 81 -6.84 -0.34 2.05
C VAL A 81 -8.01 0.34 2.75
N GLY A 82 -7.70 1.29 3.63
CA GLY A 82 -8.74 2.01 4.34
C GLY A 82 -8.25 3.33 4.89
N HIS A 83 -9.19 4.25 5.13
CA HIS A 83 -8.85 5.56 5.66
C HIS A 83 -7.95 5.44 6.90
N ALA A 84 -7.30 6.53 7.27
CA ALA A 84 -6.43 6.55 8.43
C ALA A 84 -7.17 6.09 9.68
N ARG A 85 -8.45 6.42 9.76
CA ARG A 85 -9.27 6.04 10.91
C ARG A 85 -10.05 4.77 10.61
N ASP A 86 -10.11 4.41 9.35
CA ASP A 86 -10.83 3.20 8.93
C ASP A 86 -10.07 1.95 9.33
N VAL A 87 -8.85 1.82 8.84
CA VAL A 87 -8.01 0.67 9.14
C VAL A 87 -8.00 0.38 10.64
N TYR A 88 -7.64 1.38 11.43
CA TYR A 88 -7.58 1.24 12.88
C TYR A 88 -8.43 2.29 13.57
N ARG A 89 -9.70 1.97 13.79
CA ARG A 89 -10.62 2.90 14.44
C ARG A 89 -9.91 3.68 15.53
N MET A 1 15.23 0.98 -11.95
CA MET A 1 14.90 0.05 -10.87
C MET A 1 13.51 0.36 -10.32
N GLY A 2 12.55 -0.50 -10.64
CA GLY A 2 11.19 -0.31 -10.17
C GLY A 2 10.51 -1.61 -9.80
N TYR A 3 9.69 -1.57 -8.74
CA TYR A 3 9.00 -2.75 -8.28
C TYR A 3 7.60 -2.83 -8.88
N ARG A 4 7.01 -4.03 -8.87
CA ARG A 4 5.68 -4.23 -9.41
C ARG A 4 4.61 -3.85 -8.40
N ILE A 5 3.45 -3.44 -8.90
CA ILE A 5 2.35 -3.03 -8.03
C ILE A 5 1.16 -3.98 -8.17
N GLU A 6 0.92 -4.78 -7.14
CA GLU A 6 -0.18 -5.74 -7.16
C GLU A 6 -1.20 -5.40 -6.07
N PHE A 7 -2.40 -5.97 -6.19
CA PHE A 7 -3.46 -5.74 -5.22
C PHE A 7 -4.19 -7.03 -4.88
N ASP A 8 -4.28 -7.33 -3.59
CA ASP A 8 -4.95 -8.54 -3.14
C ASP A 8 -6.38 -8.62 -3.67
N PRO A 9 -6.98 -9.81 -3.63
CA PRO A 9 -8.34 -10.04 -4.10
C PRO A 9 -9.39 -9.39 -3.19
N ARG A 10 -8.95 -8.96 -2.01
CA ARG A 10 -9.85 -8.32 -1.05
C ARG A 10 -9.76 -6.80 -1.16
N ALA A 11 -8.54 -6.28 -1.16
CA ALA A 11 -8.33 -4.84 -1.25
C ALA A 11 -8.88 -4.30 -2.57
N GLU A 12 -8.63 -5.02 -3.66
CA GLU A 12 -9.10 -4.60 -4.97
C GLU A 12 -10.55 -4.14 -4.91
N LYS A 13 -11.40 -4.94 -4.28
CA LYS A 13 -12.81 -4.61 -4.15
C LYS A 13 -13.01 -3.41 -3.22
N GLU A 14 -12.35 -3.46 -2.06
CA GLU A 14 -12.46 -2.38 -1.09
C GLU A 14 -12.00 -1.05 -1.69
N LEU A 15 -11.10 -1.14 -2.66
CA LEU A 15 -10.59 0.06 -3.33
C LEU A 15 -11.64 0.67 -4.25
N GLU A 16 -12.14 -0.15 -5.17
CA GLU A 16 -13.16 0.30 -6.12
C GLU A 16 -14.32 0.97 -5.39
N LYS A 17 -14.67 0.43 -4.23
CA LYS A 17 -15.76 0.96 -3.43
C LYS A 17 -15.46 2.39 -2.98
N LEU A 18 -14.22 2.63 -2.57
CA LEU A 18 -13.81 3.94 -2.11
C LEU A 18 -14.20 5.02 -3.12
N ASP A 19 -13.95 6.27 -2.76
CA ASP A 19 -14.28 7.39 -3.64
C ASP A 19 -13.55 7.27 -4.97
N ARG A 20 -14.06 7.97 -5.98
CA ARG A 20 -13.46 7.94 -7.30
C ARG A 20 -12.08 8.61 -7.30
N GLU A 21 -12.04 9.85 -6.83
CA GLU A 21 -10.79 10.60 -6.76
C GLU A 21 -9.76 9.87 -5.91
N VAL A 22 -10.21 9.34 -4.77
CA VAL A 22 -9.32 8.61 -3.86
C VAL A 22 -8.68 7.41 -4.56
N ALA A 23 -9.51 6.54 -5.12
CA ALA A 23 -9.03 5.35 -5.82
C ALA A 23 -7.85 5.70 -6.73
N ARG A 24 -8.07 6.64 -7.64
CA ARG A 24 -7.04 7.06 -8.58
C ARG A 24 -5.82 7.62 -7.83
N ARG A 25 -6.09 8.39 -6.79
CA ARG A 25 -5.03 8.99 -5.99
C ARG A 25 -4.09 7.91 -5.43
N ILE A 26 -4.67 6.86 -4.90
CA ILE A 26 -3.90 5.76 -4.33
C ILE A 26 -3.05 5.08 -5.40
N LEU A 27 -3.70 4.49 -6.39
CA LEU A 27 -3.00 3.82 -7.47
C LEU A 27 -1.89 4.70 -8.04
N ARG A 28 -2.21 5.97 -8.28
CA ARG A 28 -1.25 6.92 -8.81
C ARG A 28 -0.11 7.15 -7.83
N PHE A 29 -0.46 7.31 -6.56
CA PHE A 29 0.54 7.55 -5.51
C PHE A 29 1.52 6.39 -5.43
N LEU A 30 1.04 5.18 -5.71
CA LEU A 30 1.87 3.98 -5.66
C LEU A 30 2.52 3.73 -7.02
N ARG A 31 1.84 4.16 -8.08
CA ARG A 31 2.35 3.98 -9.44
C ARG A 31 3.30 5.11 -9.83
N GLU A 32 3.39 6.11 -8.97
CA GLU A 32 4.26 7.26 -9.21
C GLU A 32 5.36 7.34 -8.17
N ARG A 33 4.96 7.58 -6.92
CA ARG A 33 5.93 7.69 -5.82
C ARG A 33 6.67 6.38 -5.63
N VAL A 34 5.97 5.36 -5.13
CA VAL A 34 6.58 4.06 -4.90
C VAL A 34 7.19 3.49 -6.17
N ALA A 35 6.53 3.76 -7.30
CA ALA A 35 7.00 3.28 -8.60
C ALA A 35 8.42 3.78 -8.88
N THR A 36 8.63 5.08 -8.71
CA THR A 36 9.94 5.68 -8.95
C THR A 36 10.89 5.40 -7.79
N LEU A 37 10.33 5.33 -6.59
CA LEU A 37 11.14 5.06 -5.39
C LEU A 37 12.01 3.83 -5.59
N GLU A 38 13.31 4.06 -5.76
CA GLU A 38 14.25 2.97 -5.96
C GLU A 38 13.90 1.77 -5.07
N ASP A 39 13.44 2.06 -3.85
CA ASP A 39 13.06 1.02 -2.91
C ASP A 39 11.69 1.31 -2.30
N PRO A 40 10.89 0.25 -2.10
CA PRO A 40 9.55 0.36 -1.52
C PRO A 40 9.59 0.74 -0.04
N ARG A 41 10.78 0.72 0.54
CA ARG A 41 10.94 1.07 1.95
C ARG A 41 11.46 2.50 2.10
N SER A 42 10.79 3.44 1.45
CA SER A 42 11.19 4.84 1.51
C SER A 42 10.04 5.71 1.99
N LEU A 43 8.87 5.52 1.38
CA LEU A 43 7.69 6.29 1.75
C LEU A 43 6.74 5.47 2.62
N GLY A 44 7.32 4.60 3.45
CA GLY A 44 6.53 3.76 4.33
C GLY A 44 7.28 3.36 5.58
N GLU A 45 6.53 2.89 6.59
CA GLU A 45 7.14 2.48 7.85
C GLU A 45 7.00 0.97 8.04
N PRO A 46 8.02 0.36 8.64
CA PRO A 46 8.04 -1.09 8.90
C PRO A 46 7.03 -1.50 9.97
N LEU A 47 6.73 -2.79 10.03
CA LEU A 47 5.78 -3.31 11.01
C LEU A 47 6.43 -4.39 11.88
N ARG A 48 6.38 -4.19 13.19
CA ARG A 48 6.96 -5.15 14.13
C ARG A 48 5.91 -5.64 15.12
N GLY A 49 5.13 -6.64 14.70
CA GLY A 49 4.10 -7.18 15.56
C GLY A 49 4.21 -8.68 15.73
N PRO A 50 3.81 -9.18 16.90
CA PRO A 50 3.87 -10.61 17.21
C PRO A 50 2.84 -11.42 16.42
N GLU A 51 1.75 -10.77 16.03
CA GLU A 51 0.70 -11.43 15.27
C GLU A 51 0.90 -11.20 13.77
N LEU A 52 1.36 -10.01 13.41
CA LEU A 52 1.60 -9.66 12.02
C LEU A 52 3.08 -9.73 11.68
N GLY A 53 3.40 -10.11 10.45
CA GLY A 53 4.78 -10.21 10.03
C GLY A 53 5.39 -8.85 9.72
N ARG A 54 6.12 -8.76 8.61
CA ARG A 54 6.76 -7.51 8.22
C ARG A 54 5.98 -6.84 7.09
N PHE A 55 4.76 -6.41 7.38
CA PHE A 55 3.92 -5.76 6.39
C PHE A 55 4.18 -4.25 6.36
N TRP A 56 4.77 -3.78 5.28
CA TRP A 56 5.07 -2.37 5.14
C TRP A 56 3.80 -1.52 5.24
N LYS A 57 3.97 -0.26 5.60
CA LYS A 57 2.84 0.65 5.74
C LYS A 57 3.05 1.91 4.91
N TYR A 58 2.12 2.17 3.99
CA TYR A 58 2.20 3.35 3.14
C TYR A 58 1.15 4.37 3.51
N ARG A 59 1.55 5.64 3.53
CA ARG A 59 0.63 6.73 3.88
C ARG A 59 0.20 7.49 2.63
N VAL A 60 -1.09 7.82 2.56
CA VAL A 60 -1.63 8.56 1.43
C VAL A 60 -2.62 9.63 1.88
N GLY A 61 -2.19 10.89 1.82
CA GLY A 61 -3.06 11.97 2.22
C GLY A 61 -3.89 11.63 3.45
N ASP A 62 -5.17 11.36 3.23
CA ASP A 62 -6.07 11.02 4.32
C ASP A 62 -6.53 9.57 4.22
N TYR A 63 -5.60 8.68 3.92
CA TYR A 63 -5.90 7.26 3.79
C TYR A 63 -4.69 6.41 4.16
N ARG A 64 -4.96 5.24 4.74
CA ARG A 64 -3.89 4.32 5.15
C ARG A 64 -3.88 3.09 4.26
N LEU A 65 -2.71 2.74 3.74
CA LEU A 65 -2.56 1.57 2.89
C LEU A 65 -1.48 0.64 3.42
N ILE A 66 -1.84 -0.64 3.61
CA ILE A 66 -0.91 -1.62 4.10
C ILE A 66 -0.60 -2.69 3.05
N CYS A 67 0.54 -2.54 2.38
CA CYS A 67 0.94 -3.48 1.35
C CYS A 67 2.09 -4.36 1.83
N HIS A 68 2.29 -5.49 1.15
CA HIS A 68 3.36 -6.41 1.51
C HIS A 68 4.47 -6.40 0.46
N ILE A 69 5.67 -5.98 0.89
CA ILE A 69 6.81 -5.91 -0.01
C ILE A 69 7.49 -7.27 -0.13
N GLN A 70 7.62 -7.76 -1.36
CA GLN A 70 8.26 -9.05 -1.60
C GLN A 70 9.59 -8.86 -2.34
N ASP A 71 10.66 -8.68 -1.56
CA ASP A 71 11.98 -8.50 -2.13
C ASP A 71 12.29 -9.59 -3.17
N ARG A 72 11.89 -10.82 -2.86
CA ARG A 72 12.12 -11.94 -3.76
C ARG A 72 12.01 -11.50 -5.21
N GLU A 73 10.83 -11.05 -5.61
CA GLU A 73 10.59 -10.60 -6.98
C GLU A 73 10.26 -9.11 -7.01
N ALA A 74 10.84 -8.36 -6.08
CA ALA A 74 10.61 -6.93 -6.00
C ALA A 74 9.18 -6.57 -6.42
N THR A 75 8.21 -7.24 -5.80
CA THR A 75 6.81 -7.01 -6.10
C THR A 75 6.01 -6.73 -4.82
N VAL A 76 5.20 -5.67 -4.87
CA VAL A 76 4.39 -5.30 -3.71
C VAL A 76 2.93 -5.69 -3.93
N LEU A 77 2.29 -6.17 -2.87
CA LEU A 77 0.89 -6.59 -2.93
C LEU A 77 0.09 -5.96 -1.80
N VAL A 78 -0.87 -5.12 -2.16
CA VAL A 78 -1.72 -4.46 -1.17
C VAL A 78 -2.54 -5.47 -0.38
N LEU A 79 -2.60 -5.28 0.93
CA LEU A 79 -3.35 -6.18 1.80
C LEU A 79 -4.66 -5.54 2.25
N ARG A 80 -4.55 -4.37 2.88
CA ARG A 80 -5.73 -3.65 3.36
C ARG A 80 -5.72 -2.21 2.88
N VAL A 81 -6.90 -1.65 2.65
CA VAL A 81 -7.02 -0.28 2.18
C VAL A 81 -8.21 0.43 2.84
N GLY A 82 -7.91 1.46 3.63
CA GLY A 82 -8.97 2.19 4.31
C GLY A 82 -8.52 3.58 4.73
N HIS A 83 -9.48 4.48 4.91
CA HIS A 83 -9.19 5.84 5.32
C HIS A 83 -8.43 5.86 6.65
N ALA A 84 -7.67 6.94 6.87
CA ALA A 84 -6.91 7.08 8.11
C ALA A 84 -7.74 6.69 9.32
N ARG A 85 -8.91 7.32 9.45
CA ARG A 85 -9.80 7.04 10.58
C ARG A 85 -10.29 5.60 10.54
N ASP A 86 -10.32 5.02 9.34
CA ASP A 86 -10.76 3.64 9.17
C ASP A 86 -9.72 2.66 9.69
N VAL A 87 -8.53 2.70 9.08
CA VAL A 87 -7.45 1.81 9.48
C VAL A 87 -6.95 2.14 10.88
N TYR A 88 -6.36 1.15 11.54
CA TYR A 88 -5.84 1.34 12.89
C TYR A 88 -5.26 2.73 13.08
N ARG A 89 -5.40 3.27 14.28
CA ARG A 89 -4.89 4.60 14.59
C ARG A 89 -3.39 4.68 14.35
N MET A 1 13.26 -1.37 -14.99
CA MET A 1 13.78 -1.62 -13.65
C MET A 1 12.86 -1.04 -12.59
N GLY A 2 12.82 -1.69 -11.43
CA GLY A 2 11.97 -1.22 -10.35
C GLY A 2 11.16 -2.33 -9.72
N TYR A 3 10.07 -1.96 -9.05
CA TYR A 3 9.22 -2.94 -8.39
C TYR A 3 7.88 -3.06 -9.12
N ARG A 4 7.17 -4.16 -8.85
CA ARG A 4 5.87 -4.41 -9.48
C ARG A 4 4.74 -3.96 -8.58
N ILE A 5 3.64 -3.51 -9.19
CA ILE A 5 2.48 -3.06 -8.43
C ILE A 5 1.31 -4.03 -8.58
N GLU A 6 0.99 -4.73 -7.51
CA GLU A 6 -0.11 -5.69 -7.52
C GLU A 6 -1.12 -5.38 -6.42
N PHE A 7 -2.33 -5.91 -6.58
CA PHE A 7 -3.39 -5.69 -5.59
C PHE A 7 -4.11 -7.00 -5.27
N ASP A 8 -4.20 -7.31 -3.98
CA ASP A 8 -4.86 -8.52 -3.53
C ASP A 8 -6.33 -8.53 -3.94
N PRO A 9 -6.95 -9.72 -3.91
CA PRO A 9 -8.36 -9.88 -4.27
C PRO A 9 -9.29 -9.26 -3.24
N ARG A 10 -8.74 -8.86 -2.10
CA ARG A 10 -9.53 -8.26 -1.04
C ARG A 10 -9.46 -6.74 -1.11
N ALA A 11 -8.25 -6.21 -1.24
CA ALA A 11 -8.04 -4.76 -1.32
C ALA A 11 -8.76 -4.18 -2.52
N GLU A 12 -8.55 -4.79 -3.69
CA GLU A 12 -9.18 -4.32 -4.93
C GLU A 12 -10.61 -3.84 -4.65
N LYS A 13 -11.38 -4.66 -3.93
CA LYS A 13 -12.76 -4.32 -3.61
C LYS A 13 -12.81 -3.21 -2.57
N GLU A 14 -11.94 -3.30 -1.57
CA GLU A 14 -11.90 -2.30 -0.51
C GLU A 14 -11.65 -0.91 -1.09
N LEU A 15 -10.94 -0.86 -2.21
CA LEU A 15 -10.63 0.41 -2.87
C LEU A 15 -11.73 0.80 -3.85
N GLU A 16 -12.41 -0.21 -4.40
CA GLU A 16 -13.48 0.03 -5.36
C GLU A 16 -14.66 0.74 -4.68
N LYS A 17 -14.86 0.45 -3.41
CA LYS A 17 -15.95 1.07 -2.65
C LYS A 17 -15.64 2.52 -2.33
N LEU A 18 -14.35 2.86 -2.32
CA LEU A 18 -13.91 4.21 -2.02
C LEU A 18 -14.26 5.16 -3.17
N ASP A 19 -14.20 6.46 -2.90
CA ASP A 19 -14.51 7.47 -3.91
C ASP A 19 -13.68 7.25 -5.17
N ARG A 20 -14.17 7.76 -6.28
CA ARG A 20 -13.49 7.62 -7.56
C ARG A 20 -12.18 8.42 -7.57
N GLU A 21 -12.31 9.72 -7.36
CA GLU A 21 -11.15 10.61 -7.33
C GLU A 21 -10.05 10.06 -6.42
N VAL A 22 -10.43 9.78 -5.17
CA VAL A 22 -9.48 9.25 -4.19
C VAL A 22 -8.78 8.01 -4.73
N ALA A 23 -9.55 7.02 -5.16
CA ALA A 23 -9.01 5.79 -5.70
C ALA A 23 -7.88 6.08 -6.70
N ARG A 24 -8.15 6.97 -7.64
CA ARG A 24 -7.17 7.33 -8.66
C ARG A 24 -5.92 7.93 -8.01
N ARG A 25 -6.12 8.76 -6.98
CA ARG A 25 -5.01 9.39 -6.28
C ARG A 25 -4.09 8.34 -5.67
N ILE A 26 -4.68 7.28 -5.12
CA ILE A 26 -3.92 6.21 -4.50
C ILE A 26 -3.14 5.42 -5.54
N LEU A 27 -3.85 4.79 -6.46
CA LEU A 27 -3.21 4.00 -7.51
C LEU A 27 -2.01 4.74 -8.09
N ARG A 28 -2.23 6.00 -8.47
CA ARG A 28 -1.17 6.81 -9.04
C ARG A 28 0.02 6.93 -8.08
N PHE A 29 -0.29 7.21 -6.82
CA PHE A 29 0.74 7.35 -5.80
C PHE A 29 1.64 6.12 -5.75
N LEU A 30 1.06 4.96 -6.03
CA LEU A 30 1.81 3.71 -6.04
C LEU A 30 2.40 3.42 -7.41
N ARG A 31 1.72 3.91 -8.45
CA ARG A 31 2.17 3.71 -9.83
C ARG A 31 3.14 4.81 -10.25
N GLU A 32 3.28 5.83 -9.40
CA GLU A 32 4.16 6.95 -9.69
C GLU A 32 5.31 7.00 -8.69
N ARG A 33 5.00 7.44 -7.47
CA ARG A 33 6.01 7.54 -6.41
C ARG A 33 6.76 6.22 -6.25
N VAL A 34 6.06 5.20 -5.76
CA VAL A 34 6.65 3.89 -5.56
C VAL A 34 7.20 3.32 -6.86
N ALA A 35 6.56 3.70 -7.97
CA ALA A 35 6.99 3.24 -9.29
C ALA A 35 8.40 3.72 -9.62
N THR A 36 8.61 5.02 -9.47
CA THR A 36 9.92 5.61 -9.75
C THR A 36 10.89 5.39 -8.60
N LEU A 37 10.35 5.09 -7.42
CA LEU A 37 11.18 4.86 -6.24
C LEU A 37 11.81 3.47 -6.29
N GLU A 38 13.11 3.41 -6.04
CA GLU A 38 13.84 2.15 -6.06
C GLU A 38 13.65 1.40 -4.75
N ASP A 39 13.54 2.15 -3.66
CA ASP A 39 13.36 1.54 -2.34
C ASP A 39 11.96 1.85 -1.79
N PRO A 40 11.04 0.88 -1.95
CA PRO A 40 9.66 1.02 -1.46
C PRO A 40 9.57 1.03 0.05
N ARG A 41 10.72 0.96 0.71
CA ARG A 41 10.77 0.95 2.17
C ARG A 41 11.26 2.29 2.71
N SER A 42 10.75 3.38 2.14
CA SER A 42 11.15 4.72 2.57
C SER A 42 9.93 5.55 2.94
N LEU A 43 8.88 5.46 2.13
CA LEU A 43 7.65 6.21 2.38
C LEU A 43 6.83 5.55 3.48
N GLY A 44 6.47 4.29 3.28
CA GLY A 44 5.69 3.57 4.27
C GLY A 44 6.52 3.13 5.46
N GLU A 45 5.93 2.33 6.33
CA GLU A 45 6.62 1.84 7.53
C GLU A 45 6.29 0.37 7.78
N PRO A 46 7.24 -0.33 8.43
CA PRO A 46 7.07 -1.76 8.75
C PRO A 46 6.03 -1.99 9.82
N LEU A 47 4.88 -2.51 9.42
CA LEU A 47 3.79 -2.78 10.36
C LEU A 47 4.17 -3.88 11.34
N ARG A 48 4.70 -3.48 12.49
CA ARG A 48 5.11 -4.43 13.52
C ARG A 48 3.98 -4.70 14.51
N GLY A 49 3.79 -5.96 14.86
CA GLY A 49 2.74 -6.34 15.79
C GLY A 49 2.72 -7.82 16.09
N PRO A 50 2.35 -8.17 17.33
CA PRO A 50 2.30 -9.57 17.77
C PRO A 50 1.15 -10.34 17.10
N GLU A 51 0.29 -9.62 16.40
CA GLU A 51 -0.84 -10.22 15.72
C GLU A 51 -0.58 -10.34 14.22
N LEU A 52 0.08 -9.33 13.66
CA LEU A 52 0.40 -9.32 12.24
C LEU A 52 1.87 -9.65 12.00
N GLY A 53 2.25 -9.78 10.73
CA GLY A 53 3.62 -10.09 10.40
C GLY A 53 4.45 -8.85 10.13
N ARG A 54 5.32 -8.94 9.12
CA ARG A 54 6.18 -7.81 8.76
C ARG A 54 5.62 -7.07 7.56
N PHE A 55 4.31 -6.89 7.53
CA PHE A 55 3.65 -6.19 6.43
C PHE A 55 4.08 -4.74 6.38
N TRP A 56 3.73 -4.06 5.29
CA TRP A 56 4.08 -2.65 5.11
C TRP A 56 2.86 -1.76 5.35
N LYS A 57 3.12 -0.51 5.70
CA LYS A 57 2.06 0.46 5.96
C LYS A 57 2.36 1.80 5.29
N TYR A 58 1.62 2.12 4.24
CA TYR A 58 1.81 3.37 3.52
C TYR A 58 0.85 4.44 4.01
N ARG A 59 1.19 5.70 3.75
CA ARG A 59 0.36 6.82 4.18
C ARG A 59 0.04 7.73 3.00
N VAL A 60 -1.25 8.02 2.81
CA VAL A 60 -1.70 8.89 1.73
C VAL A 60 -2.65 9.96 2.24
N GLY A 61 -2.11 11.13 2.52
CA GLY A 61 -2.93 12.23 3.02
C GLY A 61 -3.76 11.84 4.22
N ASP A 62 -4.92 11.24 3.97
CA ASP A 62 -5.81 10.81 5.04
C ASP A 62 -6.28 9.38 4.82
N TYR A 63 -5.40 8.56 4.26
CA TYR A 63 -5.73 7.15 3.99
C TYR A 63 -4.50 6.26 4.18
N ARG A 64 -4.72 5.08 4.73
CA ARG A 64 -3.63 4.13 4.96
C ARG A 64 -3.70 2.97 3.97
N LEU A 65 -2.55 2.61 3.41
CA LEU A 65 -2.48 1.52 2.44
C LEU A 65 -1.46 0.47 2.89
N ILE A 66 -1.95 -0.61 3.49
CA ILE A 66 -1.08 -1.68 3.96
C ILE A 66 -0.73 -2.63 2.82
N CYS A 67 0.53 -2.58 2.39
CA CYS A 67 1.00 -3.44 1.31
C CYS A 67 2.02 -4.46 1.82
N HIS A 68 2.36 -5.42 0.97
CA HIS A 68 3.32 -6.45 1.34
C HIS A 68 4.53 -6.43 0.39
N ILE A 69 5.65 -5.91 0.89
CA ILE A 69 6.87 -5.82 0.09
C ILE A 69 7.57 -7.18 0.01
N GLN A 70 7.69 -7.70 -1.21
CA GLN A 70 8.34 -8.98 -1.43
C GLN A 70 9.70 -8.80 -2.10
N ASP A 71 10.75 -8.68 -1.28
CA ASP A 71 12.09 -8.50 -1.80
C ASP A 71 12.47 -9.63 -2.74
N ARG A 72 12.03 -10.84 -2.41
CA ARG A 72 12.33 -12.01 -3.22
C ARG A 72 12.13 -11.71 -4.70
N GLU A 73 11.08 -10.95 -5.01
CA GLU A 73 10.78 -10.58 -6.39
C GLU A 73 10.59 -9.08 -6.52
N ALA A 74 11.03 -8.34 -5.51
CA ALA A 74 10.91 -6.89 -5.52
C ALA A 74 9.54 -6.44 -6.00
N THR A 75 8.49 -7.11 -5.49
CA THR A 75 7.12 -6.79 -5.87
C THR A 75 6.30 -6.38 -4.66
N VAL A 76 5.46 -5.37 -4.83
CA VAL A 76 4.61 -4.88 -3.75
C VAL A 76 3.14 -5.20 -4.02
N LEU A 77 2.56 -6.03 -3.16
CA LEU A 77 1.16 -6.42 -3.30
C LEU A 77 0.32 -5.86 -2.15
N VAL A 78 -0.65 -5.03 -2.49
CA VAL A 78 -1.53 -4.42 -1.49
C VAL A 78 -2.32 -5.49 -0.75
N LEU A 79 -2.37 -5.37 0.58
CA LEU A 79 -3.10 -6.32 1.41
C LEU A 79 -4.39 -5.72 1.94
N ARG A 80 -4.27 -4.55 2.59
CA ARG A 80 -5.42 -3.86 3.13
C ARG A 80 -5.44 -2.40 2.70
N VAL A 81 -6.63 -1.82 2.64
CA VAL A 81 -6.78 -0.42 2.25
C VAL A 81 -7.97 0.22 2.96
N GLY A 82 -7.68 1.21 3.80
CA GLY A 82 -8.74 1.89 4.53
C GLY A 82 -8.30 3.24 5.04
N HIS A 83 -9.27 4.13 5.27
CA HIS A 83 -8.97 5.47 5.78
C HIS A 83 -8.34 5.41 7.16
N ALA A 84 -7.32 6.24 7.37
CA ALA A 84 -6.62 6.28 8.64
C ALA A 84 -7.59 6.08 9.81
N ARG A 85 -8.71 6.79 9.77
CA ARG A 85 -9.72 6.69 10.81
C ARG A 85 -9.89 5.25 11.27
N ASP A 86 -10.35 4.40 10.36
CA ASP A 86 -10.56 2.98 10.68
C ASP A 86 -9.26 2.34 11.17
N VAL A 87 -8.21 2.47 10.37
CA VAL A 87 -6.91 1.90 10.74
C VAL A 87 -6.50 2.32 12.14
N TYR A 88 -5.65 1.51 12.76
CA TYR A 88 -5.17 1.80 14.11
C TYR A 88 -4.06 2.85 14.09
N ARG A 89 -3.85 3.45 12.93
CA ARG A 89 -2.83 4.47 12.77
C ARG A 89 -3.04 5.27 11.49
N MET A 1 16.05 -0.94 -11.23
CA MET A 1 14.86 -1.77 -11.40
C MET A 1 13.77 -1.37 -10.41
N GLY A 2 12.56 -1.17 -10.92
CA GLY A 2 11.45 -0.79 -10.06
C GLY A 2 10.62 -1.98 -9.63
N TYR A 3 10.06 -1.90 -8.43
CA TYR A 3 9.23 -2.99 -7.90
C TYR A 3 7.89 -3.03 -8.60
N ARG A 4 7.27 -4.21 -8.63
CA ARG A 4 5.98 -4.39 -9.27
C ARG A 4 4.85 -4.02 -8.32
N ILE A 5 3.76 -3.50 -8.87
CA ILE A 5 2.61 -3.09 -8.08
C ILE A 5 1.45 -4.08 -8.25
N GLU A 6 1.14 -4.81 -7.19
CA GLU A 6 0.05 -5.79 -7.23
C GLU A 6 -1.00 -5.46 -6.17
N PHE A 7 -2.19 -6.03 -6.34
CA PHE A 7 -3.28 -5.80 -5.40
C PHE A 7 -4.03 -7.11 -5.10
N ASP A 8 -4.31 -7.34 -3.82
CA ASP A 8 -5.01 -8.55 -3.40
C ASP A 8 -6.44 -8.55 -3.92
N PRO A 9 -7.07 -9.74 -3.92
CA PRO A 9 -8.46 -9.89 -4.38
C PRO A 9 -9.46 -9.26 -3.42
N ARG A 10 -8.99 -8.87 -2.25
CA ARG A 10 -9.84 -8.25 -1.24
C ARG A 10 -9.75 -6.72 -1.32
N ALA A 11 -8.54 -6.20 -1.29
CA ALA A 11 -8.32 -4.76 -1.36
C ALA A 11 -8.94 -4.17 -2.62
N GLU A 12 -8.65 -4.79 -3.76
CA GLU A 12 -9.19 -4.32 -5.04
C GLU A 12 -10.63 -3.85 -4.89
N LYS A 13 -11.47 -4.70 -4.32
CA LYS A 13 -12.88 -4.36 -4.12
C LYS A 13 -13.02 -3.24 -3.09
N GLU A 14 -12.25 -3.31 -2.03
CA GLU A 14 -12.29 -2.30 -0.98
C GLU A 14 -12.04 -0.90 -1.56
N LEU A 15 -11.04 -0.80 -2.44
CA LEU A 15 -10.70 0.47 -3.07
C LEU A 15 -11.83 0.95 -3.97
N GLU A 16 -12.39 0.03 -4.75
CA GLU A 16 -13.48 0.35 -5.66
C GLU A 16 -14.62 1.04 -4.92
N LYS A 17 -14.91 0.57 -3.71
CA LYS A 17 -15.98 1.14 -2.90
C LYS A 17 -15.69 2.60 -2.59
N LEU A 18 -14.45 2.91 -2.29
CA LEU A 18 -14.05 4.28 -1.97
C LEU A 18 -14.39 5.23 -3.12
N ASP A 19 -14.13 6.51 -2.91
CA ASP A 19 -14.41 7.51 -3.94
C ASP A 19 -13.54 7.28 -5.18
N ARG A 20 -13.98 7.83 -6.30
CA ARG A 20 -13.26 7.68 -7.56
C ARG A 20 -11.95 8.47 -7.53
N GLU A 21 -12.03 9.73 -7.07
CA GLU A 21 -10.86 10.59 -6.99
C GLU A 21 -9.82 10.00 -6.05
N VAL A 22 -10.25 9.63 -4.84
CA VAL A 22 -9.35 9.05 -3.85
C VAL A 22 -8.65 7.81 -4.40
N ALA A 23 -9.43 6.90 -4.97
CA ALA A 23 -8.87 5.68 -5.53
C ALA A 23 -7.75 5.99 -6.52
N ARG A 24 -8.01 6.91 -7.43
CA ARG A 24 -7.02 7.29 -8.43
C ARG A 24 -5.74 7.81 -7.77
N ARG A 25 -5.90 8.72 -6.81
CA ARG A 25 -4.77 9.28 -6.09
C ARG A 25 -3.91 8.18 -5.48
N ILE A 26 -4.56 7.21 -4.85
CA ILE A 26 -3.86 6.10 -4.22
C ILE A 26 -3.07 5.29 -5.25
N LEU A 27 -3.79 4.72 -6.21
CA LEU A 27 -3.16 3.92 -7.26
C LEU A 27 -1.98 4.67 -7.89
N ARG A 28 -2.22 5.92 -8.25
CA ARG A 28 -1.17 6.75 -8.86
C ARG A 28 0.01 6.92 -7.90
N PHE A 29 -0.30 7.20 -6.64
CA PHE A 29 0.74 7.39 -5.63
C PHE A 29 1.68 6.19 -5.58
N LEU A 30 1.14 5.00 -5.80
CA LEU A 30 1.94 3.78 -5.80
C LEU A 30 2.51 3.49 -7.17
N ARG A 31 1.85 4.00 -8.21
CA ARG A 31 2.29 3.80 -9.58
C ARG A 31 3.19 4.95 -10.04
N GLU A 32 3.29 5.98 -9.21
CA GLU A 32 4.10 7.15 -9.53
C GLU A 32 5.25 7.30 -8.53
N ARG A 33 4.91 7.67 -7.30
CA ARG A 33 5.92 7.86 -6.26
C ARG A 33 6.72 6.58 -6.06
N VAL A 34 6.08 5.57 -5.47
CA VAL A 34 6.73 4.29 -5.21
C VAL A 34 7.30 3.70 -6.49
N ALA A 35 6.46 3.61 -7.52
CA ALA A 35 6.87 3.07 -8.80
C ALA A 35 8.24 3.61 -9.21
N THR A 36 8.39 4.93 -9.17
CA THR A 36 9.64 5.56 -9.54
C THR A 36 10.72 5.30 -8.49
N LEU A 37 10.38 5.52 -7.23
CA LEU A 37 11.32 5.30 -6.14
C LEU A 37 12.13 4.04 -6.36
N GLU A 38 13.45 4.20 -6.48
CA GLU A 38 14.35 3.07 -6.70
C GLU A 38 13.95 1.88 -5.83
N ASP A 39 13.60 2.17 -4.58
CA ASP A 39 13.19 1.13 -3.63
C ASP A 39 11.91 1.53 -2.91
N PRO A 40 11.03 0.53 -2.69
CA PRO A 40 9.75 0.75 -2.01
C PRO A 40 9.93 1.04 -0.53
N ARG A 41 11.13 0.80 -0.02
CA ARG A 41 11.43 1.05 1.39
C ARG A 41 11.84 2.50 1.61
N SER A 42 11.16 3.41 0.94
CA SER A 42 11.46 4.84 1.05
C SER A 42 10.30 5.58 1.72
N LEU A 43 9.09 5.31 1.26
CA LEU A 43 7.89 5.95 1.80
C LEU A 43 7.06 4.95 2.59
N GLY A 44 6.50 5.41 3.70
CA GLY A 44 5.67 4.55 4.54
C GLY A 44 6.42 4.04 5.76
N GLU A 45 5.75 3.22 6.55
CA GLU A 45 6.36 2.66 7.76
C GLU A 45 6.02 1.18 7.90
N PRO A 46 6.96 0.41 8.48
CA PRO A 46 6.79 -1.03 8.70
C PRO A 46 5.74 -1.34 9.76
N LEU A 47 5.28 -2.58 9.78
CA LEU A 47 4.27 -3.01 10.74
C LEU A 47 4.79 -4.16 11.60
N ARG A 48 4.65 -4.03 12.92
CA ARG A 48 5.10 -5.06 13.85
C ARG A 48 4.05 -5.34 14.90
N GLY A 49 3.71 -6.61 15.07
CA GLY A 49 2.71 -6.99 16.05
C GLY A 49 2.23 -8.42 15.86
N PRO A 50 1.63 -8.99 16.92
CA PRO A 50 1.11 -10.36 16.89
C PRO A 50 -0.12 -10.51 15.99
N GLU A 51 -0.63 -9.37 15.52
CA GLU A 51 -1.81 -9.37 14.66
C GLU A 51 -1.43 -9.84 13.25
N LEU A 52 -0.39 -9.22 12.69
CA LEU A 52 0.06 -9.58 11.35
C LEU A 52 1.49 -10.11 11.38
N GLY A 53 2.44 -9.23 11.66
CA GLY A 53 3.83 -9.64 11.72
C GLY A 53 4.74 -8.72 10.93
N ARG A 54 5.20 -9.19 9.77
CA ARG A 54 6.08 -8.40 8.93
C ARG A 54 5.34 -7.88 7.70
N PHE A 55 4.93 -6.61 7.76
CA PHE A 55 4.21 -5.99 6.67
C PHE A 55 4.48 -4.49 6.61
N TRP A 56 4.44 -3.92 5.41
CA TRP A 56 4.69 -2.50 5.22
C TRP A 56 3.37 -1.74 5.10
N LYS A 57 3.42 -0.43 5.39
CA LYS A 57 2.24 0.41 5.31
C LYS A 57 2.55 1.72 4.59
N TYR A 58 1.54 2.30 3.95
CA TYR A 58 1.70 3.55 3.23
C TYR A 58 0.66 4.58 3.66
N ARG A 59 1.11 5.81 3.90
CA ARG A 59 0.21 6.87 4.31
C ARG A 59 -0.06 7.84 3.16
N VAL A 60 -1.34 8.10 2.90
CA VAL A 60 -1.73 9.00 1.83
C VAL A 60 -2.75 10.04 2.32
N GLY A 61 -2.24 11.13 2.88
CA GLY A 61 -3.10 12.18 3.39
C GLY A 61 -4.00 11.70 4.51
N ASP A 62 -5.18 11.19 4.15
CA ASP A 62 -6.13 10.68 5.13
C ASP A 62 -6.59 9.27 4.78
N TYR A 63 -5.64 8.44 4.35
CA TYR A 63 -5.94 7.07 3.99
C TYR A 63 -4.75 6.16 4.26
N ARG A 64 -5.00 5.02 4.89
CA ARG A 64 -3.95 4.05 5.21
C ARG A 64 -3.99 2.88 4.25
N LEU A 65 -2.81 2.34 3.93
CA LEU A 65 -2.71 1.20 3.02
C LEU A 65 -1.69 0.19 3.54
N ILE A 66 -2.12 -1.05 3.69
CA ILE A 66 -1.26 -2.12 4.18
C ILE A 66 -0.72 -2.96 3.02
N CYS A 67 0.52 -2.67 2.62
CA CYS A 67 1.15 -3.40 1.52
C CYS A 67 2.19 -4.39 2.05
N HIS A 68 2.59 -5.33 1.20
CA HIS A 68 3.59 -6.32 1.58
C HIS A 68 4.72 -6.38 0.56
N ILE A 69 5.91 -5.97 1.00
CA ILE A 69 7.08 -5.98 0.13
C ILE A 69 7.71 -7.37 0.05
N GLN A 70 7.72 -7.94 -1.15
CA GLN A 70 8.29 -9.26 -1.36
C GLN A 70 9.69 -9.16 -1.94
N ASP A 71 10.70 -9.18 -1.08
CA ASP A 71 12.09 -9.09 -1.53
C ASP A 71 12.39 -10.13 -2.60
N ARG A 72 11.83 -11.33 -2.42
CA ARG A 72 12.04 -12.42 -3.37
C ARG A 72 12.08 -11.88 -4.80
N GLU A 73 11.01 -11.21 -5.21
CA GLU A 73 10.93 -10.65 -6.55
C GLU A 73 10.67 -9.15 -6.50
N ALA A 74 11.12 -8.51 -5.43
CA ALA A 74 10.94 -7.08 -5.26
C ALA A 74 9.59 -6.63 -5.78
N THR A 75 8.53 -7.28 -5.31
CA THR A 75 7.18 -6.94 -5.74
C THR A 75 6.29 -6.61 -4.54
N VAL A 76 5.58 -5.49 -4.62
CA VAL A 76 4.70 -5.06 -3.54
C VAL A 76 3.26 -5.47 -3.83
N LEU A 77 2.55 -5.91 -2.80
CA LEU A 77 1.16 -6.33 -2.93
C LEU A 77 0.30 -5.72 -1.84
N VAL A 78 -0.79 -5.06 -2.25
CA VAL A 78 -1.71 -4.44 -1.30
C VAL A 78 -2.60 -5.47 -0.64
N LEU A 79 -2.54 -5.53 0.69
CA LEU A 79 -3.34 -6.47 1.46
C LEU A 79 -4.70 -5.87 1.82
N ARG A 80 -4.67 -4.73 2.51
CA ARG A 80 -5.89 -4.04 2.92
C ARG A 80 -5.83 -2.56 2.56
N VAL A 81 -6.99 -1.97 2.32
CA VAL A 81 -7.07 -0.56 1.97
C VAL A 81 -8.22 0.13 2.70
N GLY A 82 -7.89 1.14 3.50
CA GLY A 82 -8.91 1.86 4.23
C GLY A 82 -8.45 3.24 4.66
N HIS A 83 -9.40 4.12 4.92
CA HIS A 83 -9.09 5.49 5.34
C HIS A 83 -8.11 5.49 6.51
N ALA A 84 -7.46 6.63 6.73
CA ALA A 84 -6.50 6.75 7.82
C ALA A 84 -7.09 6.26 9.14
N ARG A 85 -8.39 6.47 9.32
CA ARG A 85 -9.07 6.06 10.53
C ARG A 85 -9.78 4.72 10.32
N ASP A 86 -10.36 4.54 9.15
CA ASP A 86 -11.07 3.31 8.82
C ASP A 86 -10.16 2.09 9.01
N VAL A 87 -9.05 2.07 8.27
CA VAL A 87 -8.10 0.97 8.35
C VAL A 87 -8.01 0.43 9.78
N TYR A 88 -8.19 1.32 10.75
CA TYR A 88 -8.12 0.94 12.16
C TYR A 88 -9.39 1.34 12.89
N ARG A 89 -10.53 0.97 12.33
CA ARG A 89 -11.83 1.29 12.92
C ARG A 89 -12.06 0.47 14.20
N MET A 1 15.76 -2.77 -11.44
CA MET A 1 15.51 -1.51 -10.75
C MET A 1 14.03 -1.12 -10.82
N GLY A 2 13.29 -1.46 -9.78
CA GLY A 2 11.87 -1.14 -9.75
C GLY A 2 11.03 -2.30 -9.25
N TYR A 3 10.03 -2.00 -8.43
CA TYR A 3 9.16 -3.03 -7.89
C TYR A 3 7.83 -3.06 -8.65
N ARG A 4 7.17 -4.22 -8.60
CA ARG A 4 5.89 -4.39 -9.28
C ARG A 4 4.73 -4.01 -8.36
N ILE A 5 3.63 -3.54 -8.96
CA ILE A 5 2.46 -3.14 -8.20
C ILE A 5 1.36 -4.19 -8.31
N GLU A 6 1.06 -4.84 -7.20
CA GLU A 6 0.02 -5.87 -7.16
C GLU A 6 -1.04 -5.54 -6.11
N PHE A 7 -2.24 -6.09 -6.31
CA PHE A 7 -3.34 -5.85 -5.38
C PHE A 7 -4.10 -7.15 -5.10
N ASP A 8 -4.47 -7.34 -3.84
CA ASP A 8 -5.20 -8.54 -3.44
C ASP A 8 -6.65 -8.48 -3.91
N PRO A 9 -7.33 -9.64 -3.93
CA PRO A 9 -8.72 -9.74 -4.36
C PRO A 9 -9.68 -9.09 -3.36
N ARG A 10 -9.17 -8.77 -2.18
CA ARG A 10 -9.99 -8.14 -1.14
C ARG A 10 -9.80 -6.63 -1.16
N ALA A 11 -8.55 -6.19 -1.25
CA ALA A 11 -8.25 -4.77 -1.27
C ALA A 11 -8.84 -4.10 -2.52
N GLU A 12 -8.63 -4.71 -3.67
CA GLU A 12 -9.14 -4.17 -4.92
C GLU A 12 -10.55 -3.62 -4.75
N LYS A 13 -11.40 -4.39 -4.07
CA LYS A 13 -12.77 -3.98 -3.83
C LYS A 13 -12.84 -2.87 -2.78
N GLU A 14 -12.13 -3.07 -1.67
CA GLU A 14 -12.11 -2.09 -0.61
C GLU A 14 -11.70 -0.72 -1.13
N LEU A 15 -10.92 -0.71 -2.20
CA LEU A 15 -10.44 0.54 -2.80
C LEU A 15 -11.48 1.09 -3.77
N GLU A 16 -11.82 0.28 -4.78
CA GLU A 16 -12.81 0.70 -5.78
C GLU A 16 -14.03 1.33 -5.12
N LYS A 17 -14.42 0.80 -3.97
CA LYS A 17 -15.56 1.32 -3.23
C LYS A 17 -15.34 2.78 -2.84
N LEU A 18 -14.13 3.10 -2.40
CA LEU A 18 -13.80 4.45 -2.00
C LEU A 18 -14.16 5.45 -3.09
N ASP A 19 -13.92 6.73 -2.82
CA ASP A 19 -14.23 7.79 -3.78
C ASP A 19 -13.30 7.70 -4.98
N ARG A 20 -13.89 7.51 -6.17
CA ARG A 20 -13.11 7.41 -7.40
C ARG A 20 -11.90 8.33 -7.35
N GLU A 21 -12.09 9.52 -6.78
CA GLU A 21 -11.01 10.50 -6.68
C GLU A 21 -9.90 9.99 -5.77
N VAL A 22 -10.27 9.57 -4.56
CA VAL A 22 -9.31 9.05 -3.60
C VAL A 22 -8.63 7.79 -4.12
N ALA A 23 -9.43 6.85 -4.59
CA ALA A 23 -8.91 5.60 -5.12
C ALA A 23 -7.88 5.85 -6.22
N ARG A 24 -8.24 6.71 -7.18
CA ARG A 24 -7.35 7.03 -8.28
C ARG A 24 -6.02 7.58 -7.77
N ARG A 25 -6.10 8.46 -6.77
CA ARG A 25 -4.91 9.06 -6.19
C ARG A 25 -3.98 8.00 -5.61
N ILE A 26 -4.56 7.05 -4.86
CA ILE A 26 -3.79 5.98 -4.26
C ILE A 26 -3.00 5.20 -5.31
N LEU A 27 -3.72 4.63 -6.27
CA LEU A 27 -3.09 3.86 -7.34
C LEU A 27 -1.96 4.64 -7.97
N ARG A 28 -2.27 5.83 -8.47
CA ARG A 28 -1.26 6.68 -9.11
C ARG A 28 -0.07 6.89 -8.19
N PHE A 29 -0.35 7.09 -6.90
CA PHE A 29 0.71 7.30 -5.92
C PHE A 29 1.67 6.11 -5.88
N LEU A 30 1.13 4.91 -6.08
CA LEU A 30 1.93 3.70 -6.07
C LEU A 30 2.49 3.40 -7.46
N ARG A 31 1.86 3.96 -8.48
CA ARG A 31 2.31 3.75 -9.85
C ARG A 31 3.30 4.84 -10.27
N GLU A 32 3.32 5.93 -9.53
CA GLU A 32 4.23 7.04 -9.81
C GLU A 32 5.34 7.12 -8.77
N ARG A 33 4.99 7.57 -7.58
CA ARG A 33 5.96 7.69 -6.48
C ARG A 33 6.69 6.37 -6.26
N VAL A 34 5.99 5.41 -5.67
CA VAL A 34 6.57 4.09 -5.39
C VAL A 34 7.19 3.49 -6.65
N ALA A 35 6.68 3.90 -7.80
CA ALA A 35 7.19 3.40 -9.08
C ALA A 35 8.58 3.95 -9.37
N THR A 36 8.76 5.24 -9.17
CA THR A 36 10.05 5.88 -9.42
C THR A 36 10.95 5.77 -8.20
N LEU A 37 10.35 5.49 -7.05
CA LEU A 37 11.11 5.35 -5.81
C LEU A 37 12.06 4.15 -5.88
N GLU A 38 13.35 4.43 -6.04
CA GLU A 38 14.35 3.37 -6.12
C GLU A 38 14.05 2.26 -5.12
N ASP A 39 13.50 2.63 -3.97
CA ASP A 39 13.16 1.68 -2.93
C ASP A 39 11.76 1.93 -2.39
N PRO A 40 11.01 0.83 -2.16
CA PRO A 40 9.64 0.92 -1.64
C PRO A 40 9.60 1.36 -0.19
N ARG A 41 10.69 1.12 0.54
CA ARG A 41 10.77 1.50 1.94
C ARG A 41 11.18 2.96 2.08
N SER A 42 10.68 3.80 1.18
CA SER A 42 11.01 5.22 1.21
C SER A 42 9.86 6.03 1.84
N LEU A 43 8.66 5.80 1.34
CA LEU A 43 7.48 6.50 1.85
C LEU A 43 6.77 5.68 2.93
N GLY A 44 6.41 4.45 2.59
CA GLY A 44 5.74 3.58 3.54
C GLY A 44 6.56 3.37 4.81
N GLU A 45 5.99 2.63 5.75
CA GLU A 45 6.68 2.35 7.01
C GLU A 45 6.46 0.91 7.45
N PRO A 46 7.41 0.37 8.21
CA PRO A 46 7.36 -1.00 8.71
C PRO A 46 6.28 -1.19 9.77
N LEU A 47 5.83 -2.42 9.95
CA LEU A 47 4.80 -2.73 10.94
C LEU A 47 5.29 -3.80 11.91
N ARG A 48 6.04 -3.38 12.92
CA ARG A 48 6.56 -4.30 13.93
C ARG A 48 5.54 -4.54 15.03
N GLY A 49 5.58 -5.74 15.61
CA GLY A 49 4.64 -6.08 16.67
C GLY A 49 4.64 -7.56 16.98
N PRO A 50 4.02 -7.92 18.12
CA PRO A 50 3.92 -9.32 18.55
C PRO A 50 3.01 -10.15 17.66
N GLU A 51 1.85 -9.60 17.34
CA GLU A 51 0.88 -10.30 16.50
C GLU A 51 1.35 -10.31 15.04
N LEU A 52 1.67 -9.15 14.51
CA LEU A 52 2.14 -9.02 13.13
C LEU A 52 3.63 -9.25 13.04
N GLY A 53 4.10 -9.68 11.87
CA GLY A 53 5.51 -9.92 11.68
C GLY A 53 6.16 -8.87 10.82
N ARG A 54 6.05 -9.02 9.50
CA ARG A 54 6.65 -8.07 8.56
C ARG A 54 5.61 -7.61 7.54
N PHE A 55 5.23 -6.34 7.63
CA PHE A 55 4.24 -5.77 6.71
C PHE A 55 4.47 -4.27 6.54
N TRP A 56 4.56 -3.85 5.28
CA TRP A 56 4.78 -2.44 4.97
C TRP A 56 3.45 -1.72 4.73
N LYS A 57 3.37 -0.48 5.19
CA LYS A 57 2.15 0.32 5.03
C LYS A 57 2.48 1.70 4.45
N TYR A 58 1.64 2.16 3.53
CA TYR A 58 1.84 3.46 2.90
C TYR A 58 0.83 4.47 3.42
N ARG A 59 1.25 5.73 3.51
CA ARG A 59 0.39 6.80 3.99
C ARG A 59 0.07 7.79 2.87
N VAL A 60 -1.20 7.88 2.52
CA VAL A 60 -1.64 8.79 1.46
C VAL A 60 -2.66 9.80 1.98
N GLY A 61 -2.16 10.89 2.56
CA GLY A 61 -3.05 11.90 3.10
C GLY A 61 -3.74 11.48 4.37
N ASP A 62 -4.98 11.00 4.25
CA ASP A 62 -5.74 10.56 5.41
C ASP A 62 -6.20 9.11 5.23
N TYR A 63 -5.53 8.39 4.34
CA TYR A 63 -5.87 7.00 4.07
C TYR A 63 -4.66 6.09 4.29
N ARG A 64 -4.89 4.95 4.92
CA ARG A 64 -3.83 3.99 5.20
C ARG A 64 -3.93 2.78 4.27
N LEU A 65 -2.80 2.33 3.76
CA LEU A 65 -2.75 1.18 2.86
C LEU A 65 -1.76 0.13 3.36
N ILE A 66 -2.27 -1.06 3.64
CA ILE A 66 -1.44 -2.15 4.12
C ILE A 66 -0.89 -2.98 2.96
N CYS A 67 0.37 -2.73 2.60
CA CYS A 67 1.00 -3.45 1.50
C CYS A 67 2.00 -4.48 2.04
N HIS A 68 2.48 -5.34 1.14
CA HIS A 68 3.44 -6.37 1.52
C HIS A 68 4.62 -6.40 0.55
N ILE A 69 5.74 -5.83 0.98
CA ILE A 69 6.94 -5.79 0.15
C ILE A 69 7.63 -7.15 0.11
N GLN A 70 7.63 -7.77 -1.07
CA GLN A 70 8.25 -9.08 -1.23
C GLN A 70 9.66 -8.94 -1.81
N ASP A 71 10.66 -9.08 -0.95
CA ASP A 71 12.06 -8.98 -1.38
C ASP A 71 12.39 -10.04 -2.41
N ARG A 72 11.84 -11.23 -2.23
CA ARG A 72 12.08 -12.34 -3.15
C ARG A 72 12.11 -11.85 -4.59
N GLU A 73 10.99 -11.28 -5.04
CA GLU A 73 10.89 -10.77 -6.40
C GLU A 73 10.65 -9.26 -6.39
N ALA A 74 10.99 -8.62 -5.29
CA ALA A 74 10.83 -7.17 -5.16
C ALA A 74 9.46 -6.73 -5.69
N THR A 75 8.41 -7.45 -5.31
CA THR A 75 7.07 -7.14 -5.74
C THR A 75 6.20 -6.69 -4.57
N VAL A 76 5.62 -5.50 -4.70
CA VAL A 76 4.76 -4.96 -3.66
C VAL A 76 3.29 -5.31 -3.90
N LEU A 77 2.74 -6.15 -3.04
CA LEU A 77 1.35 -6.56 -3.15
C LEU A 77 0.50 -5.98 -2.03
N VAL A 78 -0.62 -5.36 -2.40
CA VAL A 78 -1.51 -4.77 -1.41
C VAL A 78 -2.37 -5.82 -0.74
N LEU A 79 -2.61 -5.65 0.56
CA LEU A 79 -3.41 -6.59 1.33
C LEU A 79 -4.77 -6.00 1.65
N ARG A 80 -4.78 -4.81 2.25
CA ARG A 80 -6.02 -4.15 2.61
C ARG A 80 -5.88 -2.63 2.48
N VAL A 81 -6.99 -1.95 2.21
CA VAL A 81 -7.00 -0.51 2.06
C VAL A 81 -8.20 0.12 2.75
N GLY A 82 -7.94 1.08 3.63
CA GLY A 82 -9.02 1.74 4.35
C GLY A 82 -8.60 3.08 4.91
N HIS A 83 -9.58 3.94 5.17
CA HIS A 83 -9.30 5.27 5.72
C HIS A 83 -8.79 5.17 7.16
N ALA A 84 -7.70 5.88 7.44
CA ALA A 84 -7.11 5.87 8.77
C ALA A 84 -8.18 5.75 9.85
N ARG A 85 -9.34 6.34 9.59
CA ARG A 85 -10.44 6.31 10.54
C ARG A 85 -10.82 4.87 10.88
N ASP A 86 -11.28 4.14 9.87
CA ASP A 86 -11.68 2.75 10.06
C ASP A 86 -10.48 1.88 10.45
N VAL A 87 -9.56 1.70 9.50
CA VAL A 87 -8.37 0.90 9.74
C VAL A 87 -7.85 1.09 11.16
N TYR A 88 -7.70 -0.01 11.89
CA TYR A 88 -7.22 0.04 13.26
C TYR A 88 -5.89 0.79 13.34
N ARG A 89 -5.58 1.30 14.53
CA ARG A 89 -4.34 2.05 14.74
C ARG A 89 -3.16 1.34 14.07
N MET A 1 11.51 1.98 -13.96
CA MET A 1 11.25 0.56 -13.70
C MET A 1 11.89 0.12 -12.40
N GLY A 2 11.05 -0.15 -11.40
CA GLY A 2 11.56 -0.58 -10.10
C GLY A 2 10.87 -1.84 -9.59
N TYR A 3 9.91 -1.66 -8.70
CA TYR A 3 9.18 -2.78 -8.14
C TYR A 3 7.83 -2.98 -8.85
N ARG A 4 7.22 -4.13 -8.61
CA ARG A 4 5.92 -4.44 -9.23
C ARG A 4 4.78 -4.05 -8.31
N ILE A 5 3.70 -3.52 -8.90
CA ILE A 5 2.54 -3.11 -8.14
C ILE A 5 1.40 -4.09 -8.29
N GLU A 6 1.08 -4.82 -7.22
CA GLU A 6 0.01 -5.79 -7.23
C GLU A 6 -1.02 -5.50 -6.15
N PHE A 7 -2.25 -5.94 -6.37
CA PHE A 7 -3.33 -5.72 -5.42
C PHE A 7 -4.13 -7.00 -5.19
N ASP A 8 -4.25 -7.40 -3.93
CA ASP A 8 -4.98 -8.60 -3.57
C ASP A 8 -6.42 -8.53 -4.09
N PRO A 9 -7.08 -9.70 -4.16
CA PRO A 9 -8.47 -9.78 -4.62
C PRO A 9 -9.46 -9.18 -3.63
N ARG A 10 -8.97 -8.84 -2.45
CA ARG A 10 -9.81 -8.25 -1.42
C ARG A 10 -9.68 -6.73 -1.42
N ALA A 11 -8.45 -6.23 -1.44
CA ALA A 11 -8.21 -4.80 -1.46
C ALA A 11 -8.80 -4.15 -2.71
N GLU A 12 -8.50 -4.72 -3.87
CA GLU A 12 -9.00 -4.20 -5.14
C GLU A 12 -10.45 -3.74 -5.00
N LYS A 13 -11.26 -4.56 -4.32
CA LYS A 13 -12.67 -4.24 -4.11
C LYS A 13 -12.83 -3.11 -3.10
N GLU A 14 -12.16 -3.25 -1.96
CA GLU A 14 -12.22 -2.25 -0.90
C GLU A 14 -11.87 -0.86 -1.45
N LEU A 15 -10.93 -0.83 -2.39
CA LEU A 15 -10.50 0.43 -3.00
C LEU A 15 -11.57 0.98 -3.93
N GLU A 16 -11.99 0.16 -4.90
CA GLU A 16 -13.00 0.56 -5.85
C GLU A 16 -14.19 1.23 -5.15
N LYS A 17 -14.50 0.74 -3.96
CA LYS A 17 -15.61 1.28 -3.18
C LYS A 17 -15.32 2.73 -2.75
N LEU A 18 -14.06 2.98 -2.38
CA LEU A 18 -13.65 4.31 -1.94
C LEU A 18 -13.99 5.35 -3.01
N ASP A 19 -13.82 6.63 -2.65
CA ASP A 19 -14.11 7.72 -3.57
C ASP A 19 -13.27 7.60 -4.84
N ARG A 20 -13.84 8.02 -5.97
CA ARG A 20 -13.15 7.94 -7.25
C ARG A 20 -11.79 8.64 -7.17
N GLU A 21 -11.77 9.84 -6.59
CA GLU A 21 -10.54 10.60 -6.46
C GLU A 21 -9.51 9.84 -5.62
N VAL A 22 -9.96 9.34 -4.47
CA VAL A 22 -9.08 8.60 -3.57
C VAL A 22 -8.48 7.38 -4.28
N ALA A 23 -9.34 6.56 -4.87
CA ALA A 23 -8.90 5.37 -5.58
C ALA A 23 -7.81 5.71 -6.60
N ARG A 24 -8.06 6.75 -7.39
CA ARG A 24 -7.11 7.18 -8.41
C ARG A 24 -5.84 7.75 -7.76
N ARG A 25 -6.02 8.51 -6.69
CA ARG A 25 -4.90 9.12 -5.99
C ARG A 25 -3.98 8.05 -5.42
N ILE A 26 -4.56 6.99 -4.88
CA ILE A 26 -3.80 5.90 -4.30
C ILE A 26 -2.97 5.18 -5.36
N LEU A 27 -3.67 4.60 -6.34
CA LEU A 27 -2.99 3.88 -7.42
C LEU A 27 -2.00 4.79 -8.14
N ARG A 28 -2.31 6.08 -8.19
CA ARG A 28 -1.44 7.05 -8.85
C ARG A 28 -0.22 7.35 -7.99
N PHE A 29 -0.38 7.24 -6.68
CA PHE A 29 0.71 7.50 -5.75
C PHE A 29 1.69 6.34 -5.71
N LEU A 30 1.19 5.14 -5.98
CA LEU A 30 2.02 3.94 -5.98
C LEU A 30 2.59 3.67 -7.36
N ARG A 31 1.79 3.95 -8.39
CA ARG A 31 2.22 3.75 -9.77
C ARG A 31 3.20 4.84 -10.20
N GLU A 32 3.32 5.87 -9.38
CA GLU A 32 4.21 6.99 -9.68
C GLU A 32 5.37 7.03 -8.69
N ARG A 33 5.06 7.34 -7.44
CA ARG A 33 6.08 7.42 -6.40
C ARG A 33 6.76 6.06 -6.20
N VAL A 34 6.00 5.09 -5.68
CA VAL A 34 6.53 3.76 -5.45
C VAL A 34 7.00 3.12 -6.74
N ALA A 35 6.52 3.64 -7.87
CA ALA A 35 6.90 3.12 -9.18
C ALA A 35 8.31 3.58 -9.56
N THR A 36 8.55 4.87 -9.46
CA THR A 36 9.84 5.45 -9.80
C THR A 36 10.85 5.23 -8.68
N LEU A 37 10.34 5.13 -7.45
CA LEU A 37 11.21 4.93 -6.29
C LEU A 37 12.00 3.62 -6.42
N GLU A 38 13.32 3.75 -6.49
CA GLU A 38 14.19 2.58 -6.61
C GLU A 38 13.78 1.49 -5.63
N ASP A 39 13.38 1.90 -4.43
CA ASP A 39 12.95 0.96 -3.40
C ASP A 39 11.63 1.38 -2.78
N PRO A 40 10.74 0.40 -2.55
CA PRO A 40 9.42 0.66 -1.96
C PRO A 40 9.50 1.04 -0.49
N ARG A 41 10.71 0.94 0.07
CA ARG A 41 10.92 1.28 1.47
C ARG A 41 11.32 2.74 1.62
N SER A 42 10.67 3.61 0.86
CA SER A 42 10.96 5.04 0.90
C SER A 42 9.91 5.79 1.71
N LEU A 43 8.64 5.51 1.42
CA LEU A 43 7.53 6.16 2.11
C LEU A 43 6.77 5.15 2.97
N GLY A 44 6.15 5.64 4.04
CA GLY A 44 5.40 4.77 4.92
C GLY A 44 6.24 4.15 6.01
N GLU A 45 5.66 3.22 6.75
CA GLU A 45 6.38 2.56 7.84
C GLU A 45 6.04 1.07 7.88
N PRO A 46 6.99 0.26 8.36
CA PRO A 46 6.82 -1.19 8.47
C PRO A 46 5.81 -1.57 9.55
N LEU A 47 5.77 -2.86 9.89
CA LEU A 47 4.85 -3.36 10.90
C LEU A 47 5.47 -4.51 11.68
N ARG A 48 5.13 -4.61 12.97
CA ARG A 48 5.65 -5.66 13.82
C ARG A 48 4.54 -6.33 14.61
N GLY A 49 4.57 -7.66 14.68
CA GLY A 49 3.56 -8.38 15.41
C GLY A 49 3.97 -9.82 15.71
N PRO A 50 3.41 -10.38 16.78
CA PRO A 50 3.71 -11.76 17.20
C PRO A 50 3.13 -12.80 16.23
N GLU A 51 2.02 -12.44 15.60
CA GLU A 51 1.37 -13.34 14.65
C GLU A 51 1.41 -12.76 13.24
N LEU A 52 2.40 -11.92 12.97
CA LEU A 52 2.55 -11.30 11.67
C LEU A 52 4.01 -11.35 11.20
N GLY A 53 4.23 -10.99 9.94
CA GLY A 53 5.58 -10.99 9.41
C GLY A 53 6.09 -9.60 9.08
N ARG A 54 6.71 -9.45 7.92
CA ARG A 54 7.24 -8.16 7.50
C ARG A 54 6.26 -7.44 6.57
N PHE A 55 5.31 -6.72 7.16
CA PHE A 55 4.31 -5.99 6.40
C PHE A 55 4.60 -4.49 6.42
N TRP A 56 4.54 -3.88 5.23
CA TRP A 56 4.80 -2.45 5.12
C TRP A 56 3.49 -1.67 4.96
N LYS A 57 3.45 -0.47 5.54
CA LYS A 57 2.27 0.38 5.46
C LYS A 57 2.58 1.70 4.77
N TYR A 58 1.56 2.29 4.14
CA TYR A 58 1.74 3.55 3.42
C TYR A 58 0.71 4.57 3.90
N ARG A 59 1.10 5.84 3.88
CA ARG A 59 0.21 6.92 4.30
C ARG A 59 -0.09 7.86 3.13
N VAL A 60 -1.38 8.05 2.86
CA VAL A 60 -1.81 8.92 1.78
C VAL A 60 -2.86 9.91 2.25
N GLY A 61 -2.42 11.13 2.54
CA GLY A 61 -3.33 12.16 3.01
C GLY A 61 -4.09 11.74 4.25
N ASP A 62 -5.26 11.13 4.04
CA ASP A 62 -6.09 10.68 5.15
C ASP A 62 -6.56 9.25 4.93
N TYR A 63 -5.69 8.42 4.38
CA TYR A 63 -6.02 7.03 4.11
C TYR A 63 -4.81 6.13 4.34
N ARG A 64 -5.05 4.96 4.92
CA ARG A 64 -3.98 4.01 5.19
C ARG A 64 -4.01 2.86 4.19
N LEU A 65 -2.83 2.35 3.86
CA LEU A 65 -2.70 1.26 2.90
C LEU A 65 -1.69 0.23 3.38
N ILE A 66 -2.16 -0.96 3.72
CA ILE A 66 -1.29 -2.03 4.19
C ILE A 66 -0.82 -2.91 3.03
N CYS A 67 0.41 -2.69 2.60
CA CYS A 67 0.99 -3.45 1.50
C CYS A 67 2.01 -4.47 2.02
N HIS A 68 2.42 -5.38 1.14
CA HIS A 68 3.40 -6.40 1.51
C HIS A 68 4.59 -6.39 0.55
N ILE A 69 5.73 -5.92 1.02
CA ILE A 69 6.93 -5.86 0.19
C ILE A 69 7.62 -7.21 0.13
N GLN A 70 7.72 -7.76 -1.07
CA GLN A 70 8.36 -9.06 -1.26
C GLN A 70 9.72 -8.90 -1.92
N ASP A 71 10.76 -8.77 -1.10
CA ASP A 71 12.12 -8.61 -1.60
C ASP A 71 12.46 -9.71 -2.59
N ARG A 72 12.01 -10.93 -2.30
CA ARG A 72 12.29 -12.07 -3.17
C ARG A 72 12.25 -11.67 -4.63
N GLU A 73 11.17 -11.01 -5.04
CA GLU A 73 11.02 -10.57 -6.41
C GLU A 73 10.69 -9.07 -6.48
N ALA A 74 11.10 -8.34 -5.44
CA ALA A 74 10.84 -6.91 -5.37
C ALA A 74 9.44 -6.58 -5.86
N THR A 75 8.45 -7.26 -5.30
CA THR A 75 7.06 -7.03 -5.67
C THR A 75 6.23 -6.61 -4.47
N VAL A 76 5.51 -5.50 -4.62
CA VAL A 76 4.67 -4.97 -3.55
C VAL A 76 3.20 -5.29 -3.80
N LEU A 77 2.63 -6.14 -2.96
CA LEU A 77 1.23 -6.53 -3.10
C LEU A 77 0.39 -5.94 -1.96
N VAL A 78 -0.70 -5.28 -2.31
CA VAL A 78 -1.58 -4.67 -1.33
C VAL A 78 -2.41 -5.72 -0.61
N LEU A 79 -2.64 -5.51 0.68
CA LEU A 79 -3.41 -6.44 1.49
C LEU A 79 -4.69 -5.79 2.00
N ARG A 80 -4.53 -4.67 2.71
CA ARG A 80 -5.68 -3.95 3.26
C ARG A 80 -5.65 -2.49 2.81
N VAL A 81 -6.85 -1.91 2.62
CA VAL A 81 -6.97 -0.53 2.20
C VAL A 81 -8.17 0.14 2.85
N GLY A 82 -7.90 1.14 3.68
CA GLY A 82 -8.98 1.84 4.36
C GLY A 82 -8.54 3.21 4.86
N HIS A 83 -9.51 4.10 5.06
CA HIS A 83 -9.23 5.44 5.55
C HIS A 83 -8.32 5.39 6.78
N ALA A 84 -7.72 6.53 7.11
CA ALA A 84 -6.83 6.61 8.27
C ALA A 84 -7.43 5.89 9.48
N ARG A 85 -8.72 6.08 9.69
CA ARG A 85 -9.41 5.45 10.81
C ARG A 85 -10.03 4.12 10.38
N ASP A 86 -10.79 4.16 9.29
CA ASP A 86 -11.44 2.96 8.77
C ASP A 86 -10.49 1.77 8.79
N VAL A 87 -9.33 1.93 8.16
CA VAL A 87 -8.34 0.88 8.11
C VAL A 87 -8.34 0.04 9.39
N TYR A 88 -8.37 0.72 10.54
CA TYR A 88 -8.37 0.05 11.83
C TYR A 88 -9.55 0.52 12.68
N ARG A 89 -10.75 0.40 12.13
CA ARG A 89 -11.95 0.82 12.84
C ARG A 89 -11.88 0.43 14.32
N MET A 1 9.01 -1.49 -14.92
CA MET A 1 9.68 -0.35 -14.29
C MET A 1 9.69 -0.49 -12.77
N GLY A 2 10.89 -0.53 -12.20
CA GLY A 2 11.02 -0.67 -10.76
C GLY A 2 10.28 -1.88 -10.22
N TYR A 3 9.71 -1.73 -9.03
CA TYR A 3 8.96 -2.82 -8.40
C TYR A 3 7.59 -2.99 -9.03
N ARG A 4 7.00 -4.16 -8.86
CA ARG A 4 5.68 -4.45 -9.42
C ARG A 4 4.57 -3.95 -8.48
N ILE A 5 3.41 -3.68 -9.05
CA ILE A 5 2.27 -3.20 -8.27
C ILE A 5 1.11 -4.18 -8.32
N GLU A 6 0.91 -4.91 -7.22
CA GLU A 6 -0.17 -5.89 -7.15
C GLU A 6 -1.18 -5.50 -6.07
N PHE A 7 -2.42 -5.95 -6.23
CA PHE A 7 -3.47 -5.67 -5.27
C PHE A 7 -4.29 -6.92 -4.96
N ASP A 8 -4.28 -7.32 -3.69
CA ASP A 8 -5.03 -8.50 -3.26
C ASP A 8 -6.45 -8.47 -3.80
N PRO A 9 -7.08 -9.66 -3.87
CA PRO A 9 -8.45 -9.79 -4.37
C PRO A 9 -9.47 -9.19 -3.42
N ARG A 10 -9.03 -8.83 -2.23
CA ARG A 10 -9.90 -8.24 -1.22
C ARG A 10 -9.82 -6.72 -1.24
N ALA A 11 -8.59 -6.20 -1.33
CA ALA A 11 -8.37 -4.76 -1.36
C ALA A 11 -8.97 -4.14 -2.62
N GLU A 12 -8.72 -4.78 -3.76
CA GLU A 12 -9.24 -4.29 -5.03
C GLU A 12 -10.70 -3.82 -4.89
N LYS A 13 -11.50 -4.61 -4.19
CA LYS A 13 -12.91 -4.29 -3.98
C LYS A 13 -13.05 -3.16 -2.95
N GLU A 14 -12.33 -3.30 -1.84
CA GLU A 14 -12.39 -2.29 -0.78
C GLU A 14 -12.01 -0.92 -1.31
N LEU A 15 -11.14 -0.90 -2.33
CA LEU A 15 -10.70 0.35 -2.93
C LEU A 15 -11.78 0.94 -3.84
N GLU A 16 -12.22 0.14 -4.80
CA GLU A 16 -13.25 0.57 -5.74
C GLU A 16 -14.44 1.19 -5.00
N LYS A 17 -14.70 0.67 -3.80
CA LYS A 17 -15.81 1.17 -2.98
C LYS A 17 -15.58 2.63 -2.59
N LEU A 18 -14.32 2.99 -2.41
CA LEU A 18 -13.96 4.36 -2.03
C LEU A 18 -14.29 5.34 -3.15
N ASP A 19 -14.08 6.62 -2.88
CA ASP A 19 -14.34 7.66 -3.86
C ASP A 19 -13.47 7.48 -5.10
N ARG A 20 -14.09 7.60 -6.27
CA ARG A 20 -13.37 7.44 -7.53
C ARG A 20 -12.07 8.25 -7.52
N GLU A 21 -12.16 9.50 -7.08
CA GLU A 21 -11.00 10.37 -7.01
C GLU A 21 -9.94 9.80 -6.08
N VAL A 22 -10.38 9.13 -5.02
CA VAL A 22 -9.49 8.53 -4.05
C VAL A 22 -8.74 7.34 -4.65
N ALA A 23 -9.50 6.42 -5.25
CA ALA A 23 -8.91 5.24 -5.86
C ALA A 23 -7.81 5.61 -6.85
N ARG A 24 -8.05 6.66 -7.62
CA ARG A 24 -7.08 7.13 -8.60
C ARG A 24 -5.85 7.70 -7.93
N ARG A 25 -6.07 8.54 -6.91
CA ARG A 25 -4.97 9.15 -6.18
C ARG A 25 -4.04 8.10 -5.59
N ILE A 26 -4.63 7.09 -4.96
CA ILE A 26 -3.84 6.01 -4.37
C ILE A 26 -3.03 5.27 -5.42
N LEU A 27 -3.73 4.65 -6.37
CA LEU A 27 -3.06 3.90 -7.43
C LEU A 27 -1.92 4.71 -8.04
N ARG A 28 -2.21 5.95 -8.40
CA ARG A 28 -1.20 6.83 -8.98
C ARG A 28 -0.02 7.02 -8.02
N PHE A 29 -0.33 7.36 -6.77
CA PHE A 29 0.70 7.57 -5.76
C PHE A 29 1.68 6.40 -5.73
N LEU A 30 1.16 5.20 -5.99
CA LEU A 30 1.98 3.99 -5.98
C LEU A 30 2.67 3.80 -7.34
N ARG A 31 1.95 4.13 -8.41
CA ARG A 31 2.49 3.99 -9.75
C ARG A 31 3.38 5.19 -10.12
N GLU A 32 3.38 6.19 -9.25
CA GLU A 32 4.18 7.39 -9.48
C GLU A 32 5.33 7.47 -8.48
N ARG A 33 4.98 7.61 -7.20
CA ARG A 33 5.99 7.71 -6.15
C ARG A 33 6.74 6.39 -5.98
N VAL A 34 6.03 5.38 -5.44
CA VAL A 34 6.64 4.07 -5.23
C VAL A 34 7.26 3.53 -6.51
N ALA A 35 6.55 3.70 -7.62
CA ALA A 35 7.04 3.23 -8.91
C ALA A 35 8.47 3.70 -9.16
N THR A 36 8.75 4.95 -8.81
CA THR A 36 10.09 5.51 -8.99
C THR A 36 11.00 5.14 -7.83
N LEU A 37 10.54 5.43 -6.61
CA LEU A 37 11.32 5.12 -5.41
C LEU A 37 12.11 3.84 -5.59
N GLU A 38 13.42 3.98 -5.82
CA GLU A 38 14.30 2.83 -6.01
C GLU A 38 13.90 1.70 -5.07
N ASP A 39 13.38 2.05 -3.91
CA ASP A 39 12.94 1.05 -2.93
C ASP A 39 11.59 1.41 -2.35
N PRO A 40 10.75 0.39 -2.12
CA PRO A 40 9.41 0.56 -1.57
C PRO A 40 9.44 0.98 -0.10
N ARG A 41 10.57 0.75 0.55
CA ARG A 41 10.72 1.09 1.96
C ARG A 41 11.17 2.54 2.11
N SER A 42 10.67 3.41 1.23
CA SER A 42 11.03 4.83 1.27
C SER A 42 9.91 5.65 1.89
N LEU A 43 8.67 5.36 1.48
CA LEU A 43 7.51 6.08 2.00
C LEU A 43 6.74 5.23 3.00
N GLY A 44 6.03 5.88 3.91
CA GLY A 44 5.26 5.16 4.90
C GLY A 44 6.11 4.70 6.08
N GLU A 45 5.58 3.77 6.87
CA GLU A 45 6.29 3.25 8.03
C GLU A 45 6.10 1.75 8.16
N PRO A 46 7.16 1.05 8.61
CA PRO A 46 7.13 -0.40 8.78
C PRO A 46 6.24 -0.82 9.95
N LEU A 47 5.95 -2.12 10.03
CA LEU A 47 5.12 -2.65 11.08
C LEU A 47 5.96 -3.31 12.18
N ARG A 48 5.46 -3.28 13.41
CA ARG A 48 6.17 -3.88 14.53
C ARG A 48 5.20 -4.34 15.62
N GLY A 49 5.30 -5.61 15.98
CA GLY A 49 4.41 -6.16 17.00
C GLY A 49 4.41 -7.67 17.01
N PRO A 50 4.06 -8.26 18.17
CA PRO A 50 4.01 -9.71 18.33
C PRO A 50 2.86 -10.34 17.56
N GLU A 51 2.09 -9.51 16.88
CA GLU A 51 0.95 -9.99 16.09
C GLU A 51 1.03 -9.48 14.66
N LEU A 52 2.25 -9.37 14.14
CA LEU A 52 2.45 -8.90 12.77
C LEU A 52 3.62 -9.63 12.12
N GLY A 53 3.84 -9.34 10.84
CA GLY A 53 4.93 -9.97 10.11
C GLY A 53 5.82 -8.98 9.40
N ARG A 54 6.12 -9.25 8.14
CA ARG A 54 6.96 -8.37 7.34
C ARG A 54 6.12 -7.45 6.46
N PHE A 55 5.01 -6.97 7.01
CA PHE A 55 4.12 -6.09 6.27
C PHE A 55 4.61 -4.64 6.33
N TRP A 56 4.09 -3.80 5.44
CA TRP A 56 4.48 -2.40 5.40
C TRP A 56 3.25 -1.49 5.44
N LYS A 57 3.44 -0.28 5.94
CA LYS A 57 2.34 0.69 6.03
C LYS A 57 2.63 1.92 5.18
N TYR A 58 1.78 2.15 4.17
CA TYR A 58 1.94 3.29 3.28
C TYR A 58 0.96 4.40 3.63
N ARG A 59 1.45 5.62 3.72
CA ARG A 59 0.61 6.77 4.03
C ARG A 59 0.31 7.59 2.78
N VAL A 60 -0.98 7.85 2.56
CA VAL A 60 -1.41 8.62 1.39
C VAL A 60 -2.36 9.74 1.80
N GLY A 61 -1.80 10.81 2.36
CA GLY A 61 -2.61 11.93 2.78
C GLY A 61 -3.45 11.61 4.02
N ASP A 62 -4.64 11.06 3.80
CA ASP A 62 -5.54 10.71 4.89
C ASP A 62 -6.04 9.29 4.74
N TYR A 63 -5.25 8.45 4.09
CA TYR A 63 -5.62 7.05 3.87
C TYR A 63 -4.45 6.12 4.13
N ARG A 64 -4.72 4.99 4.74
CA ARG A 64 -3.68 4.02 5.05
C ARG A 64 -3.73 2.83 4.08
N LEU A 65 -2.57 2.40 3.62
CA LEU A 65 -2.48 1.27 2.69
C LEU A 65 -1.43 0.26 3.15
N ILE A 66 -1.89 -0.81 3.77
CA ILE A 66 -0.99 -1.85 4.25
C ILE A 66 -0.69 -2.87 3.15
N CYS A 67 0.51 -2.79 2.60
CA CYS A 67 0.93 -3.70 1.53
C CYS A 67 2.10 -4.57 1.99
N HIS A 68 2.41 -5.59 1.20
CA HIS A 68 3.50 -6.50 1.52
C HIS A 68 4.63 -6.37 0.51
N ILE A 69 5.85 -6.13 1.00
CA ILE A 69 7.01 -5.99 0.14
C ILE A 69 7.74 -7.32 -0.02
N GLN A 70 7.82 -7.79 -1.26
CA GLN A 70 8.49 -9.06 -1.56
C GLN A 70 9.80 -8.80 -2.31
N ASP A 71 10.91 -8.90 -1.60
CA ASP A 71 12.22 -8.69 -2.19
C ASP A 71 12.52 -9.76 -3.24
N ARG A 72 12.09 -10.99 -2.97
CA ARG A 72 12.31 -12.10 -3.88
C ARG A 72 12.21 -11.63 -5.34
N GLU A 73 11.07 -11.05 -5.69
CA GLU A 73 10.85 -10.57 -7.04
C GLU A 73 10.56 -9.07 -7.04
N ALA A 74 10.97 -8.39 -5.97
CA ALA A 74 10.76 -6.95 -5.85
C ALA A 74 9.34 -6.58 -6.28
N THR A 75 8.35 -7.26 -5.70
CA THR A 75 6.95 -7.00 -6.02
C THR A 75 6.15 -6.69 -4.77
N VAL A 76 5.37 -5.61 -4.82
CA VAL A 76 4.55 -5.21 -3.68
C VAL A 76 3.10 -5.63 -3.88
N LEU A 77 2.57 -6.39 -2.93
CA LEU A 77 1.19 -6.86 -3.01
C LEU A 77 0.37 -6.29 -1.85
N VAL A 78 -0.60 -5.43 -2.19
CA VAL A 78 -1.46 -4.82 -1.19
C VAL A 78 -2.17 -5.87 -0.35
N LEU A 79 -2.61 -5.48 0.83
CA LEU A 79 -3.31 -6.39 1.74
C LEU A 79 -4.60 -5.77 2.26
N ARG A 80 -4.50 -4.56 2.77
CA ARG A 80 -5.66 -3.85 3.29
C ARG A 80 -5.63 -2.37 2.90
N VAL A 81 -6.78 -1.85 2.48
CA VAL A 81 -6.88 -0.46 2.07
C VAL A 81 -8.06 0.23 2.76
N GLY A 82 -7.75 1.21 3.60
CA GLY A 82 -8.79 1.93 4.31
C GLY A 82 -8.32 3.27 4.83
N HIS A 83 -9.26 4.19 5.06
CA HIS A 83 -8.93 5.52 5.56
C HIS A 83 -8.35 5.45 6.96
N ALA A 84 -7.32 6.25 7.22
CA ALA A 84 -6.67 6.27 8.52
C ALA A 84 -7.70 6.24 9.64
N ARG A 85 -8.43 7.33 9.81
CA ARG A 85 -9.45 7.43 10.85
C ARG A 85 -10.14 6.08 11.06
N ASP A 86 -10.43 5.39 9.95
CA ASP A 86 -11.09 4.09 10.01
C ASP A 86 -10.10 3.01 10.44
N VAL A 87 -9.18 2.66 9.56
CA VAL A 87 -8.18 1.64 9.85
C VAL A 87 -7.58 1.83 11.24
N TYR A 88 -7.21 0.73 11.87
CA TYR A 88 -6.62 0.78 13.21
C TYR A 88 -5.30 1.56 13.19
N ARG A 89 -5.09 2.36 14.23
CA ARG A 89 -3.88 3.16 14.34
C ARG A 89 -2.77 2.37 15.04
N MET A 1 12.36 2.86 -12.13
CA MET A 1 11.77 1.53 -12.03
C MET A 1 12.46 0.70 -10.96
N GLY A 2 11.68 -0.01 -10.16
CA GLY A 2 12.24 -0.84 -9.11
C GLY A 2 11.37 -2.03 -8.79
N TYR A 3 10.32 -1.81 -8.01
CA TYR A 3 9.41 -2.89 -7.63
C TYR A 3 8.11 -2.81 -8.43
N ARG A 4 7.32 -3.88 -8.36
CA ARG A 4 6.06 -3.94 -9.08
C ARG A 4 4.89 -3.63 -8.14
N ILE A 5 3.85 -3.01 -8.68
CA ILE A 5 2.67 -2.65 -7.91
C ILE A 5 1.56 -3.67 -8.11
N GLU A 6 1.29 -4.46 -7.08
CA GLU A 6 0.25 -5.48 -7.14
C GLU A 6 -0.81 -5.24 -6.07
N PHE A 7 -2.00 -5.80 -6.28
CA PHE A 7 -3.10 -5.64 -5.33
C PHE A 7 -3.83 -6.96 -5.11
N ASP A 8 -4.16 -7.25 -3.87
CA ASP A 8 -4.85 -8.48 -3.51
C ASP A 8 -6.29 -8.46 -4.03
N PRO A 9 -6.91 -9.65 -4.11
CA PRO A 9 -8.29 -9.79 -4.59
C PRO A 9 -9.31 -9.23 -3.59
N ARG A 10 -8.83 -8.91 -2.38
CA ARG A 10 -9.70 -8.36 -1.35
C ARG A 10 -9.62 -6.84 -1.32
N ALA A 11 -8.40 -6.31 -1.27
CA ALA A 11 -8.20 -4.87 -1.25
C ALA A 11 -8.74 -4.22 -2.51
N GLU A 12 -8.53 -4.86 -3.64
CA GLU A 12 -9.01 -4.33 -4.92
C GLU A 12 -10.42 -3.78 -4.79
N LYS A 13 -11.32 -4.58 -4.22
CA LYS A 13 -12.70 -4.17 -4.03
C LYS A 13 -12.82 -3.15 -2.91
N GLU A 14 -12.09 -3.39 -1.81
CA GLU A 14 -12.12 -2.49 -0.68
C GLU A 14 -11.71 -1.08 -1.09
N LEU A 15 -10.86 -0.98 -2.10
CA LEU A 15 -10.40 0.32 -2.59
C LEU A 15 -11.32 0.85 -3.69
N GLU A 16 -11.89 -0.06 -4.46
CA GLU A 16 -12.80 0.31 -5.54
C GLU A 16 -14.03 1.03 -5.00
N LYS A 17 -14.54 0.54 -3.88
CA LYS A 17 -15.72 1.12 -3.25
C LYS A 17 -15.46 2.57 -2.87
N LEU A 18 -14.24 2.86 -2.43
CA LEU A 18 -13.87 4.22 -2.04
C LEU A 18 -14.20 5.22 -3.14
N ASP A 19 -14.05 6.50 -2.84
CA ASP A 19 -14.33 7.55 -3.80
C ASP A 19 -13.45 7.40 -5.04
N ARG A 20 -14.03 7.67 -6.20
CA ARG A 20 -13.30 7.56 -7.46
C ARG A 20 -12.03 8.42 -7.43
N GLU A 21 -12.19 9.66 -6.97
CA GLU A 21 -11.06 10.59 -6.89
C GLU A 21 -9.96 10.03 -6.01
N VAL A 22 -10.32 9.61 -4.80
CA VAL A 22 -9.36 9.05 -3.86
C VAL A 22 -8.67 7.83 -4.44
N ALA A 23 -9.46 6.86 -4.89
CA ALA A 23 -8.91 5.64 -5.47
C ALA A 23 -7.82 5.96 -6.49
N ARG A 24 -8.09 6.92 -7.36
CA ARG A 24 -7.14 7.32 -8.38
C ARG A 24 -5.87 7.88 -7.75
N ARG A 25 -6.04 8.78 -6.80
CA ARG A 25 -4.90 9.41 -6.12
C ARG A 25 -3.99 8.35 -5.52
N ILE A 26 -4.59 7.34 -4.89
CA ILE A 26 -3.83 6.26 -4.27
C ILE A 26 -3.00 5.51 -5.31
N LEU A 27 -3.68 4.84 -6.23
CA LEU A 27 -3.01 4.08 -7.28
C LEU A 27 -2.00 4.95 -8.02
N ARG A 28 -2.33 6.23 -8.18
CA ARG A 28 -1.46 7.16 -8.87
C ARG A 28 -0.22 7.48 -8.03
N PHE A 29 -0.37 7.38 -6.72
CA PHE A 29 0.73 7.65 -5.81
C PHE A 29 1.69 6.46 -5.74
N LEU A 30 1.13 5.26 -5.84
CA LEU A 30 1.93 4.04 -5.79
C LEU A 30 2.50 3.71 -7.18
N ARG A 31 1.72 4.01 -8.21
CA ARG A 31 2.14 3.75 -9.58
C ARG A 31 3.17 4.78 -10.06
N GLU A 32 3.29 5.86 -9.28
CA GLU A 32 4.23 6.93 -9.62
C GLU A 32 5.39 6.96 -8.64
N ARG A 33 5.11 7.39 -7.42
CA ARG A 33 6.13 7.47 -6.37
C ARG A 33 6.86 6.14 -6.23
N VAL A 34 6.19 5.16 -5.64
CA VAL A 34 6.77 3.84 -5.44
C VAL A 34 7.35 3.29 -6.73
N ALA A 35 6.75 3.68 -7.86
CA ALA A 35 7.20 3.23 -9.16
C ALA A 35 8.59 3.78 -9.48
N THR A 36 8.76 5.08 -9.32
CA THR A 36 10.04 5.72 -9.59
C THR A 36 10.98 5.59 -8.40
N LEU A 37 10.43 5.24 -7.24
CA LEU A 37 11.21 5.08 -6.03
C LEU A 37 12.05 3.80 -6.09
N GLU A 38 13.37 3.96 -6.24
CA GLU A 38 14.27 2.82 -6.30
C GLU A 38 13.81 1.70 -5.38
N ASP A 39 13.29 2.08 -4.22
CA ASP A 39 12.81 1.12 -3.24
C ASP A 39 11.46 1.53 -2.67
N PRO A 40 10.58 0.55 -2.46
CA PRO A 40 9.24 0.79 -1.92
C PRO A 40 9.27 1.21 -0.45
N ARG A 41 10.46 1.19 0.15
CA ARG A 41 10.62 1.56 1.54
C ARG A 41 10.65 3.08 1.69
N SER A 42 11.26 3.76 0.73
CA SER A 42 11.37 5.21 0.76
C SER A 42 10.12 5.83 1.37
N LEU A 43 8.97 5.52 0.80
CA LEU A 43 7.69 6.04 1.29
C LEU A 43 6.93 4.97 2.07
N GLY A 44 6.34 5.38 3.20
CA GLY A 44 5.59 4.44 4.01
C GLY A 44 6.24 4.21 5.37
N GLU A 45 5.57 3.42 6.21
CA GLU A 45 6.08 3.13 7.54
C GLU A 45 5.96 1.63 7.85
N PRO A 46 6.95 1.09 8.57
CA PRO A 46 6.98 -0.32 8.95
C PRO A 46 5.91 -0.67 9.98
N LEU A 47 5.75 -1.95 10.26
CA LEU A 47 4.77 -2.42 11.22
C LEU A 47 5.46 -2.97 12.47
N ARG A 48 4.85 -2.72 13.63
CA ARG A 48 5.41 -3.19 14.90
C ARG A 48 4.35 -3.95 15.70
N GLY A 49 4.60 -5.24 15.92
CA GLY A 49 3.66 -6.06 16.67
C GLY A 49 4.27 -7.37 17.13
N PRO A 50 3.69 -7.95 18.19
CA PRO A 50 4.17 -9.21 18.76
C PRO A 50 3.90 -10.40 17.83
N GLU A 51 2.69 -10.47 17.29
CA GLU A 51 2.31 -11.56 16.39
C GLU A 51 2.58 -11.17 14.94
N LEU A 52 1.91 -10.11 14.49
CA LEU A 52 2.07 -9.64 13.12
C LEU A 52 3.51 -9.83 12.64
N GLY A 53 3.67 -10.20 11.37
CA GLY A 53 4.99 -10.40 10.82
C GLY A 53 5.59 -9.11 10.27
N ARG A 54 6.15 -9.19 9.07
CA ARG A 54 6.76 -8.03 8.43
C ARG A 54 5.85 -7.48 7.33
N PHE A 55 5.10 -6.44 7.66
CA PHE A 55 4.21 -5.81 6.69
C PHE A 55 4.48 -4.32 6.57
N TRP A 56 4.63 -3.85 5.34
CA TRP A 56 4.91 -2.44 5.09
C TRP A 56 3.64 -1.71 4.64
N LYS A 57 3.37 -0.57 5.25
CA LYS A 57 2.19 0.22 4.92
C LYS A 57 2.59 1.61 4.42
N TYR A 58 1.64 2.31 3.81
CA TYR A 58 1.90 3.65 3.29
C TYR A 58 0.87 4.64 3.82
N ARG A 59 1.24 5.91 3.84
CA ARG A 59 0.35 6.97 4.31
C ARG A 59 0.03 7.96 3.20
N VAL A 60 -1.25 8.12 2.89
CA VAL A 60 -1.69 9.04 1.85
C VAL A 60 -2.73 10.02 2.37
N GLY A 61 -2.28 11.11 2.96
CA GLY A 61 -3.19 12.10 3.50
C GLY A 61 -4.00 11.58 4.66
N ASP A 62 -5.18 11.03 4.35
CA ASP A 62 -6.05 10.49 5.39
C ASP A 62 -6.50 9.07 5.03
N TYR A 63 -5.57 8.27 4.52
CA TYR A 63 -5.86 6.90 4.13
C TYR A 63 -4.66 5.99 4.37
N ARG A 64 -4.92 4.81 4.90
CA ARG A 64 -3.86 3.85 5.18
C ARG A 64 -3.87 2.71 4.17
N LEU A 65 -2.68 2.34 3.68
CA LEU A 65 -2.57 1.26 2.70
C LEU A 65 -1.63 0.18 3.21
N ILE A 66 -2.19 -0.96 3.60
CA ILE A 66 -1.41 -2.08 4.10
C ILE A 66 -0.97 -2.99 2.96
N CYS A 67 0.30 -2.88 2.58
CA CYS A 67 0.84 -3.69 1.50
C CYS A 67 1.93 -4.63 2.02
N HIS A 68 2.28 -5.63 1.22
CA HIS A 68 3.29 -6.60 1.61
C HIS A 68 4.45 -6.59 0.60
N ILE A 69 5.58 -6.02 1.01
CA ILE A 69 6.75 -5.95 0.14
C ILE A 69 7.49 -7.28 0.12
N GLN A 70 7.65 -7.85 -1.07
CA GLN A 70 8.34 -9.13 -1.23
C GLN A 70 9.70 -8.93 -1.89
N ASP A 71 10.75 -9.22 -1.14
CA ASP A 71 12.12 -9.08 -1.66
C ASP A 71 12.37 -10.05 -2.79
N ARG A 72 12.30 -11.34 -2.48
CA ARG A 72 12.52 -12.39 -3.48
C ARG A 72 11.75 -12.08 -4.77
N GLU A 73 10.50 -11.68 -4.63
CA GLU A 73 9.65 -11.37 -5.77
C GLU A 73 9.74 -9.88 -6.11
N ALA A 74 10.50 -9.14 -5.30
CA ALA A 74 10.67 -7.70 -5.52
C ALA A 74 9.37 -7.07 -6.01
N THR A 75 8.27 -7.40 -5.33
CA THR A 75 6.96 -6.87 -5.70
C THR A 75 6.17 -6.47 -4.45
N VAL A 76 5.34 -5.43 -4.60
CA VAL A 76 4.53 -4.95 -3.48
C VAL A 76 3.05 -5.27 -3.70
N LEU A 77 2.56 -6.26 -2.95
CA LEU A 77 1.16 -6.66 -3.06
C LEU A 77 0.32 -6.03 -1.96
N VAL A 78 -0.64 -5.21 -2.35
CA VAL A 78 -1.52 -4.54 -1.39
C VAL A 78 -2.42 -5.55 -0.69
N LEU A 79 -2.35 -5.58 0.64
CA LEU A 79 -3.16 -6.49 1.43
C LEU A 79 -4.53 -5.88 1.72
N ARG A 80 -4.52 -4.72 2.36
CA ARG A 80 -5.77 -4.03 2.70
C ARG A 80 -5.68 -2.55 2.36
N VAL A 81 -6.84 -1.90 2.27
CA VAL A 81 -6.90 -0.48 1.94
C VAL A 81 -8.12 0.18 2.58
N GLY A 82 -7.87 1.11 3.50
CA GLY A 82 -8.95 1.80 4.17
C GLY A 82 -8.51 3.10 4.80
N HIS A 83 -9.46 4.01 5.01
CA HIS A 83 -9.16 5.31 5.60
C HIS A 83 -8.34 5.14 6.88
N ALA A 84 -7.65 6.20 7.27
CA ALA A 84 -6.82 6.18 8.47
C ALA A 84 -7.60 5.61 9.65
N ARG A 85 -8.76 6.18 9.93
CA ARG A 85 -9.59 5.73 11.05
C ARG A 85 -10.00 4.27 10.85
N ASP A 86 -10.68 3.99 9.74
CA ASP A 86 -11.13 2.64 9.44
C ASP A 86 -10.06 1.61 9.83
N VAL A 87 -8.87 1.77 9.29
CA VAL A 87 -7.77 0.86 9.58
C VAL A 87 -7.33 0.97 11.04
N TYR A 88 -6.88 -0.13 11.61
CA TYR A 88 -6.43 -0.16 13.00
C TYR A 88 -5.40 0.93 13.25
N ARG A 89 -5.26 1.33 14.50
CA ARG A 89 -4.30 2.37 14.88
C ARG A 89 -2.87 1.85 14.79
N MET A 1 13.84 -0.57 -14.24
CA MET A 1 13.42 -1.82 -13.61
C MET A 1 13.39 -1.67 -12.09
N GLY A 2 12.19 -1.60 -11.53
CA GLY A 2 12.05 -1.47 -10.10
C GLY A 2 11.19 -2.55 -9.48
N TYR A 3 10.09 -2.16 -8.86
CA TYR A 3 9.17 -3.10 -8.23
C TYR A 3 7.84 -3.15 -8.97
N ARG A 4 7.16 -4.28 -8.85
CA ARG A 4 5.86 -4.46 -9.51
C ARG A 4 4.72 -4.04 -8.58
N ILE A 5 3.65 -3.52 -9.17
CA ILE A 5 2.49 -3.09 -8.40
C ILE A 5 1.32 -4.05 -8.56
N GLU A 6 0.95 -4.72 -7.48
CA GLU A 6 -0.15 -5.68 -7.51
C GLU A 6 -1.15 -5.38 -6.39
N PHE A 7 -2.37 -5.88 -6.56
CA PHE A 7 -3.43 -5.66 -5.57
C PHE A 7 -4.18 -6.96 -5.29
N ASP A 8 -4.27 -7.32 -4.02
CA ASP A 8 -4.97 -8.54 -3.62
C ASP A 8 -6.41 -8.52 -4.10
N PRO A 9 -7.04 -9.71 -4.14
CA PRO A 9 -8.43 -9.85 -4.58
C PRO A 9 -9.42 -9.25 -3.60
N ARG A 10 -8.93 -8.92 -2.40
CA ARG A 10 -9.78 -8.33 -1.38
C ARG A 10 -9.67 -6.82 -1.38
N ALA A 11 -8.44 -6.31 -1.44
CA ALA A 11 -8.20 -4.87 -1.45
C ALA A 11 -8.83 -4.22 -2.69
N GLU A 12 -8.63 -4.85 -3.85
CA GLU A 12 -9.16 -4.34 -5.10
C GLU A 12 -10.59 -3.83 -4.91
N LYS A 13 -11.40 -4.61 -4.21
CA LYS A 13 -12.79 -4.24 -3.94
C LYS A 13 -12.87 -3.15 -2.89
N GLU A 14 -12.14 -3.33 -1.79
CA GLU A 14 -12.14 -2.36 -0.71
C GLU A 14 -11.86 -0.95 -1.24
N LEU A 15 -10.84 -0.83 -2.07
CA LEU A 15 -10.48 0.47 -2.65
C LEU A 15 -11.54 0.93 -3.65
N GLU A 16 -11.83 0.09 -4.63
CA GLU A 16 -12.83 0.42 -5.65
C GLU A 16 -14.08 1.03 -5.01
N LYS A 17 -14.44 0.52 -3.83
CA LYS A 17 -15.61 1.01 -3.12
C LYS A 17 -15.42 2.46 -2.70
N LEU A 18 -14.19 2.82 -2.35
CA LEU A 18 -13.87 4.18 -1.93
C LEU A 18 -14.19 5.18 -3.03
N ASP A 19 -14.13 6.46 -2.69
CA ASP A 19 -14.41 7.52 -3.66
C ASP A 19 -13.66 7.28 -4.96
N ARG A 20 -14.12 7.93 -6.03
CA ARG A 20 -13.49 7.78 -7.33
C ARG A 20 -12.17 8.55 -7.39
N GLU A 21 -12.10 9.66 -6.66
CA GLU A 21 -10.89 10.47 -6.63
C GLU A 21 -9.83 9.85 -5.72
N VAL A 22 -10.29 9.17 -4.67
CA VAL A 22 -9.39 8.53 -3.73
C VAL A 22 -8.71 7.31 -4.36
N ALA A 23 -9.52 6.40 -4.91
CA ALA A 23 -8.99 5.20 -5.54
C ALA A 23 -7.90 5.54 -6.55
N ARG A 24 -8.22 6.46 -7.47
CA ARG A 24 -7.27 6.87 -8.49
C ARG A 24 -6.01 7.48 -7.86
N ARG A 25 -6.22 8.40 -6.92
CA ARG A 25 -5.11 9.05 -6.24
C ARG A 25 -4.16 8.02 -5.63
N ILE A 26 -4.73 6.96 -5.08
CA ILE A 26 -3.93 5.91 -4.46
C ILE A 26 -3.14 5.13 -5.52
N LEU A 27 -3.86 4.46 -6.41
CA LEU A 27 -3.22 3.68 -7.47
C LEU A 27 -2.12 4.48 -8.15
N ARG A 28 -2.33 5.78 -8.26
CA ARG A 28 -1.35 6.67 -8.89
C ARG A 28 -0.13 6.85 -7.99
N PHE A 29 -0.39 7.10 -6.71
CA PHE A 29 0.69 7.30 -5.74
C PHE A 29 1.66 6.12 -5.75
N LEU A 30 1.12 4.93 -6.02
CA LEU A 30 1.93 3.71 -6.05
C LEU A 30 2.50 3.49 -7.45
N ARG A 31 1.82 4.01 -8.46
CA ARG A 31 2.25 3.86 -9.83
C ARG A 31 3.24 4.96 -10.22
N GLU A 32 3.42 5.93 -9.32
CA GLU A 32 4.34 7.03 -9.56
C GLU A 32 5.49 7.01 -8.57
N ARG A 33 5.19 7.33 -7.32
CA ARG A 33 6.20 7.35 -6.27
C ARG A 33 6.91 5.99 -6.16
N VAL A 34 6.20 5.00 -5.63
CA VAL A 34 6.75 3.67 -5.47
C VAL A 34 7.28 3.13 -6.79
N ALA A 35 6.73 3.63 -7.89
CA ALA A 35 7.15 3.21 -9.22
C ALA A 35 8.54 3.74 -9.55
N THR A 36 8.75 5.02 -9.27
CA THR A 36 10.03 5.67 -9.54
C THR A 36 10.97 5.56 -8.34
N LEU A 37 10.51 4.84 -7.31
CA LEU A 37 11.31 4.65 -6.11
C LEU A 37 12.07 3.33 -6.14
N GLU A 38 13.37 3.38 -5.89
CA GLU A 38 14.20 2.18 -5.90
C GLU A 38 13.88 1.29 -4.70
N ASP A 39 13.47 1.91 -3.61
CA ASP A 39 13.14 1.18 -2.40
C ASP A 39 11.76 1.60 -1.87
N PRO A 40 10.87 0.61 -1.72
CA PRO A 40 9.50 0.85 -1.23
C PRO A 40 9.49 1.23 0.25
N ARG A 41 10.56 0.91 0.95
CA ARG A 41 10.67 1.22 2.38
C ARG A 41 11.17 2.64 2.59
N SER A 42 10.70 3.56 1.76
CA SER A 42 11.11 4.95 1.86
C SER A 42 9.98 5.82 2.42
N LEU A 43 8.78 5.63 1.88
CA LEU A 43 7.61 6.40 2.33
C LEU A 43 6.76 5.55 3.28
N GLY A 44 6.22 6.20 4.31
CA GLY A 44 5.38 5.50 5.26
C GLY A 44 6.18 4.91 6.41
N GLU A 45 5.55 4.03 7.18
CA GLU A 45 6.21 3.40 8.31
C GLU A 45 6.05 1.88 8.26
N PRO A 46 7.02 1.16 8.83
CA PRO A 46 7.02 -0.31 8.86
C PRO A 46 5.93 -0.86 9.78
N LEU A 47 5.18 -1.85 9.28
CA LEU A 47 4.12 -2.47 10.06
C LEU A 47 4.68 -3.15 11.31
N ARG A 48 4.10 -2.82 12.45
CA ARG A 48 4.53 -3.40 13.72
C ARG A 48 3.85 -4.74 13.96
N GLY A 49 4.42 -5.53 14.88
CA GLY A 49 3.85 -6.83 15.18
C GLY A 49 4.92 -7.87 15.48
N PRO A 50 4.61 -8.80 16.38
CA PRO A 50 5.54 -9.87 16.77
C PRO A 50 5.75 -10.89 15.65
N GLU A 51 4.74 -11.02 14.79
CA GLU A 51 4.81 -11.97 13.68
C GLU A 51 4.86 -11.24 12.35
N LEU A 52 5.41 -10.02 12.37
CA LEU A 52 5.52 -9.21 11.16
C LEU A 52 6.85 -8.47 11.13
N GLY A 53 7.14 -7.85 9.99
CA GLY A 53 8.38 -7.11 9.84
C GLY A 53 8.63 -6.66 8.42
N ARG A 54 8.27 -7.50 7.46
CA ARG A 54 8.45 -7.19 6.06
C ARG A 54 7.41 -6.19 5.57
N PHE A 55 6.14 -6.50 5.83
CA PHE A 55 5.04 -5.63 5.43
C PHE A 55 5.38 -4.16 5.71
N TRP A 56 4.67 -3.27 5.05
CA TRP A 56 4.89 -1.84 5.23
C TRP A 56 3.56 -1.08 5.31
N LYS A 57 3.62 0.20 5.65
CA LYS A 57 2.43 1.03 5.75
C LYS A 57 2.63 2.37 5.07
N TYR A 58 1.91 2.58 3.97
CA TYR A 58 2.01 3.82 3.22
C TYR A 58 0.93 4.81 3.66
N ARG A 59 1.33 6.07 3.79
CA ARG A 59 0.41 7.12 4.21
C ARG A 59 0.00 7.99 3.02
N VAL A 60 -1.31 8.05 2.77
CA VAL A 60 -1.83 8.85 1.66
C VAL A 60 -2.85 9.86 2.15
N GLY A 61 -2.37 11.06 2.49
CA GLY A 61 -3.26 12.10 2.98
C GLY A 61 -4.05 11.67 4.21
N ASP A 62 -5.31 11.34 4.02
CA ASP A 62 -6.16 10.92 5.13
C ASP A 62 -6.58 9.46 4.98
N TYR A 63 -5.67 8.66 4.44
CA TYR A 63 -5.93 7.24 4.24
C TYR A 63 -4.67 6.41 4.51
N ARG A 64 -4.87 5.22 5.08
CA ARG A 64 -3.77 4.32 5.38
C ARG A 64 -3.81 3.08 4.50
N LEU A 65 -2.65 2.69 3.98
CA LEU A 65 -2.56 1.52 3.12
C LEU A 65 -1.45 0.58 3.60
N ILE A 66 -1.68 -0.73 3.45
CA ILE A 66 -0.71 -1.73 3.87
C ILE A 66 -0.47 -2.75 2.77
N CYS A 67 0.75 -2.81 2.26
CA CYS A 67 1.10 -3.76 1.20
C CYS A 67 2.18 -4.73 1.69
N HIS A 68 2.36 -5.81 0.94
CA HIS A 68 3.36 -6.82 1.28
C HIS A 68 4.51 -6.81 0.29
N ILE A 69 5.65 -6.30 0.73
CA ILE A 69 6.83 -6.22 -0.12
C ILE A 69 7.51 -7.59 -0.24
N GLN A 70 7.74 -8.02 -1.48
CA GLN A 70 8.38 -9.31 -1.72
C GLN A 70 9.74 -9.12 -2.37
N ASP A 71 10.79 -9.21 -1.56
CA ASP A 71 12.16 -9.04 -2.06
C ASP A 71 12.47 -10.08 -3.14
N ARG A 72 11.94 -11.29 -2.97
CA ARG A 72 12.16 -12.37 -3.92
C ARG A 72 12.12 -11.84 -5.35
N GLU A 73 11.01 -11.21 -5.72
CA GLU A 73 10.85 -10.67 -7.07
C GLU A 73 10.59 -9.17 -7.01
N ALA A 74 10.88 -8.56 -5.87
CA ALA A 74 10.67 -7.13 -5.68
C ALA A 74 9.28 -6.70 -6.15
N THR A 75 8.27 -7.42 -5.68
CA THR A 75 6.89 -7.11 -6.05
C THR A 75 6.06 -6.74 -4.83
N VAL A 76 5.36 -5.61 -4.91
CA VAL A 76 4.52 -5.15 -3.81
C VAL A 76 3.06 -5.48 -4.06
N LEU A 77 2.45 -6.22 -3.14
CA LEU A 77 1.05 -6.59 -3.26
C LEU A 77 0.23 -6.01 -2.12
N VAL A 78 -0.72 -5.14 -2.46
CA VAL A 78 -1.58 -4.51 -1.47
C VAL A 78 -2.39 -5.55 -0.72
N LEU A 79 -2.53 -5.36 0.59
CA LEU A 79 -3.28 -6.28 1.44
C LEU A 79 -4.58 -5.64 1.91
N ARG A 80 -4.47 -4.45 2.51
CA ARG A 80 -5.63 -3.74 3.01
C ARG A 80 -5.58 -2.26 2.60
N VAL A 81 -6.75 -1.65 2.47
CA VAL A 81 -6.83 -0.25 2.10
C VAL A 81 -8.04 0.42 2.75
N GLY A 82 -7.76 1.40 3.63
CA GLY A 82 -8.84 2.09 4.30
C GLY A 82 -8.39 3.45 4.84
N HIS A 83 -9.35 4.33 5.06
CA HIS A 83 -9.06 5.67 5.57
C HIS A 83 -8.10 5.60 6.75
N ALA A 84 -7.45 6.72 7.04
CA ALA A 84 -6.50 6.79 8.16
C ALA A 84 -7.08 6.16 9.41
N ARG A 85 -8.28 6.61 9.80
CA ARG A 85 -8.94 6.08 10.98
C ARG A 85 -9.73 4.82 10.66
N ASP A 86 -9.32 4.13 9.59
CA ASP A 86 -9.98 2.90 9.18
C ASP A 86 -9.11 1.69 9.46
N VAL A 87 -7.80 1.84 9.24
CA VAL A 87 -6.86 0.74 9.47
C VAL A 87 -6.49 0.66 10.94
N TYR A 88 -6.73 -0.51 11.55
CA TYR A 88 -6.42 -0.72 12.95
C TYR A 88 -5.07 -0.10 13.31
N ARG A 89 -4.95 0.36 14.56
CA ARG A 89 -3.72 0.98 15.03
C ARG A 89 -2.82 -0.05 15.70
N MET A 1 9.82 -0.56 -13.39
CA MET A 1 10.88 0.24 -12.80
C MET A 1 10.96 0.03 -11.29
N GLY A 2 11.81 -0.90 -10.87
CA GLY A 2 11.95 -1.19 -9.46
C GLY A 2 11.08 -2.34 -9.00
N TYR A 3 10.09 -2.05 -8.18
CA TYR A 3 9.18 -3.08 -7.67
C TYR A 3 7.89 -3.12 -8.47
N ARG A 4 7.25 -4.27 -8.51
CA ARG A 4 6.00 -4.44 -9.25
C ARG A 4 4.81 -4.07 -8.38
N ILE A 5 3.75 -3.56 -9.02
CA ILE A 5 2.55 -3.16 -8.31
C ILE A 5 1.45 -4.21 -8.45
N GLU A 6 1.14 -4.88 -7.36
CA GLU A 6 0.11 -5.92 -7.36
C GLU A 6 -0.96 -5.61 -6.31
N PHE A 7 -2.18 -6.06 -6.58
CA PHE A 7 -3.29 -5.84 -5.67
C PHE A 7 -4.11 -7.13 -5.47
N ASP A 8 -4.37 -7.47 -4.21
CA ASP A 8 -5.13 -8.67 -3.89
C ASP A 8 -6.58 -8.52 -4.32
N PRO A 9 -7.28 -9.66 -4.44
CA PRO A 9 -8.69 -9.68 -4.86
C PRO A 9 -9.61 -9.10 -3.79
N ARG A 10 -9.06 -8.83 -2.61
CA ARG A 10 -9.83 -8.27 -1.51
C ARG A 10 -9.71 -6.76 -1.46
N ALA A 11 -8.47 -6.26 -1.49
CA ALA A 11 -8.22 -4.83 -1.46
C ALA A 11 -8.80 -4.14 -2.69
N GLU A 12 -8.62 -4.75 -3.86
CA GLU A 12 -9.13 -4.18 -5.10
C GLU A 12 -10.54 -3.62 -4.90
N LYS A 13 -11.39 -4.39 -4.22
CA LYS A 13 -12.76 -3.96 -3.97
C LYS A 13 -12.81 -2.94 -2.84
N GLU A 14 -12.03 -3.19 -1.78
CA GLU A 14 -11.99 -2.30 -0.64
C GLU A 14 -11.55 -0.90 -1.06
N LEU A 15 -10.83 -0.82 -2.18
CA LEU A 15 -10.35 0.45 -2.68
C LEU A 15 -11.36 1.08 -3.63
N GLU A 16 -11.74 0.34 -4.66
CA GLU A 16 -12.72 0.83 -5.63
C GLU A 16 -13.93 1.43 -4.94
N LYS A 17 -14.34 0.81 -3.84
CA LYS A 17 -15.50 1.28 -3.08
C LYS A 17 -15.27 2.70 -2.56
N LEU A 18 -14.02 3.00 -2.22
CA LEU A 18 -13.67 4.31 -1.70
C LEU A 18 -14.01 5.40 -2.73
N ASP A 19 -13.85 6.66 -2.32
CA ASP A 19 -14.13 7.79 -3.19
C ASP A 19 -13.37 7.67 -4.51
N ARG A 20 -14.10 7.70 -5.62
CA ARG A 20 -13.48 7.59 -6.94
C ARG A 20 -12.13 8.30 -6.97
N GLU A 21 -12.12 9.58 -6.60
CA GLU A 21 -10.90 10.37 -6.59
C GLU A 21 -9.83 9.68 -5.75
N VAL A 22 -10.17 9.35 -4.51
CA VAL A 22 -9.23 8.69 -3.61
C VAL A 22 -8.60 7.47 -4.28
N ALA A 23 -9.43 6.57 -4.77
CA ALA A 23 -8.96 5.36 -5.44
C ALA A 23 -7.87 5.68 -6.45
N ARG A 24 -8.16 6.62 -7.35
CA ARG A 24 -7.21 7.01 -8.38
C ARG A 24 -5.94 7.59 -7.75
N ARG A 25 -6.11 8.34 -6.66
CA ARG A 25 -4.99 8.95 -5.97
C ARG A 25 -4.07 7.87 -5.38
N ILE A 26 -4.66 6.79 -4.90
CA ILE A 26 -3.89 5.69 -4.31
C ILE A 26 -3.05 4.99 -5.36
N LEU A 27 -3.72 4.39 -6.34
CA LEU A 27 -3.02 3.68 -7.42
C LEU A 27 -1.90 4.53 -7.99
N ARG A 28 -2.26 5.68 -8.55
CA ARG A 28 -1.27 6.59 -9.13
C ARG A 28 -0.09 6.79 -8.19
N PHE A 29 -0.39 7.07 -6.92
CA PHE A 29 0.65 7.28 -5.92
C PHE A 29 1.64 6.13 -5.91
N LEU A 30 1.13 4.91 -6.09
CA LEU A 30 1.98 3.73 -6.11
C LEU A 30 2.57 3.49 -7.50
N ARG A 31 1.93 4.06 -8.51
CA ARG A 31 2.39 3.92 -9.89
C ARG A 31 3.38 5.03 -10.25
N GLU A 32 3.41 6.08 -9.43
CA GLU A 32 4.31 7.19 -9.66
C GLU A 32 5.40 7.25 -8.60
N ARG A 33 5.03 7.66 -7.40
CA ARG A 33 5.98 7.76 -6.29
C ARG A 33 6.72 6.43 -6.09
N VAL A 34 6.00 5.45 -5.53
CA VAL A 34 6.59 4.13 -5.28
C VAL A 34 7.19 3.55 -6.55
N ALA A 35 6.63 3.92 -7.70
CA ALA A 35 7.11 3.44 -8.98
C ALA A 35 8.52 3.95 -9.27
N THR A 36 8.72 5.26 -9.11
CA THR A 36 10.03 5.86 -9.35
C THR A 36 10.94 5.68 -8.14
N LEU A 37 10.35 5.46 -6.98
CA LEU A 37 11.10 5.28 -5.75
C LEU A 37 11.99 4.03 -5.83
N GLU A 38 13.29 4.25 -5.95
CA GLU A 38 14.24 3.15 -6.03
C GLU A 38 13.85 2.02 -5.08
N ASP A 39 13.39 2.39 -3.90
CA ASP A 39 12.98 1.41 -2.90
C ASP A 39 11.59 1.73 -2.35
N PRO A 40 10.80 0.68 -2.09
CA PRO A 40 9.43 0.82 -1.57
C PRO A 40 9.42 1.32 -0.13
N ARG A 41 10.53 1.11 0.57
CA ARG A 41 10.64 1.54 1.96
C ARG A 41 10.70 3.06 2.07
N SER A 42 11.18 3.70 1.00
CA SER A 42 11.30 5.16 0.96
C SER A 42 10.07 5.81 1.57
N LEU A 43 8.89 5.41 1.09
CA LEU A 43 7.63 5.97 1.59
C LEU A 43 6.84 4.91 2.36
N GLY A 44 6.23 5.32 3.46
CA GLY A 44 5.45 4.40 4.26
C GLY A 44 6.01 4.22 5.66
N GLU A 45 5.31 3.42 6.47
CA GLU A 45 5.76 3.18 7.84
C GLU A 45 5.94 1.68 8.10
N PRO A 46 7.03 1.32 8.79
CA PRO A 46 7.34 -0.06 9.11
C PRO A 46 6.38 -0.66 10.13
N LEU A 47 6.31 -1.98 10.17
CA LEU A 47 5.42 -2.67 11.11
C LEU A 47 6.14 -2.99 12.41
N ARG A 48 5.38 -3.32 13.45
CA ARG A 48 5.95 -3.65 14.75
C ARG A 48 5.31 -4.92 15.32
N GLY A 49 6.13 -5.94 15.53
CA GLY A 49 5.63 -7.19 16.06
C GLY A 49 6.67 -8.29 16.05
N PRO A 50 6.58 -9.21 17.01
CA PRO A 50 7.52 -10.34 17.12
C PRO A 50 7.34 -11.35 15.99
N GLU A 51 6.16 -11.35 15.38
CA GLU A 51 5.87 -12.28 14.29
C GLU A 51 5.98 -11.57 12.94
N LEU A 52 5.18 -10.52 12.76
CA LEU A 52 5.18 -9.76 11.52
C LEU A 52 6.10 -8.55 11.62
N GLY A 53 6.53 -8.05 10.47
CA GLY A 53 7.42 -6.90 10.45
C GLY A 53 7.76 -6.46 9.05
N ARG A 54 8.01 -7.42 8.17
CA ARG A 54 8.37 -7.13 6.79
C ARG A 54 7.33 -6.23 6.14
N PHE A 55 6.06 -6.59 6.27
CA PHE A 55 4.97 -5.82 5.70
C PHE A 55 5.25 -4.32 5.82
N TRP A 56 4.92 -3.58 4.76
CA TRP A 56 5.15 -2.14 4.75
C TRP A 56 3.84 -1.40 4.45
N LYS A 57 3.56 -0.38 5.24
CA LYS A 57 2.34 0.42 5.07
C LYS A 57 2.66 1.75 4.43
N TYR A 58 1.71 2.29 3.67
CA TYR A 58 1.89 3.57 3.00
C TYR A 58 0.80 4.55 3.41
N ARG A 59 1.20 5.82 3.57
CA ARG A 59 0.26 6.87 3.96
C ARG A 59 -0.12 7.74 2.77
N VAL A 60 -1.41 8.00 2.62
CA VAL A 60 -1.91 8.82 1.52
C VAL A 60 -2.83 9.93 2.03
N GLY A 61 -2.23 11.05 2.39
CA GLY A 61 -3.02 12.18 2.89
C GLY A 61 -3.87 11.80 4.08
N ASP A 62 -5.03 11.20 3.81
CA ASP A 62 -5.94 10.79 4.87
C ASP A 62 -6.42 9.35 4.65
N TYR A 63 -5.51 8.51 4.17
CA TYR A 63 -5.83 7.11 3.91
C TYR A 63 -4.64 6.21 4.23
N ARG A 64 -4.91 5.10 4.91
CA ARG A 64 -3.86 4.16 5.28
C ARG A 64 -3.92 2.91 4.40
N LEU A 65 -2.76 2.46 3.93
CA LEU A 65 -2.68 1.29 3.07
C LEU A 65 -1.63 0.31 3.59
N ILE A 66 -1.99 -0.97 3.67
CA ILE A 66 -1.08 -2.00 4.14
C ILE A 66 -0.66 -2.92 3.01
N CYS A 67 0.56 -2.72 2.51
CA CYS A 67 1.09 -3.55 1.42
C CYS A 67 2.13 -4.52 1.94
N HIS A 68 2.49 -5.49 1.10
CA HIS A 68 3.48 -6.49 1.47
C HIS A 68 4.63 -6.52 0.46
N ILE A 69 5.81 -6.12 0.90
CA ILE A 69 6.98 -6.10 0.03
C ILE A 69 7.63 -7.49 -0.05
N GLN A 70 7.63 -8.07 -1.25
CA GLN A 70 8.22 -9.38 -1.46
C GLN A 70 9.63 -9.27 -2.01
N ASP A 71 10.62 -9.27 -1.12
CA ASP A 71 12.02 -9.17 -1.52
C ASP A 71 12.35 -10.20 -2.60
N ARG A 72 11.82 -11.41 -2.42
CA ARG A 72 12.06 -12.49 -3.37
C ARG A 72 12.11 -11.96 -4.80
N GLU A 73 11.06 -11.26 -5.20
CA GLU A 73 10.98 -10.69 -6.54
C GLU A 73 10.65 -9.20 -6.49
N ALA A 74 11.02 -8.56 -5.40
CA ALA A 74 10.76 -7.13 -5.22
C ALA A 74 9.39 -6.75 -5.76
N THR A 75 8.37 -7.49 -5.34
CA THR A 75 7.00 -7.23 -5.78
C THR A 75 6.12 -6.81 -4.62
N VAL A 76 5.46 -5.66 -4.78
CA VAL A 76 4.57 -5.15 -3.74
C VAL A 76 3.13 -5.59 -3.96
N LEU A 77 2.48 -6.05 -2.90
CA LEU A 77 1.10 -6.50 -2.98
C LEU A 77 0.26 -5.90 -1.86
N VAL A 78 -0.83 -5.24 -2.24
CA VAL A 78 -1.72 -4.62 -1.26
C VAL A 78 -2.68 -5.65 -0.66
N LEU A 79 -2.81 -5.61 0.66
CA LEU A 79 -3.69 -6.54 1.36
C LEU A 79 -4.91 -5.81 1.92
N ARG A 80 -4.68 -4.76 2.69
CA ARG A 80 -5.76 -3.98 3.27
C ARG A 80 -5.74 -2.54 2.75
N VAL A 81 -6.91 -1.92 2.70
CA VAL A 81 -7.03 -0.54 2.23
C VAL A 81 -8.20 0.17 2.88
N GLY A 82 -7.90 1.19 3.68
CA GLY A 82 -8.95 1.94 4.36
C GLY A 82 -8.47 3.31 4.80
N HIS A 83 -9.42 4.22 5.01
CA HIS A 83 -9.10 5.58 5.44
C HIS A 83 -8.32 5.55 6.76
N ALA A 84 -7.58 6.63 7.01
CA ALA A 84 -6.79 6.74 8.23
C ALA A 84 -7.56 6.19 9.43
N ARG A 85 -8.72 6.77 9.71
CA ARG A 85 -9.55 6.34 10.83
C ARG A 85 -9.95 4.88 10.68
N ASP A 86 -10.55 4.55 9.54
CA ASP A 86 -10.98 3.19 9.27
C ASP A 86 -9.90 2.19 9.66
N VAL A 87 -8.73 2.32 9.06
CA VAL A 87 -7.61 1.42 9.35
C VAL A 87 -7.03 1.70 10.73
N TYR A 88 -6.87 0.64 11.52
CA TYR A 88 -6.32 0.76 12.86
C TYR A 88 -5.23 1.83 12.91
N ARG A 89 -5.47 2.89 13.67
CA ARG A 89 -4.50 3.97 13.81
C ARG A 89 -3.21 3.47 14.45
N MET A 1 13.68 -2.16 -13.57
CA MET A 1 14.54 -1.74 -12.47
C MET A 1 13.73 -1.55 -11.19
N GLY A 2 12.60 -0.87 -11.32
CA GLY A 2 11.75 -0.63 -10.16
C GLY A 2 11.04 -1.88 -9.69
N TYR A 3 9.94 -1.70 -8.97
CA TYR A 3 9.17 -2.83 -8.46
C TYR A 3 7.82 -2.93 -9.18
N ARG A 4 7.09 -3.99 -8.88
CA ARG A 4 5.79 -4.22 -9.50
C ARG A 4 4.66 -3.80 -8.55
N ILE A 5 3.51 -3.44 -9.13
CA ILE A 5 2.36 -3.02 -8.34
C ILE A 5 1.21 -4.01 -8.48
N GLU A 6 0.93 -4.73 -7.40
CA GLU A 6 -0.16 -5.72 -7.41
C GLU A 6 -1.17 -5.40 -6.31
N PHE A 7 -2.36 -5.97 -6.44
CA PHE A 7 -3.43 -5.76 -5.47
C PHE A 7 -4.15 -7.06 -5.15
N ASP A 8 -4.29 -7.35 -3.86
CA ASP A 8 -4.96 -8.57 -3.42
C ASP A 8 -6.40 -8.61 -3.93
N PRO A 9 -6.99 -9.82 -3.91
CA PRO A 9 -8.37 -10.01 -4.37
C PRO A 9 -9.39 -9.39 -3.42
N ARG A 10 -8.93 -9.01 -2.24
CA ARG A 10 -9.80 -8.39 -1.24
C ARG A 10 -9.73 -6.87 -1.31
N ALA A 11 -8.50 -6.34 -1.35
CA ALA A 11 -8.29 -4.91 -1.41
C ALA A 11 -8.95 -4.31 -2.66
N GLU A 12 -8.71 -4.94 -3.80
CA GLU A 12 -9.28 -4.46 -5.07
C GLU A 12 -10.71 -4.00 -4.87
N LYS A 13 -11.50 -4.79 -4.15
CA LYS A 13 -12.89 -4.45 -3.88
C LYS A 13 -13.00 -3.34 -2.86
N GLU A 14 -12.18 -3.40 -1.82
CA GLU A 14 -12.18 -2.40 -0.76
C GLU A 14 -11.93 -1.01 -1.35
N LEU A 15 -11.09 -0.94 -2.37
CA LEU A 15 -10.78 0.33 -3.01
C LEU A 15 -11.93 0.79 -3.91
N GLU A 16 -12.36 -0.09 -4.80
CA GLU A 16 -13.46 0.23 -5.71
C GLU A 16 -14.61 0.89 -4.97
N LYS A 17 -14.86 0.43 -3.74
CA LYS A 17 -15.94 0.99 -2.93
C LYS A 17 -15.68 2.45 -2.60
N LEU A 18 -14.42 2.77 -2.29
CA LEU A 18 -14.03 4.13 -1.95
C LEU A 18 -14.36 5.09 -3.11
N ASP A 19 -14.07 6.36 -2.90
CA ASP A 19 -14.33 7.38 -3.92
C ASP A 19 -13.40 7.19 -5.11
N ARG A 20 -13.81 7.72 -6.27
CA ARG A 20 -13.01 7.61 -7.49
C ARG A 20 -11.68 8.34 -7.33
N GLU A 21 -11.75 9.56 -6.82
CA GLU A 21 -10.55 10.37 -6.62
C GLU A 21 -9.57 9.68 -5.69
N VAL A 22 -10.09 9.12 -4.60
CA VAL A 22 -9.26 8.42 -3.62
C VAL A 22 -8.54 7.24 -4.26
N ALA A 23 -9.31 6.34 -4.86
CA ALA A 23 -8.73 5.16 -5.50
C ALA A 23 -7.64 5.56 -6.49
N ARG A 24 -7.94 6.51 -7.36
CA ARG A 24 -6.98 6.99 -8.35
C ARG A 24 -5.73 7.54 -7.67
N ARG A 25 -5.92 8.39 -6.68
CA ARG A 25 -4.81 8.98 -5.95
C ARG A 25 -3.92 7.91 -5.34
N ILE A 26 -4.54 6.88 -4.78
CA ILE A 26 -3.82 5.78 -4.16
C ILE A 26 -2.96 5.05 -5.18
N LEU A 27 -3.62 4.47 -6.19
CA LEU A 27 -2.92 3.73 -7.24
C LEU A 27 -1.77 4.56 -7.81
N ARG A 28 -2.05 5.83 -8.10
CA ARG A 28 -1.05 6.73 -8.65
C ARG A 28 0.14 6.85 -7.71
N PHE A 29 -0.13 7.05 -6.42
CA PHE A 29 0.92 7.19 -5.43
C PHE A 29 1.85 5.98 -5.44
N LEU A 30 1.27 4.81 -5.70
CA LEU A 30 2.06 3.58 -5.74
C LEU A 30 2.60 3.32 -7.15
N ARG A 31 1.96 3.94 -8.13
CA ARG A 31 2.38 3.78 -9.52
C ARG A 31 3.34 4.89 -9.93
N GLU A 32 3.51 5.88 -9.07
CA GLU A 32 4.41 6.99 -9.33
C GLU A 32 5.53 7.05 -8.31
N ARG A 33 5.20 7.49 -7.09
CA ARG A 33 6.18 7.59 -6.03
C ARG A 33 6.95 6.27 -5.86
N VAL A 34 6.27 5.27 -5.31
CA VAL A 34 6.88 3.97 -5.10
C VAL A 34 7.44 3.41 -6.40
N ALA A 35 6.84 3.79 -7.51
CA ALA A 35 7.27 3.33 -8.82
C ALA A 35 8.67 3.85 -9.16
N THR A 36 8.87 5.14 -8.93
CA THR A 36 10.17 5.75 -9.20
C THR A 36 11.13 5.58 -8.04
N LEU A 37 10.58 5.29 -6.86
CA LEU A 37 11.39 5.08 -5.67
C LEU A 37 12.30 3.87 -5.83
N GLU A 38 13.60 4.13 -5.91
CA GLU A 38 14.58 3.06 -6.06
C GLU A 38 14.24 1.87 -5.17
N ASP A 39 13.63 2.16 -4.02
CA ASP A 39 13.25 1.13 -3.07
C ASP A 39 11.84 1.37 -2.53
N PRO A 40 11.07 0.28 -2.36
CA PRO A 40 9.71 0.35 -1.86
C PRO A 40 9.64 0.74 -0.39
N ARG A 41 10.77 0.60 0.30
CA ARG A 41 10.85 0.93 1.72
C ARG A 41 11.34 2.38 1.91
N SER A 42 10.89 3.26 1.03
CA SER A 42 11.28 4.67 1.10
C SER A 42 10.18 5.51 1.72
N LEU A 43 8.97 5.39 1.18
CA LEU A 43 7.83 6.14 1.68
C LEU A 43 6.94 5.26 2.56
N GLY A 44 6.47 5.82 3.67
CA GLY A 44 5.61 5.07 4.57
C GLY A 44 6.32 4.67 5.84
N GLU A 45 5.63 3.96 6.72
CA GLU A 45 6.20 3.51 7.98
C GLU A 45 6.17 2.00 8.10
N PRO A 46 7.24 1.42 8.62
CA PRO A 46 7.37 -0.04 8.80
C PRO A 46 6.43 -0.56 9.88
N LEU A 47 6.11 -1.85 9.82
CA LEU A 47 5.22 -2.47 10.79
C LEU A 47 6.02 -3.04 11.97
N ARG A 48 5.39 -3.08 13.13
CA ARG A 48 6.04 -3.59 14.33
C ARG A 48 5.07 -4.45 15.15
N GLY A 49 5.34 -5.75 15.18
CA GLY A 49 4.49 -6.67 15.92
C GLY A 49 5.02 -8.08 15.93
N PRO A 50 4.79 -8.81 17.03
CA PRO A 50 5.25 -10.19 17.18
C PRO A 50 4.48 -11.15 16.28
N GLU A 51 3.16 -11.02 16.28
CA GLU A 51 2.30 -11.88 15.46
C GLU A 51 1.99 -11.22 14.13
N LEU A 52 3.01 -10.62 13.51
CA LEU A 52 2.84 -9.95 12.22
C LEU A 52 4.12 -10.02 11.40
N GLY A 53 4.02 -10.51 10.18
CA GLY A 53 5.18 -10.62 9.31
C GLY A 53 5.71 -9.27 8.90
N ARG A 54 6.52 -9.25 7.84
CA ARG A 54 7.11 -8.01 7.35
C ARG A 54 6.16 -7.29 6.40
N PHE A 55 5.33 -6.41 6.95
CA PHE A 55 4.37 -5.66 6.14
C PHE A 55 4.58 -4.16 6.30
N TRP A 56 4.75 -3.47 5.17
CA TRP A 56 4.97 -2.04 5.18
C TRP A 56 3.65 -1.28 5.05
N LYS A 57 3.58 -0.12 5.68
CA LYS A 57 2.36 0.70 5.63
C LYS A 57 2.65 2.05 4.97
N TYR A 58 1.83 2.40 3.97
CA TYR A 58 1.99 3.66 3.26
C TYR A 58 0.92 4.66 3.67
N ARG A 59 1.32 5.91 3.83
CA ARG A 59 0.39 6.97 4.21
C ARG A 59 0.03 7.84 3.02
N VAL A 60 -1.25 8.18 2.91
CA VAL A 60 -1.73 9.01 1.81
C VAL A 60 -2.83 9.96 2.27
N GLY A 61 -2.49 11.24 2.40
CA GLY A 61 -3.46 12.23 2.83
C GLY A 61 -4.26 11.77 4.04
N ASP A 62 -5.52 11.43 3.81
CA ASP A 62 -6.38 10.97 4.89
C ASP A 62 -6.79 9.52 4.68
N TYR A 63 -5.86 8.71 4.19
CA TYR A 63 -6.11 7.30 3.94
C TYR A 63 -4.87 6.46 4.23
N ARG A 64 -5.09 5.29 4.84
CA ARG A 64 -3.99 4.40 5.18
C ARG A 64 -4.00 3.16 4.28
N LEU A 65 -2.82 2.76 3.81
CA LEU A 65 -2.70 1.60 2.95
C LEU A 65 -1.64 0.63 3.48
N ILE A 66 -1.93 -0.66 3.41
CA ILE A 66 -1.02 -1.68 3.88
C ILE A 66 -0.65 -2.66 2.76
N CYS A 67 0.56 -2.49 2.22
CA CYS A 67 1.03 -3.36 1.15
C CYS A 67 2.07 -4.35 1.66
N HIS A 68 2.37 -5.35 0.84
CA HIS A 68 3.36 -6.37 1.22
C HIS A 68 4.51 -6.40 0.22
N ILE A 69 5.69 -6.01 0.69
CA ILE A 69 6.89 -5.99 -0.15
C ILE A 69 7.50 -7.38 -0.28
N GLN A 70 7.58 -7.87 -1.51
CA GLN A 70 8.15 -9.19 -1.77
C GLN A 70 9.53 -9.08 -2.39
N ASP A 71 10.56 -9.03 -1.54
CA ASP A 71 11.93 -8.92 -2.01
C ASP A 71 12.24 -10.01 -3.03
N ARG A 72 11.83 -11.24 -2.71
CA ARG A 72 12.08 -12.38 -3.60
C ARG A 72 11.96 -11.96 -5.06
N GLU A 73 10.91 -11.18 -5.36
CA GLU A 73 10.69 -10.72 -6.73
C GLU A 73 10.40 -9.22 -6.75
N ALA A 74 10.84 -8.52 -5.71
CA ALA A 74 10.63 -7.08 -5.61
C ALA A 74 9.24 -6.70 -6.10
N THR A 75 8.23 -7.40 -5.61
CA THR A 75 6.84 -7.13 -6.00
C THR A 75 6.00 -6.73 -4.80
N VAL A 76 5.31 -5.61 -4.92
CA VAL A 76 4.46 -5.11 -3.84
C VAL A 76 2.99 -5.44 -4.09
N LEU A 77 2.33 -6.01 -3.09
CA LEU A 77 0.93 -6.37 -3.21
C LEU A 77 0.11 -5.76 -2.07
N VAL A 78 -0.93 -5.02 -2.43
CA VAL A 78 -1.80 -4.40 -1.43
C VAL A 78 -2.60 -5.44 -0.66
N LEU A 79 -2.60 -5.31 0.66
CA LEU A 79 -3.32 -6.24 1.52
C LEU A 79 -4.64 -5.63 1.99
N ARG A 80 -4.56 -4.48 2.65
CA ARG A 80 -5.74 -3.80 3.15
C ARG A 80 -5.75 -2.34 2.71
N VAL A 81 -6.94 -1.76 2.58
CA VAL A 81 -7.09 -0.37 2.17
C VAL A 81 -8.25 0.29 2.89
N GLY A 82 -7.94 1.28 3.72
CA GLY A 82 -8.97 1.99 4.46
C GLY A 82 -8.52 3.36 4.91
N HIS A 83 -9.48 4.26 5.14
CA HIS A 83 -9.18 5.61 5.57
C HIS A 83 -8.19 5.60 6.74
N ALA A 84 -7.49 6.71 6.92
CA ALA A 84 -6.51 6.83 8.01
C ALA A 84 -7.11 6.34 9.32
N ARG A 85 -8.41 6.49 9.48
CA ARG A 85 -9.11 6.07 10.69
C ARG A 85 -9.51 4.60 10.60
N ASP A 86 -9.71 4.12 9.37
CA ASP A 86 -10.11 2.74 9.15
C ASP A 86 -8.97 1.79 9.49
N VAL A 87 -7.75 2.31 9.50
CA VAL A 87 -6.58 1.51 9.82
C VAL A 87 -6.06 1.81 11.21
N TYR A 88 -5.74 0.77 11.97
CA TYR A 88 -5.23 0.92 13.32
C TYR A 88 -3.90 1.66 13.33
N ARG A 89 -3.80 2.69 14.17
CA ARG A 89 -2.58 3.47 14.27
C ARG A 89 -1.35 2.58 14.25
N MET A 1 15.97 -2.47 -9.27
CA MET A 1 15.22 -1.23 -9.39
C MET A 1 13.84 -1.48 -9.97
N GLY A 2 12.87 -0.65 -9.59
CA GLY A 2 11.51 -0.80 -10.09
C GLY A 2 10.79 -1.98 -9.46
N TYR A 3 9.65 -1.72 -8.85
CA TYR A 3 8.87 -2.77 -8.21
C TYR A 3 7.49 -2.90 -8.86
N ARG A 4 6.91 -4.10 -8.77
CA ARG A 4 5.60 -4.35 -9.36
C ARG A 4 4.50 -3.88 -8.42
N ILE A 5 3.36 -3.51 -9.01
CA ILE A 5 2.22 -3.04 -8.22
C ILE A 5 1.08 -4.06 -8.25
N GLU A 6 0.95 -4.83 -7.18
CA GLU A 6 -0.09 -5.83 -7.09
C GLU A 6 -1.13 -5.44 -6.05
N PHE A 7 -2.36 -5.94 -6.22
CA PHE A 7 -3.44 -5.63 -5.29
C PHE A 7 -4.26 -6.89 -4.98
N ASP A 8 -4.22 -7.31 -3.72
CA ASP A 8 -4.96 -8.49 -3.29
C ASP A 8 -6.39 -8.46 -3.81
N PRO A 9 -7.02 -9.64 -3.88
CA PRO A 9 -8.40 -9.78 -4.35
C PRO A 9 -9.41 -9.18 -3.39
N ARG A 10 -8.95 -8.82 -2.19
CA ARG A 10 -9.81 -8.23 -1.18
C ARG A 10 -9.73 -6.71 -1.22
N ALA A 11 -8.51 -6.19 -1.25
CA ALA A 11 -8.30 -4.74 -1.28
C ALA A 11 -8.90 -4.13 -2.54
N GLU A 12 -8.67 -4.78 -3.68
CA GLU A 12 -9.19 -4.30 -4.95
C GLU A 12 -10.62 -3.80 -4.80
N LYS A 13 -11.45 -4.62 -4.17
CA LYS A 13 -12.86 -4.28 -3.96
C LYS A 13 -13.00 -3.17 -2.92
N GLU A 14 -12.26 -3.29 -1.83
CA GLU A 14 -12.30 -2.31 -0.76
C GLU A 14 -11.86 -0.93 -1.27
N LEU A 15 -11.05 -0.94 -2.33
CA LEU A 15 -10.56 0.31 -2.91
C LEU A 15 -11.53 0.83 -3.97
N GLU A 16 -12.22 -0.08 -4.64
CA GLU A 16 -13.18 0.28 -5.67
C GLU A 16 -14.39 0.99 -5.06
N LYS A 17 -14.74 0.61 -3.84
CA LYS A 17 -15.87 1.21 -3.14
C LYS A 17 -15.56 2.65 -2.71
N LEU A 18 -14.27 2.96 -2.62
CA LEU A 18 -13.85 4.30 -2.22
C LEU A 18 -14.15 5.31 -3.32
N ASP A 19 -14.04 6.59 -2.98
CA ASP A 19 -14.31 7.66 -3.93
C ASP A 19 -13.37 7.57 -5.13
N ARG A 20 -13.92 7.73 -6.33
CA ARG A 20 -13.13 7.66 -7.55
C ARG A 20 -11.81 8.42 -7.39
N GLU A 21 -11.91 9.71 -7.09
CA GLU A 21 -10.72 10.54 -6.91
C GLU A 21 -9.77 9.91 -5.90
N VAL A 22 -10.33 9.28 -4.88
CA VAL A 22 -9.51 8.64 -3.85
C VAL A 22 -8.83 7.39 -4.39
N ALA A 23 -9.54 6.63 -5.23
CA ALA A 23 -8.99 5.42 -5.81
C ALA A 23 -7.87 5.74 -6.79
N ARG A 24 -8.12 6.69 -7.68
CA ARG A 24 -7.13 7.08 -8.67
C ARG A 24 -5.89 7.67 -7.99
N ARG A 25 -6.11 8.60 -7.07
CA ARG A 25 -5.02 9.23 -6.34
C ARG A 25 -4.09 8.19 -5.73
N ILE A 26 -4.67 7.22 -5.03
CA ILE A 26 -3.90 6.17 -4.39
C ILE A 26 -3.06 5.42 -5.41
N LEU A 27 -3.72 4.74 -6.34
CA LEU A 27 -3.04 3.98 -7.38
C LEU A 27 -1.87 4.77 -7.95
N ARG A 28 -2.14 6.02 -8.31
CA ARG A 28 -1.11 6.88 -8.88
C ARG A 28 0.06 7.04 -7.93
N PHE A 29 -0.25 7.22 -6.64
CA PHE A 29 0.78 7.37 -5.62
C PHE A 29 1.73 6.17 -5.61
N LEU A 30 1.16 4.99 -5.82
CA LEU A 30 1.95 3.76 -5.83
C LEU A 30 2.49 3.48 -7.23
N ARG A 31 1.85 4.04 -8.24
CA ARG A 31 2.27 3.86 -9.62
C ARG A 31 3.25 4.94 -10.05
N GLU A 32 3.43 5.94 -9.19
CA GLU A 32 4.35 7.05 -9.47
C GLU A 32 5.46 7.11 -8.44
N ARG A 33 5.11 7.60 -7.25
CA ARG A 33 6.09 7.72 -6.16
C ARG A 33 6.87 6.42 -5.98
N VAL A 34 6.17 5.39 -5.52
CA VAL A 34 6.80 4.09 -5.30
C VAL A 34 7.33 3.50 -6.61
N ALA A 35 6.69 3.87 -7.72
CA ALA A 35 7.10 3.38 -9.03
C ALA A 35 8.52 3.84 -9.37
N THR A 36 8.78 5.13 -9.18
CA THR A 36 10.09 5.69 -9.46
C THR A 36 11.07 5.41 -8.33
N LEU A 37 10.53 5.25 -7.12
CA LEU A 37 11.35 4.97 -5.95
C LEU A 37 12.10 3.65 -6.11
N GLU A 38 13.42 3.71 -5.97
CA GLU A 38 14.25 2.51 -6.09
C GLU A 38 13.80 1.43 -5.10
N ASP A 39 13.28 1.87 -3.96
CA ASP A 39 12.81 0.94 -2.93
C ASP A 39 11.47 1.40 -2.36
N PRO A 40 10.58 0.43 -2.11
CA PRO A 40 9.24 0.71 -1.56
C PRO A 40 9.29 1.17 -0.11
N ARG A 41 10.35 0.78 0.59
CA ARG A 41 10.53 1.15 1.99
C ARG A 41 10.66 2.65 2.14
N SER A 42 11.05 3.32 1.05
CA SER A 42 11.22 4.77 1.07
C SER A 42 10.01 5.45 1.71
N LEU A 43 8.83 5.15 1.21
CA LEU A 43 7.60 5.72 1.74
C LEU A 43 6.78 4.68 2.49
N GLY A 44 6.63 4.87 3.80
CA GLY A 44 5.87 3.94 4.61
C GLY A 44 6.59 3.55 5.88
N GLU A 45 5.88 2.87 6.78
CA GLU A 45 6.46 2.44 8.05
C GLU A 45 6.15 0.97 8.32
N PRO A 46 7.09 0.29 8.99
CA PRO A 46 6.94 -1.13 9.34
C PRO A 46 5.86 -1.36 10.40
N LEU A 47 4.78 -2.02 10.01
CA LEU A 47 3.69 -2.31 10.92
C LEU A 47 4.21 -2.89 12.24
N ARG A 48 3.67 -2.41 13.35
CA ARG A 48 4.08 -2.89 14.67
C ARG A 48 2.87 -3.31 15.50
N GLY A 49 3.04 -4.36 16.29
CA GLY A 49 1.95 -4.84 17.12
C GLY A 49 2.40 -5.89 18.11
N PRO A 50 1.44 -6.70 18.60
CA PRO A 50 1.72 -7.77 19.56
C PRO A 50 2.50 -8.93 18.93
N GLU A 51 2.38 -9.07 17.62
CA GLU A 51 3.07 -10.13 16.91
C GLU A 51 2.93 -9.95 15.39
N LEU A 52 4.05 -9.65 14.73
CA LEU A 52 4.04 -9.45 13.29
C LEU A 52 5.30 -10.04 12.65
N GLY A 53 5.31 -10.13 11.33
CA GLY A 53 6.46 -10.68 10.63
C GLY A 53 7.13 -9.65 9.73
N ARG A 54 6.54 -9.41 8.56
CA ARG A 54 7.09 -8.45 7.61
C ARG A 54 5.98 -7.80 6.80
N PHE A 55 5.69 -6.54 7.12
CA PHE A 55 4.65 -5.80 6.42
C PHE A 55 5.02 -4.32 6.30
N TRP A 56 4.34 -3.62 5.41
CA TRP A 56 4.60 -2.20 5.19
C TRP A 56 3.29 -1.41 5.10
N LYS A 57 3.29 -0.22 5.69
CA LYS A 57 2.10 0.63 5.67
C LYS A 57 2.40 1.99 5.05
N TYR A 58 1.71 2.31 3.97
CA TYR A 58 1.91 3.58 3.28
C TYR A 58 0.91 4.63 3.77
N ARG A 59 1.29 5.90 3.65
CA ARG A 59 0.43 7.00 4.08
C ARG A 59 0.11 7.93 2.91
N VAL A 60 -1.17 8.07 2.61
CA VAL A 60 -1.61 8.94 1.52
C VAL A 60 -2.66 9.93 1.99
N GLY A 61 -2.23 11.14 2.31
CA GLY A 61 -3.15 12.16 2.77
C GLY A 61 -3.92 11.74 4.01
N ASP A 62 -5.08 11.14 3.82
CA ASP A 62 -5.91 10.69 4.93
C ASP A 62 -6.38 9.25 4.71
N TYR A 63 -5.48 8.42 4.18
CA TYR A 63 -5.80 7.03 3.92
C TYR A 63 -4.59 6.13 4.16
N ARG A 64 -4.84 4.98 4.77
CA ARG A 64 -3.76 4.03 5.07
C ARG A 64 -3.80 2.85 4.10
N LEU A 65 -2.62 2.46 3.61
CA LEU A 65 -2.51 1.35 2.67
C LEU A 65 -1.47 0.35 3.14
N ILE A 66 -1.93 -0.77 3.68
CA ILE A 66 -1.04 -1.82 4.16
C ILE A 66 -0.73 -2.83 3.06
N CYS A 67 0.48 -2.75 2.52
CA CYS A 67 0.91 -3.65 1.46
C CYS A 67 2.05 -4.54 1.92
N HIS A 68 2.38 -5.56 1.14
CA HIS A 68 3.45 -6.49 1.46
C HIS A 68 4.61 -6.34 0.50
N ILE A 69 5.80 -6.06 1.03
CA ILE A 69 6.99 -5.90 0.21
C ILE A 69 7.71 -7.22 0.03
N GLN A 70 7.66 -7.75 -1.20
CA GLN A 70 8.31 -9.02 -1.51
C GLN A 70 9.69 -8.79 -2.13
N ASP A 71 10.72 -8.81 -1.29
CA ASP A 71 12.09 -8.61 -1.76
C ASP A 71 12.43 -9.59 -2.88
N ARG A 72 12.00 -10.84 -2.72
CA ARG A 72 12.27 -11.88 -3.70
C ARG A 72 12.21 -11.31 -5.12
N GLU A 73 11.05 -10.79 -5.49
CA GLU A 73 10.86 -10.21 -6.83
C GLU A 73 10.45 -8.75 -6.73
N ALA A 74 10.93 -8.07 -5.69
CA ALA A 74 10.60 -6.66 -5.48
C ALA A 74 9.19 -6.35 -5.95
N THR A 75 8.23 -7.14 -5.49
CA THR A 75 6.83 -6.95 -5.87
C THR A 75 6.00 -6.52 -4.66
N VAL A 76 5.37 -5.35 -4.77
CA VAL A 76 4.53 -4.84 -3.68
C VAL A 76 3.08 -5.26 -3.86
N LEU A 77 2.66 -6.24 -3.08
CA LEU A 77 1.29 -6.73 -3.15
C LEU A 77 0.46 -6.21 -1.99
N VAL A 78 -0.53 -5.37 -2.30
CA VAL A 78 -1.41 -4.80 -1.28
C VAL A 78 -2.06 -5.89 -0.44
N LEU A 79 -2.45 -5.53 0.78
CA LEU A 79 -3.10 -6.48 1.68
C LEU A 79 -4.38 -5.89 2.26
N ARG A 80 -4.32 -4.63 2.67
CA ARG A 80 -5.48 -3.94 3.25
C ARG A 80 -5.49 -2.47 2.85
N VAL A 81 -6.68 -1.96 2.58
CA VAL A 81 -6.84 -0.56 2.18
C VAL A 81 -8.01 0.09 2.91
N GLY A 82 -7.71 1.07 3.76
CA GLY A 82 -8.75 1.75 4.50
C GLY A 82 -8.31 3.12 4.99
N HIS A 83 -9.28 4.00 5.25
CA HIS A 83 -8.98 5.34 5.72
C HIS A 83 -8.12 5.29 6.98
N ALA A 84 -7.31 6.34 7.17
CA ALA A 84 -6.44 6.41 8.33
C ALA A 84 -7.21 6.18 9.63
N ARG A 85 -8.08 7.13 9.97
CA ARG A 85 -8.88 7.03 11.18
C ARG A 85 -9.26 5.58 11.46
N ASP A 86 -9.82 4.91 10.45
CA ASP A 86 -10.23 3.52 10.58
C ASP A 86 -9.03 2.62 10.84
N VAL A 87 -8.19 2.46 9.81
CA VAL A 87 -7.00 1.63 9.93
C VAL A 87 -6.25 1.91 11.22
N TYR A 88 -5.65 0.87 11.79
CA TYR A 88 -4.90 1.00 13.04
C TYR A 88 -3.99 2.23 12.99
N ARG A 89 -3.96 2.96 14.10
CA ARG A 89 -3.13 4.17 14.20
C ARG A 89 -1.65 3.82 14.10
#